data_7LNG
# 
_entry.id   7LNG 
# 
_audit_conform.dict_name       mmcif_pdbx.dic 
_audit_conform.dict_version    5.380 
_audit_conform.dict_location   http://mmcif.pdb.org/dictionaries/ascii/mmcif_pdbx.dic 
# 
loop_
_database_2.database_id 
_database_2.database_code 
_database_2.pdbx_database_accession 
_database_2.pdbx_DOI 
PDB   7LNG         pdb_00007lng 10.2210/pdb7lng/pdb 
WWPDB D_1000254669 ?            ?                   
# 
_pdbx_database_status.status_code                     REL 
_pdbx_database_status.status_code_sf                  REL 
_pdbx_database_status.status_code_mr                  ? 
_pdbx_database_status.entry_id                        7LNG 
_pdbx_database_status.recvd_initial_deposition_date   2021-02-07 
_pdbx_database_status.SG_entry                        N 
_pdbx_database_status.deposit_site                    RCSB 
_pdbx_database_status.process_site                    RCSB 
_pdbx_database_status.status_code_cs                  ? 
_pdbx_database_status.status_code_nmr_data            ? 
_pdbx_database_status.methods_development_category    ? 
_pdbx_database_status.pdb_format_compatible           Y 
# 
loop_
_audit_author.name 
_audit_author.pdbx_ordinal 
_audit_author.identifier_ORCID 
'Fang, Z.'      1 0000-0001-8679-6633 
'Giurgiu, C.'   2 0000-0003-0145-0110 
'Szostak, J.W.' 3 0000-0003-4131-1203 
# 
_citation.abstract                  ? 
_citation.abstract_id_CAS           ? 
_citation.book_id_ISBN              ? 
_citation.book_publisher            ? 
_citation.book_publisher_city       ? 
_citation.book_title                ? 
_citation.coordinate_linkage        ? 
_citation.country                   GE 
_citation.database_id_Medline       ? 
_citation.details                   ? 
_citation.id                        primary 
_citation.journal_abbrev            Angew.Chem.Int.Ed.Engl. 
_citation.journal_id_ASTM           ACIEAY 
_citation.journal_id_CSD            0179 
_citation.journal_id_ISSN           1521-3773 
_citation.journal_full              ? 
_citation.journal_issue             ? 
_citation.journal_volume            60 
_citation.language                  ? 
_citation.page_first                22925 
_citation.page_last                 22932 
_citation.title                     'Structure-Activity Relationships in Nonenzymatic Template-Directed RNA Synthesis.' 
_citation.year                      2021 
_citation.database_id_CSD           ? 
_citation.pdbx_database_id_DOI      10.1002/anie.202109714 
_citation.pdbx_database_id_PubMed   34428345 
_citation.pdbx_database_id_patent   ? 
_citation.unpublished_flag          ? 
# 
loop_
_citation_author.citation_id 
_citation_author.name 
_citation_author.ordinal 
_citation_author.identifier_ORCID 
primary 'Giurgiu, C.'    1 ? 
primary 'Fang, Z.'       2 ? 
primary 'Aitken, H.R.M.' 3 ? 
primary 'Kim, S.C.'      4 ? 
primary 'Pazienza, L.'   5 ? 
primary 'Mittal, S.'     6 ? 
primary 'Szostak, J.W.'  7 ? 
# 
_cell.angle_alpha                  90.000 
_cell.angle_alpha_esd              ? 
_cell.angle_beta                   90.000 
_cell.angle_beta_esd               ? 
_cell.angle_gamma                  120.000 
_cell.angle_gamma_esd              ? 
_cell.entry_id                     7LNG 
_cell.details                      ? 
_cell.formula_units_Z              ? 
_cell.length_a                     45.165 
_cell.length_a_esd                 ? 
_cell.length_b                     45.165 
_cell.length_b_esd                 ? 
_cell.length_c                     82.831 
_cell.length_c_esd                 ? 
_cell.volume                       ? 
_cell.volume_esd                   ? 
_cell.Z_PDB                        12 
_cell.reciprocal_angle_alpha       ? 
_cell.reciprocal_angle_beta        ? 
_cell.reciprocal_angle_gamma       ? 
_cell.reciprocal_angle_alpha_esd   ? 
_cell.reciprocal_angle_beta_esd    ? 
_cell.reciprocal_angle_gamma_esd   ? 
_cell.reciprocal_length_a          ? 
_cell.reciprocal_length_b          ? 
_cell.reciprocal_length_c          ? 
_cell.reciprocal_length_a_esd      ? 
_cell.reciprocal_length_b_esd      ? 
_cell.reciprocal_length_c_esd      ? 
_cell.pdbx_unique_axis             ? 
# 
_symmetry.entry_id                         7LNG 
_symmetry.cell_setting                     ? 
_symmetry.Int_Tables_number                150 
_symmetry.space_group_name_Hall            ? 
_symmetry.space_group_name_H-M             'P 3 2 1' 
_symmetry.pdbx_full_space_group_name_H-M   ? 
# 
loop_
_entity.id 
_entity.type 
_entity.src_method 
_entity.pdbx_description 
_entity.formula_weight 
_entity.pdbx_number_of_molecules 
_entity.pdbx_ec 
_entity.pdbx_mutation 
_entity.pdbx_fragment 
_entity.details 
1 polymer     syn 
;RNA (5'-R(*(LCC)P*(LCC)P*(LCC)P*(LCG)P*AP*CP*UP*UP*AP*AP*GP*UP*CP*(TG))-3')
;
4422.683 2 ? ? ? ? 
2 non-polymer syn '[(1R,3R,4R,7S)-7-HYDROXY-3-(5-METHYLCYTOSIN-1-YL)-2,5-DIOXABICYCLO[2.2.1]HEPT-1-YL]METHYL DIHYDROGEN PHOSPHATE' 
349.234  4 ? ? ? ? 
3 non-polymer syn '[(1R,3R,4R,7S)-7-HYDROXY-3-(GUANIN-9-YL)-2,5-DIOXABICYCLO[2.2.1]HEPT-1-YL]METHYL DIHYDROGEN PHOSPHATE' 375.231  
2 ? ? ? ? 
4 non-polymer syn 
'2-azanyl-9-[(2~{R},3~{R},4~{S})-3-oxidanyl-4-[oxidanyl-bis(oxidanylidene)-$l^{6}-phosphanyl]oxy-oxolan-2-yl]-1~{H}-purin-6-one' 
332.187  2 ? ? ? ? 
5 non-polymer syn 
'4-AMINO-1-[(1S,3R,4R,7S)-7-HYDROXY-1-(HYDROXYMETHYL)-2,5-DIOXABICYCLO[2.2.1]HEPT-3-YL]-5-METHYLPYRIMIDIN-2(1H)-ONE'             
269.254  2 ? ? ? ? 
6 non-polymer syn "DIGUANOSINE-5'-TRIPHOSPHATE" 788.406  2 ? ? ? ? 
# 
_entity_poly.entity_id                      1 
_entity_poly.type                           polyribonucleotide 
_entity_poly.nstd_linkage                   no 
_entity_poly.nstd_monomer                   no 
_entity_poly.pdbx_seq_one_letter_code       CCCGACUUAAGUCG 
_entity_poly.pdbx_seq_one_letter_code_can   CCCGACUUAAGUCG 
_entity_poly.pdbx_strand_id                 A,B 
_entity_poly.pdbx_target_identifier         ? 
# 
loop_
_entity_poly_seq.entity_id 
_entity_poly_seq.num 
_entity_poly_seq.mon_id 
_entity_poly_seq.hetero 
1 1  C n 
1 2  C n 
1 3  C n 
1 4  G n 
1 5  A n 
1 6  C n 
1 7  U n 
1 8  U n 
1 9  A n 
1 10 A n 
1 11 G n 
1 12 U n 
1 13 C n 
1 14 G n 
# 
_pdbx_entity_src_syn.entity_id              1 
_pdbx_entity_src_syn.pdbx_src_id            1 
_pdbx_entity_src_syn.pdbx_alt_source_flag   sample 
_pdbx_entity_src_syn.pdbx_beg_seq_num       ? 
_pdbx_entity_src_syn.pdbx_end_seq_num       ? 
_pdbx_entity_src_syn.organism_scientific    'synthetic construct' 
_pdbx_entity_src_syn.organism_common_name   ? 
_pdbx_entity_src_syn.ncbi_taxonomy_id       32630 
_pdbx_entity_src_syn.details                ? 
# 
_struct_ref.id                         1 
_struct_ref.db_name                    PDB 
_struct_ref.db_code                    7LNG 
_struct_ref.pdbx_db_accession          7LNG 
_struct_ref.pdbx_db_isoform            ? 
_struct_ref.entity_id                  1 
_struct_ref.pdbx_seq_one_letter_code   ? 
_struct_ref.pdbx_align_begin           1 
# 
loop_
_struct_ref_seq.align_id 
_struct_ref_seq.ref_id 
_struct_ref_seq.pdbx_PDB_id_code 
_struct_ref_seq.pdbx_strand_id 
_struct_ref_seq.seq_align_beg 
_struct_ref_seq.pdbx_seq_align_beg_ins_code 
_struct_ref_seq.seq_align_end 
_struct_ref_seq.pdbx_seq_align_end_ins_code 
_struct_ref_seq.pdbx_db_accession 
_struct_ref_seq.db_align_beg 
_struct_ref_seq.pdbx_db_align_beg_ins_code 
_struct_ref_seq.db_align_end 
_struct_ref_seq.pdbx_db_align_end_ins_code 
_struct_ref_seq.pdbx_auth_seq_align_beg 
_struct_ref_seq.pdbx_auth_seq_align_end 
1 1 7LNG A 1 ? 14 ? 7LNG 1 ? 14 ? 1 14 
2 1 7LNG B 1 ? 14 ? 7LNG 1 ? 14 ? 1 14 
# 
loop_
_chem_comp.id 
_chem_comp.type 
_chem_comp.mon_nstd_flag 
_chem_comp.name 
_chem_comp.pdbx_synonyms 
_chem_comp.formula 
_chem_comp.formula_weight 
A   'RNA linking' y "ADENOSINE-5'-MONOPHOSPHATE" ? 'C10 H14 N5 O7 P'    347.221 
C   'RNA linking' y "CYTIDINE-5'-MONOPHOSPHATE" ? 'C9 H14 N3 O8 P'     323.197 
G   'RNA linking' y "GUANOSINE-5'-MONOPHOSPHATE" ? 'C10 H14 N5 O8 P'    363.221 
GP3 non-polymer   . "DIGUANOSINE-5'-TRIPHOSPHATE" ? 'C20 H27 N10 O18 P3' 788.406 
LCC 'RNA linking' . 
'[(1R,3R,4R,7S)-7-HYDROXY-3-(5-METHYLCYTOSIN-1-YL)-2,5-DIOXABICYCLO[2.2.1]HEPT-1-YL]METHYL DIHYDROGEN PHOSPHATE'                 ? 
'C11 H16 N3 O8 P'    349.234 
LCG 'RNA linking' n '[(1R,3R,4R,7S)-7-HYDROXY-3-(GUANIN-9-YL)-2,5-DIOXABICYCLO[2.2.1]HEPT-1-YL]METHYL DIHYDROGEN PHOSPHATE' ? 
'C11 H14 N5 O8 P'    375.231 
LKC 'RNA linking' . 
'4-AMINO-1-[(1S,3R,4R,7S)-7-HYDROXY-1-(HYDROXYMETHYL)-2,5-DIOXABICYCLO[2.2.1]HEPT-3-YL]-5-METHYLPYRIMIDIN-2(1H)-ONE'             ? 
'C11 H15 N3 O5'      269.254 
TG  'RNA linking' n 
'2-azanyl-9-[(2~{R},3~{R},4~{S})-3-oxidanyl-4-[oxidanyl-bis(oxidanylidene)-$l^{6}-phosphanyl]oxy-oxolan-2-yl]-1~{H}-purin-6-one' ? 
'C9 H11 N5 O7 P'     332.187 
U   'RNA linking' y "URIDINE-5'-MONOPHOSPHATE" ? 'C9 H13 N2 O9 P'     324.181 
# 
_exptl.absorpt_coefficient_mu     ? 
_exptl.absorpt_correction_T_max   ? 
_exptl.absorpt_correction_T_min   ? 
_exptl.absorpt_correction_type    ? 
_exptl.absorpt_process_details    ? 
_exptl.entry_id                   7LNG 
_exptl.crystals_number            1 
_exptl.details                    ? 
_exptl.method                     'X-RAY DIFFRACTION' 
_exptl.method_details             ? 
# 
_exptl_crystal.colour                      ? 
_exptl_crystal.density_diffrn              ? 
_exptl_crystal.density_Matthews            2.27 
_exptl_crystal.density_method              ? 
_exptl_crystal.density_percent_sol         45.90 
_exptl_crystal.description                 ? 
_exptl_crystal.F_000                       ? 
_exptl_crystal.id                          1 
_exptl_crystal.preparation                 ? 
_exptl_crystal.size_max                    ? 
_exptl_crystal.size_mid                    ? 
_exptl_crystal.size_min                    ? 
_exptl_crystal.size_rad                    ? 
_exptl_crystal.colour_lustre               ? 
_exptl_crystal.colour_modifier             ? 
_exptl_crystal.colour_primary              ? 
_exptl_crystal.density_meas                ? 
_exptl_crystal.density_meas_esd            ? 
_exptl_crystal.density_meas_gt             ? 
_exptl_crystal.density_meas_lt             ? 
_exptl_crystal.density_meas_temp           ? 
_exptl_crystal.density_meas_temp_esd       ? 
_exptl_crystal.density_meas_temp_gt        ? 
_exptl_crystal.density_meas_temp_lt        ? 
_exptl_crystal.pdbx_crystal_image_url      ? 
_exptl_crystal.pdbx_crystal_image_format   ? 
_exptl_crystal.pdbx_mosaicity              ? 
_exptl_crystal.pdbx_mosaicity_esd          ? 
# 
_exptl_crystal_grow.apparatus       ? 
_exptl_crystal_grow.atmosphere      ? 
_exptl_crystal_grow.crystal_id      1 
_exptl_crystal_grow.details         ? 
_exptl_crystal_grow.method          'VAPOR DIFFUSION, SITTING DROP' 
_exptl_crystal_grow.method_ref      ? 
_exptl_crystal_grow.pH              7.5 
_exptl_crystal_grow.pressure        ? 
_exptl_crystal_grow.pressure_esd    ? 
_exptl_crystal_grow.seeding         ? 
_exptl_crystal_grow.seeding_ref     ? 
_exptl_crystal_grow.temp            293 
_exptl_crystal_grow.temp_details    ? 
_exptl_crystal_grow.temp_esd        ? 
_exptl_crystal_grow.time            ? 
_exptl_crystal_grow.pdbx_details    '0.1 M HEPES sodium pH 7.5, 1.5 M Lithium sulfate monohydrate' 
_exptl_crystal_grow.pdbx_pH_range   ? 
# 
_diffrn.ambient_environment              ? 
_diffrn.ambient_temp                     99 
_diffrn.ambient_temp_details             ? 
_diffrn.ambient_temp_esd                 ? 
_diffrn.crystal_id                       1 
_diffrn.crystal_support                  ? 
_diffrn.crystal_treatment                ? 
_diffrn.details                          ? 
_diffrn.id                               1 
_diffrn.ambient_pressure                 ? 
_diffrn.ambient_pressure_esd             ? 
_diffrn.ambient_pressure_gt              ? 
_diffrn.ambient_pressure_lt              ? 
_diffrn.ambient_temp_gt                  ? 
_diffrn.ambient_temp_lt                  ? 
_diffrn.pdbx_serial_crystal_experiment   N 
# 
_diffrn_detector.details                      ? 
_diffrn_detector.detector                     PIXEL 
_diffrn_detector.diffrn_id                    1 
_diffrn_detector.type                         'DECTRIS EIGER X 16M' 
_diffrn_detector.area_resol_mean              ? 
_diffrn_detector.dtime                        ? 
_diffrn_detector.pdbx_frames_total            ? 
_diffrn_detector.pdbx_collection_time_total   ? 
_diffrn_detector.pdbx_collection_date         2021-02-05 
_diffrn_detector.pdbx_frequency               ? 
# 
_diffrn_radiation.collimation                      ? 
_diffrn_radiation.diffrn_id                        1 
_diffrn_radiation.filter_edge                      ? 
_diffrn_radiation.inhomogeneity                    ? 
_diffrn_radiation.monochromator                    ? 
_diffrn_radiation.polarisn_norm                    ? 
_diffrn_radiation.polarisn_ratio                   ? 
_diffrn_radiation.probe                            ? 
_diffrn_radiation.type                             ? 
_diffrn_radiation.xray_symbol                      ? 
_diffrn_radiation.wavelength_id                    1 
_diffrn_radiation.pdbx_monochromatic_or_laue_m_l   M 
_diffrn_radiation.pdbx_wavelength_list             ? 
_diffrn_radiation.pdbx_wavelength                  ? 
_diffrn_radiation.pdbx_diffrn_protocol             'SINGLE WAVELENGTH' 
_diffrn_radiation.pdbx_analyzer                    ? 
_diffrn_radiation.pdbx_scattering_type             x-ray 
# 
_diffrn_radiation_wavelength.id           1 
_diffrn_radiation_wavelength.wavelength   1.033175 
_diffrn_radiation_wavelength.wt           1.0 
# 
_diffrn_source.current                     ? 
_diffrn_source.details                     ? 
_diffrn_source.diffrn_id                   1 
_diffrn_source.power                       ? 
_diffrn_source.size                        ? 
_diffrn_source.source                      SYNCHROTRON 
_diffrn_source.target                      ? 
_diffrn_source.type                        'APS BEAMLINE 23-ID-B' 
_diffrn_source.voltage                     ? 
_diffrn_source.take-off_angle              ? 
_diffrn_source.pdbx_wavelength_list        1.033175 
_diffrn_source.pdbx_wavelength             ? 
_diffrn_source.pdbx_synchrotron_beamline   23-ID-B 
_diffrn_source.pdbx_synchrotron_site       APS 
# 
_reflns.B_iso_Wilson_estimate            57.59 
_reflns.entry_id                         7LNG 
_reflns.data_reduction_details           ? 
_reflns.data_reduction_method            ? 
_reflns.d_resolution_high                2.20 
_reflns.d_resolution_low                 82.83 
_reflns.details                          ? 
_reflns.limit_h_max                      ? 
_reflns.limit_h_min                      ? 
_reflns.limit_k_max                      ? 
_reflns.limit_k_min                      ? 
_reflns.limit_l_max                      ? 
_reflns.limit_l_min                      ? 
_reflns.number_all                       ? 
_reflns.number_obs                       5325 
_reflns.observed_criterion               ? 
_reflns.observed_criterion_F_max         ? 
_reflns.observed_criterion_F_min         ? 
_reflns.observed_criterion_I_max         ? 
_reflns.observed_criterion_I_min         ? 
_reflns.observed_criterion_sigma_F       ? 
_reflns.observed_criterion_sigma_I       ? 
_reflns.percent_possible_obs             99.68 
_reflns.R_free_details                   ? 
_reflns.Rmerge_F_all                     ? 
_reflns.Rmerge_F_obs                     ? 
_reflns.Friedel_coverage                 ? 
_reflns.number_gt                        ? 
_reflns.threshold_expression             ? 
_reflns.pdbx_redundancy                  8.9 
_reflns.pdbx_Rmerge_I_obs                0.103 
_reflns.pdbx_Rmerge_I_all                ? 
_reflns.pdbx_Rsym_value                  ? 
_reflns.pdbx_netI_over_av_sigmaI         ? 
_reflns.pdbx_netI_over_sigmaI            20.0 
_reflns.pdbx_res_netI_over_av_sigmaI_2   ? 
_reflns.pdbx_res_netI_over_sigmaI_2      ? 
_reflns.pdbx_chi_squared                 ? 
_reflns.pdbx_scaling_rejects             ? 
_reflns.pdbx_d_res_high_opt              ? 
_reflns.pdbx_d_res_low_opt               ? 
_reflns.pdbx_d_res_opt_method            ? 
_reflns.phase_calculation_details        ? 
_reflns.pdbx_Rrim_I_all                  0.111 
_reflns.pdbx_Rpim_I_all                  0.040 
_reflns.pdbx_d_opt                       ? 
_reflns.pdbx_number_measured_all         ? 
_reflns.pdbx_diffrn_id                   1 
_reflns.pdbx_ordinal                     1 
_reflns.pdbx_CC_half                     0.996 
_reflns.pdbx_CC_star                     ? 
_reflns.pdbx_R_split                     ? 
# 
_reflns_shell.d_res_high                  2.20 
_reflns_shell.d_res_low                   2.24 
_reflns_shell.meanI_over_sigI_all         ? 
_reflns_shell.meanI_over_sigI_obs         1.3 
_reflns_shell.number_measured_all         ? 
_reflns_shell.number_measured_obs         ? 
_reflns_shell.number_possible             ? 
_reflns_shell.number_unique_all           ? 
_reflns_shell.number_unique_obs           266 
_reflns_shell.percent_possible_all        100 
_reflns_shell.percent_possible_obs        ? 
_reflns_shell.Rmerge_F_all                ? 
_reflns_shell.Rmerge_F_obs                ? 
_reflns_shell.Rmerge_I_all                ? 
_reflns_shell.Rmerge_I_obs                0.295 
_reflns_shell.meanI_over_sigI_gt          ? 
_reflns_shell.meanI_over_uI_all           ? 
_reflns_shell.meanI_over_uI_gt            ? 
_reflns_shell.number_measured_gt          ? 
_reflns_shell.number_unique_gt            ? 
_reflns_shell.percent_possible_gt         ? 
_reflns_shell.Rmerge_F_gt                 ? 
_reflns_shell.Rmerge_I_gt                 ? 
_reflns_shell.pdbx_redundancy             ? 
_reflns_shell.pdbx_Rsym_value             ? 
_reflns_shell.pdbx_chi_squared            ? 
_reflns_shell.pdbx_netI_over_sigmaI_all   ? 
_reflns_shell.pdbx_netI_over_sigmaI_obs   ? 
_reflns_shell.pdbx_Rrim_I_all             0.312 
_reflns_shell.pdbx_Rpim_I_all             0.101 
_reflns_shell.pdbx_rejects                ? 
_reflns_shell.pdbx_ordinal                1 
_reflns_shell.pdbx_diffrn_id              1 
_reflns_shell.pdbx_CC_half                0.955 
_reflns_shell.pdbx_CC_star                ? 
_reflns_shell.pdbx_R_split                ? 
# 
_refine.aniso_B[1][1]                            -0.556 
_refine.aniso_B[1][2]                            -0.000 
_refine.aniso_B[1][3]                            -0.000 
_refine.aniso_B[2][2]                            -0.556 
_refine.aniso_B[2][3]                            -0.000 
_refine.aniso_B[3][3]                            1.112 
_refine.B_iso_max                                ? 
_refine.B_iso_mean                               55.478 
_refine.B_iso_min                                ? 
_refine.correlation_coeff_Fo_to_Fc               0.945 
_refine.correlation_coeff_Fo_to_Fc_free          0.907 
_refine.details                                  'Hydrogens have been added in their riding positions' 
_refine.diff_density_max                         ? 
_refine.diff_density_max_esd                     ? 
_refine.diff_density_min                         ? 
_refine.diff_density_min_esd                     ? 
_refine.diff_density_rms                         ? 
_refine.diff_density_rms_esd                     ? 
_refine.entry_id                                 7LNG 
_refine.pdbx_refine_id                           'X-RAY DIFFRACTION' 
_refine.ls_abs_structure_details                 ? 
_refine.ls_abs_structure_Flack                   ? 
_refine.ls_abs_structure_Flack_esd               ? 
_refine.ls_abs_structure_Rogers                  ? 
_refine.ls_abs_structure_Rogers_esd              ? 
_refine.ls_d_res_high                            2.200 
_refine.ls_d_res_low                             82.83 
_refine.ls_extinction_coef                       ? 
_refine.ls_extinction_coef_esd                   ? 
_refine.ls_extinction_expression                 ? 
_refine.ls_extinction_method                     ? 
_refine.ls_goodness_of_fit_all                   ? 
_refine.ls_goodness_of_fit_all_esd               ? 
_refine.ls_goodness_of_fit_obs                   ? 
_refine.ls_goodness_of_fit_obs_esd               ? 
_refine.ls_hydrogen_treatment                    ? 
_refine.ls_matrix_type                           ? 
_refine.ls_number_constraints                    ? 
_refine.ls_number_parameters                     ? 
_refine.ls_number_reflns_all                     ? 
_refine.ls_number_reflns_obs                     5324 
_refine.ls_number_reflns_R_free                  290 
_refine.ls_number_reflns_R_work                  5034 
_refine.ls_number_restraints                     ? 
_refine.ls_percent_reflns_obs                    99.663 
_refine.ls_percent_reflns_R_free                 5.447 
_refine.ls_R_factor_all                          0.228 
_refine.ls_R_factor_obs                          ? 
_refine.ls_R_factor_R_free                       0.2747 
_refine.ls_R_factor_R_free_error                 ? 
_refine.ls_R_factor_R_free_error_details         ? 
_refine.ls_R_factor_R_work                       0.2250 
_refine.ls_R_Fsqd_factor_obs                     ? 
_refine.ls_R_I_factor_obs                        ? 
_refine.ls_redundancy_reflns_all                 ? 
_refine.ls_redundancy_reflns_obs                 ? 
_refine.ls_restrained_S_all                      ? 
_refine.ls_restrained_S_obs                      ? 
_refine.ls_shift_over_esd_max                    ? 
_refine.ls_shift_over_esd_mean                   ? 
_refine.ls_structure_factor_coef                 ? 
_refine.ls_weighting_details                     ? 
_refine.ls_weighting_scheme                      ? 
_refine.ls_wR_factor_all                         ? 
_refine.ls_wR_factor_obs                         ? 
_refine.ls_wR_factor_R_free                      ? 
_refine.ls_wR_factor_R_work                      ? 
_refine.occupancy_max                            ? 
_refine.occupancy_min                            ? 
_refine.solvent_model_details                    'MASK BULK SOLVENT' 
_refine.solvent_model_param_bsol                 ? 
_refine.solvent_model_param_ksol                 ? 
_refine.pdbx_R_complete                          ? 
_refine.ls_R_factor_gt                           ? 
_refine.ls_goodness_of_fit_gt                    ? 
_refine.ls_goodness_of_fit_ref                   ? 
_refine.ls_shift_over_su_max                     ? 
_refine.ls_shift_over_su_max_lt                  ? 
_refine.ls_shift_over_su_mean                    ? 
_refine.ls_shift_over_su_mean_lt                 ? 
_refine.pdbx_ls_sigma_I                          ? 
_refine.pdbx_ls_sigma_F                          ? 
_refine.pdbx_ls_sigma_Fsqd                       ? 
_refine.pdbx_data_cutoff_high_absF               ? 
_refine.pdbx_data_cutoff_high_rms_absF           ? 
_refine.pdbx_data_cutoff_low_absF                ? 
_refine.pdbx_isotropic_thermal_model             ? 
_refine.pdbx_ls_cross_valid_method               THROUGHOUT 
_refine.pdbx_method_to_determine_struct          'MOLECULAR REPLACEMENT' 
_refine.pdbx_starting_model                      5UEE 
_refine.pdbx_stereochemistry_target_values       ? 
_refine.pdbx_R_Free_selection_details            ? 
_refine.pdbx_stereochem_target_val_spec_case     ? 
_refine.pdbx_overall_ESU_R                       0.059 
_refine.pdbx_overall_ESU_R_Free                  0.048 
_refine.pdbx_solvent_vdw_probe_radii             1.200 
_refine.pdbx_solvent_ion_probe_radii             0.800 
_refine.pdbx_solvent_shrinkage_radii             0.800 
_refine.pdbx_real_space_R                        ? 
_refine.pdbx_density_correlation                 ? 
_refine.pdbx_pd_number_of_powder_patterns        ? 
_refine.pdbx_pd_number_of_points                 ? 
_refine.pdbx_pd_meas_number_of_points            ? 
_refine.pdbx_pd_proc_ls_prof_R_factor            ? 
_refine.pdbx_pd_proc_ls_prof_wR_factor           ? 
_refine.pdbx_pd_Marquardt_correlation_coeff      ? 
_refine.pdbx_pd_Fsqrd_R_factor                   ? 
_refine.pdbx_pd_ls_matrix_band_width             ? 
_refine.pdbx_overall_phase_error                 ? 
_refine.pdbx_overall_SU_R_free_Cruickshank_DPI   ? 
_refine.pdbx_overall_SU_R_free_Blow_DPI          ? 
_refine.pdbx_overall_SU_R_Blow_DPI               ? 
_refine.pdbx_TLS_residual_ADP_flag               ? 
_refine.pdbx_diffrn_id                           1 
_refine.overall_SU_B                             4.994 
_refine.overall_SU_ML                            0.140 
_refine.overall_SU_R_Cruickshank_DPI             ? 
_refine.overall_SU_R_free                        ? 
_refine.overall_FOM_free_R_set                   ? 
_refine.overall_FOM_work_R_set                   ? 
_refine.pdbx_average_fsc_overall                 ? 
_refine.pdbx_average_fsc_work                    ? 
_refine.pdbx_average_fsc_free                    ? 
# 
_refine_hist.pdbx_refine_id                   'X-RAY DIFFRACTION' 
_refine_hist.cycle_id                         LAST 
_refine_hist.details                          ? 
_refine_hist.d_res_high                       2.200 
_refine_hist.d_res_low                        82.83 
_refine_hist.number_atoms_solvent             0 
_refine_hist.number_atoms_total               696 
_refine_hist.number_reflns_all                ? 
_refine_hist.number_reflns_obs                ? 
_refine_hist.number_reflns_R_free             ? 
_refine_hist.number_reflns_R_work             ? 
_refine_hist.R_factor_all                     ? 
_refine_hist.R_factor_obs                     ? 
_refine_hist.R_factor_R_free                  ? 
_refine_hist.R_factor_R_work                  ? 
_refine_hist.pdbx_number_residues_total       ? 
_refine_hist.pdbx_B_iso_mean_ligand           ? 
_refine_hist.pdbx_B_iso_mean_solvent          ? 
_refine_hist.pdbx_number_atoms_protein        0 
_refine_hist.pdbx_number_atoms_nucleic_acid   378 
_refine_hist.pdbx_number_atoms_ligand         318 
_refine_hist.pdbx_number_atoms_lipid          ? 
_refine_hist.pdbx_number_atoms_carb           ? 
_refine_hist.pdbx_pseudo_atom_details         ? 
# 
loop_
_refine_ls_restr.pdbx_refine_id 
_refine_ls_restr.criterion 
_refine_ls_restr.dev_ideal 
_refine_ls_restr.dev_ideal_target 
_refine_ls_restr.number 
_refine_ls_restr.rejects 
_refine_ls_restr.type 
_refine_ls_restr.weight 
_refine_ls_restr.pdbx_restraint_function 
'X-RAY DIFFRACTION' ? 0.017 0.018  780  ? r_bond_refined_d               ? ? 
'X-RAY DIFFRACTION' ? 0.025 0.025  343  ? r_bond_other_d                 ? ? 
'X-RAY DIFFRACTION' ? 2.663 2.131  1190 ? r_angle_refined_deg            ? ? 
'X-RAY DIFFRACTION' ? 4.041 3.213  811  ? r_angle_other_deg              ? ? 
'X-RAY DIFFRACTION' ? 0.194 0.200  140  ? r_chiral_restr                 ? ? 
'X-RAY DIFFRACTION' ? 1.885 0.200  22   ? r_chiral_restr_other           ? ? 
'X-RAY DIFFRACTION' ? 0.010 0.021  400  ? r_gen_planes_refined           ? ? 
'X-RAY DIFFRACTION' ? 0.002 0.023  148  ? r_gen_planes_other             ? ? 
'X-RAY DIFFRACTION' ? 0.133 0.200  132  ? r_nbd_refined                  ? ? 
'X-RAY DIFFRACTION' ? 0.229 0.200  483  ? r_symmetry_nbd_other           ? ? 
'X-RAY DIFFRACTION' ? 0.249 0.200  314  ? r_nbtor_refined                ? ? 
'X-RAY DIFFRACTION' ? 0.228 0.200  171  ? r_symmetry_nbtor_other         ? ? 
'X-RAY DIFFRACTION' ? 0.117 0.200  17   ? r_xyhbond_nbd_refined          ? ? 
'X-RAY DIFFRACTION' ? 0.028 0.200  4    ? r_symmetry_xyhbond_nbd_other   ? ? 
'X-RAY DIFFRACTION' ? 0.178 0.200  20   ? r_symmetry_nbd_refined         ? ? 
'X-RAY DIFFRACTION' ? 0.211 0.200  38   ? r_nbd_other                    ? ? 
'X-RAY DIFFRACTION' ? 0.374 0.200  3    ? r_symmetry_xyhbond_nbd_refined ? ? 
'X-RAY DIFFRACTION' ? 5.028 5.818  779  ? r_scbond_it                    ? ? 
'X-RAY DIFFRACTION' ? 5.025 5.821  780  ? r_scbond_other                 ? ? 
'X-RAY DIFFRACTION' ? 6.744 8.710  1190 ? r_scangle_it                   ? ? 
'X-RAY DIFFRACTION' ? 6.742 8.713  1191 ? r_scangle_other                ? ? 
'X-RAY DIFFRACTION' ? 8.328 57.777 1099 ? r_lrange_it                    ? ? 
'X-RAY DIFFRACTION' ? 8.324 57.776 1100 ? r_lrange_other                 ? ? 
# 
loop_
_refine_ls_shell.pdbx_refine_id 
_refine_ls_shell.d_res_high 
_refine_ls_shell.d_res_low 
_refine_ls_shell.number_reflns_all 
_refine_ls_shell.number_reflns_obs 
_refine_ls_shell.number_reflns_R_free 
_refine_ls_shell.number_reflns_R_work 
_refine_ls_shell.percent_reflns_obs 
_refine_ls_shell.percent_reflns_R_free 
_refine_ls_shell.R_factor_all 
_refine_ls_shell.R_factor_obs 
_refine_ls_shell.R_factor_R_free 
_refine_ls_shell.R_factor_R_free_error 
_refine_ls_shell.R_factor_R_work 
_refine_ls_shell.redundancy_reflns_all 
_refine_ls_shell.redundancy_reflns_obs 
_refine_ls_shell.wR_factor_all 
_refine_ls_shell.wR_factor_obs 
_refine_ls_shell.wR_factor_R_free 
_refine_ls_shell.wR_factor_R_work 
_refine_ls_shell.pdbx_R_complete 
_refine_ls_shell.pdbx_total_number_of_bins_used 
_refine_ls_shell.pdbx_phase_error 
_refine_ls_shell.pdbx_fsc_work 
_refine_ls_shell.pdbx_fsc_free 
'X-RAY DIFFRACTION' 2.200 2.257 . . 17 367 99.7403  . . . 0.425 . 0.214 . . . . . . . . . . . 
'X-RAY DIFFRACTION' 2.257 2.319 . . 25 349 100.0000 . . . 0.264 . .     . . . . . . . . . . . 
'X-RAY DIFFRACTION' 2.319 2.386 . . 11 349 100.0000 . . . 0.307 . 0.301 . . . . . . . . . . . 
'X-RAY DIFFRACTION' 2.386 2.459 . . 20 329 100.0000 . . . 0.296 . .     . . . . . . . . . . . 
'X-RAY DIFFRACTION' 2.459 2.540 . . 15 334 100.0000 . . . 0.326 . 0.322 . . . . . . . . . . . 
'X-RAY DIFFRACTION' 2.540 2.629 . . 20 308 99.6960  . . . 0.478 . 0.286 . . . . . . . . . . . 
'X-RAY DIFFRACTION' 2.629 2.728 . . 17 304 100.0000 . . . 0.434 . 0.266 . . . . . . . . . . . 
'X-RAY DIFFRACTION' 2.728 2.839 . . 17 298 100.0000 . . . 0.453 . 0.313 . . . . . . . . . . . 
'X-RAY DIFFRACTION' 2.839 2.966 . . 12 293 100.0000 . . . 0.455 . 0.272 . . . . . . . . . . . 
'X-RAY DIFFRACTION' 2.966 3.110 . . 8  268 100.0000 . . . 0.369 . 0.240 . . . . . . . . . . . 
'X-RAY DIFFRACTION' 3.110 3.278 . . 18 265 100.0000 . . . 0.288 . 0.258 . . . . . . . . . . . 
'X-RAY DIFFRACTION' 3.278 3.477 . . 18 243 100.0000 . . . 0.309 . 0.210 . . . . . . . . . . . 
'X-RAY DIFFRACTION' 3.477 3.716 . . 10 244 100.0000 . . . 0.189 . .     . . . . . . . . . . . 
'X-RAY DIFFRACTION' 3.716 4.013 . . 16 205 99.5496  . . . 0.303 . 0.175 . . . . . . . . . . . 
'X-RAY DIFFRACTION' 4.013 4.395 . . 13 208 100.0000 . . . 0.183 . 0.173 . . . . . . . . . . . 
'X-RAY DIFFRACTION' 4.395 4.912 . . 10 182 100.0000 . . . 0.163 . 0.158 . . . . . . . . . . . 
'X-RAY DIFFRACTION' 4.912 5.669 . . 19 166 100.0000 . . . 0.195 . 0.182 . . . . . . . . . . . 
'X-RAY DIFFRACTION' 5.669 6.935 . . 11 137 100.0000 . . . 0.262 . 0.216 . . . . . . . . . . . 
'X-RAY DIFFRACTION' 6.935 9.773 . . 7  120 99.2188  . . . 0.260 . 0.237 . . . . . . . . . . . 
'X-RAY DIFFRACTION' 9.773 82.83 . . 6  65  83.5294  . . . 0.315 . 0.256 . . . . . . . . . . . 
# 
_struct.entry_id                     7LNG 
_struct.title                        
;TNA modification at 3' end of RNA primer complex with guanosine dinucleotide ligand G(5')ppp(5')G
;
_struct.pdbx_model_details           ? 
_struct.pdbx_formula_weight          ? 
_struct.pdbx_formula_weight_method   ? 
_struct.pdbx_model_type_details      ? 
_struct.pdbx_CASP_flag               N 
# 
_struct_keywords.entry_id        7LNG 
_struct_keywords.text            'RNA, nonenzymatic RNA extension' 
_struct_keywords.pdbx_keywords   RNA 
# 
loop_
_struct_asym.id 
_struct_asym.pdbx_blank_PDB_chainid_flag 
_struct_asym.pdbx_modified 
_struct_asym.entity_id 
_struct_asym.details 
A N N 1 ? 
B N N 1 ? 
C N N 2 ? 
D N N 3 ? 
E N N 4 ? 
F N N 5 ? 
G N N 2 ? 
H N N 2 ? 
I N N 6 ? 
J N N 5 ? 
K N N 2 ? 
L N N 6 ? 
M N N 3 ? 
N N N 4 ? 
# 
loop_
_struct_conn.id 
_struct_conn.conn_type_id 
_struct_conn.pdbx_leaving_atom_flag 
_struct_conn.pdbx_PDB_id 
_struct_conn.ptnr1_label_asym_id 
_struct_conn.ptnr1_label_comp_id 
_struct_conn.ptnr1_label_seq_id 
_struct_conn.ptnr1_label_atom_id 
_struct_conn.pdbx_ptnr1_label_alt_id 
_struct_conn.pdbx_ptnr1_PDB_ins_code 
_struct_conn.pdbx_ptnr1_standard_comp_id 
_struct_conn.ptnr1_symmetry 
_struct_conn.ptnr2_label_asym_id 
_struct_conn.ptnr2_label_comp_id 
_struct_conn.ptnr2_label_seq_id 
_struct_conn.ptnr2_label_atom_id 
_struct_conn.pdbx_ptnr2_label_alt_id 
_struct_conn.pdbx_ptnr2_PDB_ins_code 
_struct_conn.ptnr1_auth_asym_id 
_struct_conn.ptnr1_auth_comp_id 
_struct_conn.ptnr1_auth_seq_id 
_struct_conn.ptnr2_auth_asym_id 
_struct_conn.ptnr2_auth_comp_id 
_struct_conn.ptnr2_auth_seq_id 
_struct_conn.ptnr2_symmetry 
_struct_conn.pdbx_ptnr3_label_atom_id 
_struct_conn.pdbx_ptnr3_label_seq_id 
_struct_conn.pdbx_ptnr3_label_comp_id 
_struct_conn.pdbx_ptnr3_label_asym_id 
_struct_conn.pdbx_ptnr3_label_alt_id 
_struct_conn.pdbx_ptnr3_PDB_ins_code 
_struct_conn.details 
_struct_conn.pdbx_dist_value 
_struct_conn.pdbx_value_order 
_struct_conn.pdbx_role 
covale1  covale both ? A A   5  P     ? ? ? 1_555 D LCG .  "O3'" ? ? A A   5   A LCG 102 1_555 ? ? ? ? ? ? ?            1.646 ? ? 
covale2  covale both ? A C   13 "O3'" ? ? ? 1_555 E TG  .  P     ? ? A C   13  A TG  103 1_555 ? ? ? ? ? ? ?            1.634 ? ? 
covale3  covale both ? C LCC .  "O3'" ? ? ? 1_555 D LCG .  P     ? ? A LCC 101 A LCG 102 1_555 ? ? ? ? ? ? ?            1.605 ? ? 
covale4  covale both ? C LCC .  P     ? ? ? 1_555 K LCC .  "O3'" ? ? A LCC 101 B LCC 102 1_555 ? ? ? ? ? ? ?            1.643 ? ? 
covale5  covale both ? F LKC .  "O3'" ? ? ? 1_555 G LCC .  P     ? ? A LKC 104 A LCC 105 1_555 ? ? ? ? ? ? ?            1.612 ? ? 
covale6  covale both ? G LCC .  "O3'" ? ? ? 1_555 H LCC .  P     ? ? A LCC 105 A LCC 106 1_555 ? ? ? ? ? ? ?            1.650 ? ? 
covale7  covale both ? H LCC .  "O3'" ? ? ? 1_555 M LCG .  P     ? ? A LCC 106 B LCG 104 1_555 ? ? ? ? ? ? ?            1.684 ? ? 
covale8  covale both ? B A   5  P     ? ? ? 1_555 M LCG .  "O3'" ? ? B A   5   B LCG 104 1_555 ? ? ? ? ? ? ?            1.620 ? ? 
covale9  covale both ? B C   13 "O3'" ? ? ? 1_555 N TG  .  P     ? ? B C   13  B TG  105 1_555 ? ? ? ? ? ? ?            1.606 ? ? 
covale10 covale both ? J LKC .  "O3'" ? ? ? 1_555 K LCC .  P     ? ? B LKC 101 B LCC 102 1_555 ? ? ? ? ? ? ?            1.640 ? ? 
hydrog1  hydrog ?    ? A A   5  N1    ? ? ? 1_555 B U   12 N3    ? ? A A   5   B U   12  1_555 ? ? ? ? ? ? WATSON-CRICK ?     ? ? 
hydrog2  hydrog ?    ? A A   5  N6    ? ? ? 1_555 B U   12 O4    ? ? A A   5   B U   12  1_555 ? ? ? ? ? ? WATSON-CRICK ?     ? ? 
hydrog3  hydrog ?    ? A C   6  N3    ? ? ? 1_555 B G   11 N1    ? ? A C   6   B G   11  1_555 ? ? ? ? ? ? WATSON-CRICK ?     ? ? 
hydrog4  hydrog ?    ? A C   6  N4    ? ? ? 1_555 B G   11 O6    ? ? A C   6   B G   11  1_555 ? ? ? ? ? ? WATSON-CRICK ?     ? ? 
hydrog5  hydrog ?    ? A C   6  O2    ? ? ? 1_555 B G   11 N2    ? ? A C   6   B G   11  1_555 ? ? ? ? ? ? WATSON-CRICK ?     ? ? 
hydrog6  hydrog ?    ? A U   7  N3    ? ? ? 1_555 B A   10 N1    ? ? A U   7   B A   10  1_555 ? ? ? ? ? ? WATSON-CRICK ?     ? ? 
hydrog7  hydrog ?    ? A U   7  O4    ? ? ? 1_555 B A   10 N6    ? ? A U   7   B A   10  1_555 ? ? ? ? ? ? WATSON-CRICK ?     ? ? 
hydrog8  hydrog ?    ? A U   8  N3    ? ? ? 1_555 B A   9  N1    ? ? A U   8   B A   9   1_555 ? ? ? ? ? ? WATSON-CRICK ?     ? ? 
hydrog9  hydrog ?    ? A U   8  O4    ? ? ? 1_555 B A   9  N6    ? ? A U   8   B A   9   1_555 ? ? ? ? ? ? WATSON-CRICK ?     ? ? 
hydrog10 hydrog ?    ? A A   9  N1    ? ? ? 1_555 B U   8  N3    ? ? A A   9   B U   8   1_555 ? ? ? ? ? ? WATSON-CRICK ?     ? ? 
hydrog11 hydrog ?    ? A A   9  N6    ? ? ? 1_555 B U   8  O4    ? ? A A   9   B U   8   1_555 ? ? ? ? ? ? WATSON-CRICK ?     ? ? 
hydrog12 hydrog ?    ? A A   10 N1    ? ? ? 1_555 B U   7  N3    ? ? A A   10  B U   7   1_555 ? ? ? ? ? ? WATSON-CRICK ?     ? ? 
hydrog13 hydrog ?    ? A A   10 N6    ? ? ? 1_555 B U   7  O4    ? ? A A   10  B U   7   1_555 ? ? ? ? ? ? WATSON-CRICK ?     ? ? 
hydrog14 hydrog ?    ? A G   11 N1    ? ? ? 1_555 B C   6  N3    ? ? A G   11  B C   6   1_555 ? ? ? ? ? ? WATSON-CRICK ?     ? ? 
hydrog15 hydrog ?    ? A G   11 N2    ? ? ? 1_555 B C   6  O2    ? ? A G   11  B C   6   1_555 ? ? ? ? ? ? WATSON-CRICK ?     ? ? 
hydrog16 hydrog ?    ? A G   11 O6    ? ? ? 1_555 B C   6  N4    ? ? A G   11  B C   6   1_555 ? ? ? ? ? ? WATSON-CRICK ?     ? ? 
hydrog17 hydrog ?    ? A U   12 N3    ? ? ? 1_555 B A   5  N1    ? ? A U   12  B A   5   1_555 ? ? ? ? ? ? WATSON-CRICK ?     ? ? 
hydrog18 hydrog ?    ? A U   12 O4    ? ? ? 1_555 B A   5  N6    ? ? A U   12  B A   5   1_555 ? ? ? ? ? ? WATSON-CRICK ?     ? ? 
# 
loop_
_struct_conn_type.id 
_struct_conn_type.criteria 
_struct_conn_type.reference 
covale ? ? 
hydrog ? ? 
# 
_atom_sites.entry_id                    7LNG 
_atom_sites.Cartn_transf_matrix[1][1]   ? 
_atom_sites.Cartn_transf_matrix[1][2]   ? 
_atom_sites.Cartn_transf_matrix[1][3]   ? 
_atom_sites.Cartn_transf_matrix[2][1]   ? 
_atom_sites.Cartn_transf_matrix[2][2]   ? 
_atom_sites.Cartn_transf_matrix[2][3]   ? 
_atom_sites.Cartn_transf_matrix[3][1]   ? 
_atom_sites.Cartn_transf_matrix[3][2]   ? 
_atom_sites.Cartn_transf_matrix[3][3]   ? 
_atom_sites.Cartn_transf_vector[1]      ? 
_atom_sites.Cartn_transf_vector[2]      ? 
_atom_sites.Cartn_transf_vector[3]      ? 
_atom_sites.fract_transf_matrix[1][1]   -0.00024721 
_atom_sites.fract_transf_matrix[1][2]   -0.02458930 
_atom_sites.fract_transf_matrix[1][3]   -0.00699529 
_atom_sites.fract_transf_matrix[2][1]   -0.01367252 
_atom_sites.fract_transf_matrix[2][2]   -0.01695991 
_atom_sites.fract_transf_matrix[2][3]   0.01338074 
_atom_sites.fract_transf_matrix[3][1]   -0.00954786 
_atom_sites.fract_transf_matrix[3][2]   0.00211045 
_atom_sites.fract_transf_matrix[3][3]   -0.00708108 
_atom_sites.fract_transf_vector[1]      0.378883 
_atom_sites.fract_transf_vector[2]      0.156493 
_atom_sites.fract_transf_vector[3]      0.252276 
_atom_sites.solution_primary            ? 
_atom_sites.solution_secondary          ? 
_atom_sites.solution_hydrogens          ? 
_atom_sites.special_details             ? 
# 
loop_
_atom_type.symbol 
_atom_type.pdbx_scat_Z 
_atom_type.pdbx_N_electrons 
_atom_type.scat_Cromer_Mann_a1 
_atom_type.scat_Cromer_Mann_b1 
_atom_type.scat_Cromer_Mann_a2 
_atom_type.scat_Cromer_Mann_b2 
_atom_type.scat_Cromer_Mann_a3 
_atom_type.scat_Cromer_Mann_b3 
_atom_type.scat_Cromer_Mann_a4 
_atom_type.scat_Cromer_Mann_b4 
_atom_type.scat_Cromer_Mann_c 
C 6  6  2.310  20.844 1.020 10.208 1.589 0.569  0.865 51.651 0.216   
H 1  1  0.493  10.511 0.323 26.126 0.140 3.142  0.041 57.800 0.003   
N 7  7  12.222 0.006  3.135 9.893  2.014 28.997 1.167 0.583  -11.538 
O 8  8  3.049  13.277 2.287 5.701  1.546 0.324  0.867 32.909 0.251   
P 15 15 6.435  1.907  4.179 27.157 1.780 0.526  1.491 68.164 1.273   
# 
loop_
_atom_site.group_PDB 
_atom_site.id 
_atom_site.type_symbol 
_atom_site.label_atom_id 
_atom_site.label_alt_id 
_atom_site.label_comp_id 
_atom_site.label_asym_id 
_atom_site.label_entity_id 
_atom_site.label_seq_id 
_atom_site.pdbx_PDB_ins_code 
_atom_site.Cartn_x 
_atom_site.Cartn_y 
_atom_site.Cartn_z 
_atom_site.occupancy 
_atom_site.B_iso_or_equiv 
_atom_site.pdbx_formal_charge 
_atom_site.auth_seq_id 
_atom_site.auth_comp_id 
_atom_site.auth_asym_id 
_atom_site.auth_atom_id 
_atom_site.pdbx_PDB_model_num 
_atom_site.calc_flag 
ATOM   1   P P     . A   A 1 5  ? -5.335  -6.047  -2.431  1.000 43.853  0 5   A   A P     1 ? 
ATOM   2   O OP1   . A   A 1 5  ? -4.520  -7.071  -1.748  1.000 42.664  0 5   A   A OP1   1 ? 
ATOM   3   O OP2   . A   A 1 5  ? -5.633  -4.756  -1.755  1.000 51.940  0 5   A   A OP2   1 ? 
ATOM   4   O "O5'" . A   A 1 5  ? -4.687  -5.747  -3.864  1.000 47.597  0 5   A   A "O5'" 1 ? 
ATOM   5   C "C5'" . A   A 1 5  ? -4.076  -6.821  -4.622  1.000 43.060  0 5   A   A "C5'" 1 ? 
ATOM   6   C "C4'" . A   A 1 5  ? -3.438  -6.261  -5.858  1.000 36.470  0 5   A   A "C4'" 1 ? 
ATOM   7   O "O4'" . A   A 1 5  ? -4.444  -5.550  -6.610  1.000 37.756  0 5   A   A "O4'" 1 ? 
ATOM   8   C "C3'" . A   A 1 5  ? -2.382  -5.200  -5.624  1.000 38.111  0 5   A   A "C3'" 1 ? 
ATOM   9   O "O3'" . A   A 1 5  ? -1.122  -5.734  -5.227  1.000 36.394  0 5   A   A "O3'" 1 ? 
ATOM   10  C "C2'" . A   A 1 5  ? -2.367  -4.496  -6.966  1.000 37.166  0 5   A   A "C2'" 1 ? 
ATOM   11  O "O2'" . A   A 1 5  ? -1.633  -5.241  -7.935  1.000 39.812  0 5   A   A "O2'" 1 ? 
ATOM   12  C "C1'" . A   A 1 5  ? -3.860  -4.437  -7.266  1.000 36.949  0 5   A   A "C1'" 1 ? 
ATOM   13  N N9    . A   A 1 5  ? -4.542  -3.231  -6.782  1.000 31.630  0 5   A   A N9    1 ? 
ATOM   14  C C8    . A   A 1 5  ? -5.225  -3.049  -5.601  1.000 33.302  0 5   A   A C8    1 ? 
ATOM   15  N N7    . A   A 1 5  ? -5.718  -1.841  -5.459  1.000 28.299  0 5   A   A N7    1 ? 
ATOM   16  C C5    . A   A 1 5  ? -5.282  -1.169  -6.596  1.000 31.100  0 5   A   A C5    1 ? 
ATOM   17  C C6    . A   A 1 5  ? -5.466  0.151   -7.046  1.000 34.331  0 5   A   A C6    1 ? 
ATOM   18  N N6    . A   A 1 5  ? -6.168  1.074   -6.384  1.000 32.063  0 5   A   A N6    1 ? 
ATOM   19  N N1    . A   A 1 5  ? -4.916  0.490   -8.231  1.000 33.155  0 5   A   A N1    1 ? 
ATOM   20  C C2    . A   A 1 5  ? -4.204  -0.428  -8.895  1.000 32.166  0 5   A   A C2    1 ? 
ATOM   21  N N3    . A   A 1 5  ? -3.961  -1.693  -8.577  1.000 31.022  0 5   A   A N3    1 ? 
ATOM   22  C C4    . A   A 1 5  ? -4.564  -2.015  -7.420  1.000 31.123  0 5   A   A C4    1 ? 
ATOM   23  P P     . C   A 1 6  ? -0.126  -4.788  -4.386  1.000 43.215  0 6   C   A P     1 ? 
ATOM   24  O OP1   . C   A 1 6  ? 1.003   -5.614  -3.992  1.000 36.616  0 6   C   A OP1   1 ? 
ATOM   25  O OP2   . C   A 1 6  ? -0.977  -4.077  -3.397  1.000 38.270  0 6   C   A OP2   1 ? 
ATOM   26  O "O5'" . C   A 1 6  ? 0.344   -3.676  -5.433  1.000 46.268  0 6   C   A "O5'" 1 ? 
ATOM   27  C "C5'" . C   A 1 6  ? 1.168   -3.990  -6.558  1.000 50.336  0 6   C   A "C5'" 1 ? 
ATOM   28  C "C4'" . C   A 1 6  ? 1.170   -2.814  -7.486  1.000 46.191  0 6   C   A "C4'" 1 ? 
ATOM   29  O "O4'" . C   A 1 6  ? -0.193  -2.367  -7.652  1.000 41.328  0 6   C   A "O4'" 1 ? 
ATOM   30  C "C3'" . C   A 1 6  ? 1.885   -1.557  -7.008  1.000 48.972  0 6   C   A "C3'" 1 ? 
ATOM   31  O "O3'" . C   A 1 6  ? 3.280   -1.621  -7.266  1.000 53.129  0 6   C   A "O3'" 1 ? 
ATOM   32  C "C2'" . C   A 1 6  ? 1.223   -0.499  -7.876  1.000 45.959  0 6   C   A "C2'" 1 ? 
ATOM   33  O "O2'" . C   A 1 6  ? 1.552   -0.555  -9.254  1.000 54.403  0 6   C   A "O2'" 1 ? 
ATOM   34  C "C1'" . C   A 1 6  ? -0.227  -0.967  -7.835  1.000 46.428  0 6   C   A "C1'" 1 ? 
ATOM   35  N N1    . C   A 1 6  ? -1.074  -0.374  -6.778  1.000 42.644  0 6   C   A N1    1 ? 
ATOM   36  C C2    . C   A 1 6  ? -1.526  0.933   -6.963  1.000 45.803  0 6   C   A C2    1 ? 
ATOM   37  O O2    . C   A 1 6  ? -1.149  1.559   -7.972  1.000 36.159  0 6   C   A O2    1 ? 
ATOM   38  N N3    . C   A 1 6  ? -2.389  1.469   -6.066  1.000 39.331  0 6   C   A N3    1 ? 
ATOM   39  C C4    . C   A 1 6  ? -2.751  0.770   -4.987  1.000 42.995  0 6   C   A C4    1 ? 
ATOM   40  N N4    . C   A 1 6  ? -3.562  1.357   -4.102  1.000 42.659  0 6   C   A N4    1 ? 
ATOM   41  C C5    . C   A 1 6  ? -2.308  -0.567  -4.774  1.000 43.523  0 6   C   A C5    1 ? 
ATOM   42  C C6    . C   A 1 6  ? -1.467  -1.091  -5.681  1.000 41.841  0 6   C   A C6    1 ? 
ATOM   43  P P     . U   A 1 7  ? 4.338   -0.896  -6.290  1.000 50.712  0 7   U   A P     1 ? 
ATOM   44  O OP1   . U   A 1 7  ? 5.692   -1.319  -6.721  1.000 57.790  0 7   U   A OP1   1 ? 
ATOM   45  O OP2   . U   A 1 7  ? 3.890   -1.102  -4.879  1.000 56.893  0 7   U   A OP2   1 ? 
ATOM   46  O "O5'" . U   A 1 7  ? 4.237   0.638   -6.686  1.000 51.586  0 7   U   A "O5'" 1 ? 
ATOM   47  C "C5'" . U   A 1 7  ? 4.701   1.082   -7.963  1.000 54.034  0 7   U   A "C5'" 1 ? 
ATOM   48  C "C4'" . U   A 1 7  ? 4.333   2.525   -8.129  1.000 56.236  0 7   U   A "C4'" 1 ? 
ATOM   49  O "O4'" . U   A 1 7  ? 2.886   2.663   -8.114  1.000 62.101  0 7   U   A "O4'" 1 ? 
ATOM   50  C "C3'" . U   A 1 7  ? 4.775   3.433   -6.997  1.000 61.403  0 7   U   A "C3'" 1 ? 
ATOM   51  O "O3'" . U   A 1 7  ? 6.157   3.750   -7.091  1.000 61.975  0 7   U   A "O3'" 1 ? 
ATOM   52  C "C2'" . U   A 1 7  ? 3.850   4.617   -7.221  1.000 60.699  0 7   U   A "C2'" 1 ? 
ATOM   53  O "O2'" . U   A 1 7  ? 4.294   5.369   -8.329  1.000 64.888  0 7   U   A "O2'" 1 ? 
ATOM   54  C "C1'" . U   A 1 7  ? 2.536   3.902   -7.527  1.000 60.767  0 7   U   A "C1'" 1 ? 
ATOM   55  N N1    . U   A 1 7  ? 1.682   3.649   -6.352  1.000 59.363  0 7   U   A N1    1 ? 
ATOM   56  C C2    . U   A 1 7  ? 0.850   4.680   -5.939  1.000 55.960  0 7   U   A C2    1 ? 
ATOM   57  O O2    . U   A 1 7  ? 0.795   5.763   -6.504  1.000 59.490  0 7   U   A O2    1 ? 
ATOM   58  N N3    . U   A 1 7  ? 0.072   4.386   -4.846  1.000 58.079  0 7   U   A N3    1 ? 
ATOM   59  C C4    . U   A 1 7  ? 0.038   3.203   -4.131  1.000 58.170  0 7   U   A C4    1 ? 
ATOM   60  O O4    . U   A 1 7  ? -0.721  3.103   -3.161  1.000 60.780  0 7   U   A O4    1 ? 
ATOM   61  C C5    . U   A 1 7  ? 0.949   2.196   -4.601  1.000 47.074  0 7   U   A C5    1 ? 
ATOM   62  C C6    . U   A 1 7  ? 1.715   2.444   -5.674  1.000 55.032  0 7   U   A C6    1 ? 
ATOM   63  P P     . U   A 1 8  ? 7.024   4.155   -5.765  1.000 70.490  0 8   U   A P     1 ? 
ATOM   64  O OP1   . U   A 1 8  ? 8.404   4.460   -6.227  1.000 64.256  0 8   U   A OP1   1 ? 
ATOM   65  O OP2   . U   A 1 8  ? 6.817   3.112   -4.708  1.000 65.013  0 8   U   A OP2   1 ? 
ATOM   66  O "O5'" . U   A 1 8  ? 6.352   5.531   -5.327  1.000 63.145  0 8   U   A "O5'" 1 ? 
ATOM   67  C "C5'" . U   A 1 8  ? 6.472   6.691   -6.162  1.000 55.621  0 8   U   A "C5'" 1 ? 
ATOM   68  C "C4'" . U   A 1 8  ? 5.744   7.878   -5.570  1.000 54.476  0 8   U   A "C4'" 1 ? 
ATOM   69  O "O4'" . U   A 1 8  ? 4.300   7.697   -5.608  1.000 60.531  0 8   U   A "O4'" 1 ? 
ATOM   70  C "C3'" . U   A 1 8  ? 6.037   8.177   -4.114  1.000 53.223  0 8   U   A "C3'" 1 ? 
ATOM   71  O "O3'" . U   A 1 8  ? 7.250   8.897   -3.987  1.000 53.959  0 8   U   A "O3'" 1 ? 
ATOM   72  C "C2'" . U   A 1 8  ? 4.850   9.045   -3.733  1.000 50.653  0 8   U   A "C2'" 1 ? 
ATOM   73  O "O2'" . U   A 1 8  ? 5.020   10.401  -4.102  1.000 51.947  0 8   U   A "O2'" 1 ? 
ATOM   74  C "C1'" . U   A 1 8  ? 3.718   8.331   -4.474  1.000 51.012  0 8   U   A "C1'" 1 ? 
ATOM   75  N N1    . U   A 1 8  ? 3.068   7.306   -3.641  1.000 53.601  0 8   U   A N1    1 ? 
ATOM   76  C C2    . U   A 1 8  ? 2.079   7.719   -2.759  1.000 55.385  0 8   U   A C2    1 ? 
ATOM   77  O O2    . U   A 1 8  ? 1.712   8.882   -2.664  1.000 58.228  0 8   U   A O2    1 ? 
ATOM   78  N N3    . U   A 1 8  ? 1.526   6.712   -2.006  1.000 48.804  0 8   U   A N3    1 ? 
ATOM   79  C C4    . U   A 1 8  ? 1.867   5.373   -2.020  1.000 48.311  0 8   U   A C4    1 ? 
ATOM   80  O O4    . U   A 1 8  ? 1.279   4.590   -1.274  1.000 39.808  0 8   U   A O4    1 ? 
ATOM   81  C C5    . U   A 1 8  ? 2.919   5.034   -2.931  1.000 47.991  0 8   U   A C5    1 ? 
ATOM   82  C C6    . U   A 1 8  ? 3.472   5.988   -3.688  1.000 53.307  0 8   U   A C6    1 ? 
ATOM   83  P P     . A   A 1 9  ? 8.078   8.815   -2.652  1.000 54.041  0 9   A   A P     1 ? 
ATOM   84  O OP1   . A   A 1 9  ? 9.329   9.591   -2.855  1.000 75.532  0 9   A   A OP1   1 ? 
ATOM   85  O OP2   . A   A 1 9  ? 8.151   7.398   -2.203  1.000 53.220  0 9   A   A OP2   1 ? 
ATOM   86  O "O5'" . A   A 1 9  ? 7.146   9.546   -1.596  1.000 57.877  0 9   A   A "O5'" 1 ? 
ATOM   87  C "C5'" . A   A 1 9  ? 7.055   10.973  -1.546  1.000 63.382  0 9   A   A "C5'" 1 ? 
ATOM   88  C "C4'" . A   A 1 9  ? 6.229   11.370  -0.351  1.000 63.454  0 9   A   A "C4'" 1 ? 
ATOM   89  O "O4'" . A   A 1 9  ? 4.841   10.954  -0.529  1.000 64.638  0 9   A   A "O4'" 1 ? 
ATOM   90  C "C3'" . A   A 1 9  ? 6.593   10.695  0.962   1.000 59.012  0 9   A   A "C3'" 1 ? 
ATOM   91  O "O3'" . A   A 1 9  ? 7.795   11.162  1.550   1.000 54.137  0 9   A   A "O3'" 1 ? 
ATOM   92  C "C2'" . A   A 1 9  ? 5.346   10.997  1.775   1.000 59.944  0 9   A   A "C2'" 1 ? 
ATOM   93  O "O2'" . A   A 1 9  ? 5.226   12.349  2.163   1.000 55.748  0 9   A   A "O2'" 1 ? 
ATOM   94  C "C1'" . A   A 1 9  ? 4.268   10.686  0.745   1.000 60.732  0 9   A   A "C1'" 1 ? 
ATOM   95  N N9    . A   A 1 9  ? 3.873   9.282   0.798   1.000 55.651  0 9   A   A N9    1 ? 
ATOM   96  C C8    . A   A 1 9  ? 4.356   8.217   0.084   1.000 57.237  0 9   A   A C8    1 ? 
ATOM   97  N N7    . A   A 1 9  ? 3.796   7.075   0.397   1.000 60.140  0 9   A   A N7    1 ? 
ATOM   98  C C5    . A   A 1 9  ? 2.890   7.410   1.391   1.000 57.176  0 9   A   A C5    1 ? 
ATOM   99  C C6    . A   A 1 9  ? 1.984   6.644   2.142   1.000 54.188  0 9   A   A C6    1 ? 
ATOM   100 N N6    . A   A 1 9  ? 1.832   5.326   1.995   1.000 50.666  0 9   A   A N6    1 ? 
ATOM   101 N N1    . A   A 1 9  ? 1.241   7.284   3.072   1.000 55.538  0 9   A   A N1    1 ? 
ATOM   102 C C2    . A   A 1 9  ? 1.387   8.608   3.210   1.000 58.611  0 9   A   A C2    1 ? 
ATOM   103 N N3    . A   A 1 9  ? 2.209   9.434   2.567   1.000 56.310  0 9   A   A N3    1 ? 
ATOM   104 C C4    . A   A 1 9  ? 2.939   8.763   1.660   1.000 57.681  0 9   A   A C4    1 ? 
ATOM   105 P P     . A   A 1 10 ? 8.662   10.180  2.506   1.000 56.284  0 10  A   A P     1 ? 
ATOM   106 O OP1   . A   A 1 10 ? 10.002  10.798  2.701   1.000 57.474  0 10  A   A OP1   1 ? 
ATOM   107 O OP2   . A   A 1 10 ? 8.578   8.802   1.959   1.000 64.583  0 10  A   A OP2   1 ? 
ATOM   108 O "O5'" . A   A 1 10 ? 7.865   10.159  3.891   1.000 62.130  0 10  A   A "O5'" 1 ? 
ATOM   109 C "C5'" . A   A 1 10 ? 7.599   11.333  4.674   1.000 61.806  0 10  A   A "C5'" 1 ? 
ATOM   110 C "C4'" . A   A 1 10 ? 6.452   11.069  5.631   1.000 65.965  0 10  A   A "C4'" 1 ? 
ATOM   111 O "O4'" . A   A 1 10 ? 5.285   10.586  4.901   1.000 59.277  0 10  A   A "O4'" 1 ? 
ATOM   112 C "C3'" . A   A 1 10 ? 6.651   9.975   6.676   1.000 69.340  0 10  A   A "C3'" 1 ? 
ATOM   113 O "O3'" . A   A 1 10 ? 7.479   10.264  7.793   1.000 80.221  0 10  A   A "O3'" 1 ? 
ATOM   114 C "C2'" . A   A 1 10 ? 5.213   9.715   7.095   1.000 67.910  0 10  A   A "C2'" 1 ? 
ATOM   115 O "O2'" . A   A 1 10 ? 4.653   10.664  7.988   1.000 69.170  0 10  A   A "O2'" 1 ? 
ATOM   116 C "C1'" . A   A 1 10 ? 4.533   9.710   5.728   1.000 61.463  0 10  A   A "C1'" 1 ? 
ATOM   117 N N9    . A   A 1 10 ? 4.566   8.373   5.140   1.000 59.920  0 10  A   A N9    1 ? 
ATOM   118 C C8    . A   A 1 10 ? 5.492   7.836   4.278   1.000 57.065  0 10  A   A C8    1 ? 
ATOM   119 N N7    . A   A 1 10 ? 5.253   6.587   3.959   1.000 53.489  0 10  A   A N7    1 ? 
ATOM   120 C C5    . A   A 1 10 ? 4.103   6.276   4.669   1.000 57.306  0 10  A   A C5    1 ? 
ATOM   121 C C6    . A   A 1 10 ? 3.331   5.108   4.749   1.000 64.226  0 10  A   A C6    1 ? 
ATOM   122 N N6    . A   A 1 10 ? 3.624   3.983   4.094   1.000 66.987  0 10  A   A N6    1 ? 
ATOM   123 N N1    . A   A 1 10 ? 2.238   5.131   5.545   1.000 74.790  0 10  A   A N1    1 ? 
ATOM   124 C C2    . A   A 1 10 ? 1.947   6.261   6.207   1.000 65.250  0 10  A   A C2    1 ? 
ATOM   125 N N3    . A   A 1 10 ? 2.598   7.422   6.211   1.000 64.232  0 10  A   A N3    1 ? 
ATOM   126 C C4    . A   A 1 10 ? 3.673   7.365   5.406   1.000 58.825  0 10  A   A C4    1 ? 
ATOM   127 P P     . G   A 1 11 ? 8.431   9.114   8.383   1.000 79.004  0 11  G   A P     1 ? 
ATOM   128 O OP1   . G   A 1 11 ? 9.525   9.767   9.200   1.000 97.953  0 11  G   A OP1   1 ? 
ATOM   129 O OP2   . G   A 1 11 ? 8.906   8.208   7.257   1.000 80.857  0 11  G   A OP2   1 ? 
ATOM   130 O "O5'" . G   A 1 11 ? 7.473   8.227   9.319   1.000 68.460  0 11  G   A "O5'" 1 ? 
ATOM   131 C "C5'" . G   A 1 11 ? 6.576   8.889   10.237  1.000 70.387  0 11  G   A "C5'" 1 ? 
ATOM   132 C "C4'" . G   A 1 11 ? 5.544   7.889   10.698  1.000 72.919  0 11  G   A "C4'" 1 ? 
ATOM   133 O "O4'" . G   A 1 11 ? 4.776   7.425   9.562   1.000 66.392  0 11  G   A "O4'" 1 ? 
ATOM   134 C "C3'" . G   A 1 11 ? 6.077   6.590   11.305  1.000 67.275  0 11  G   A "C3'" 1 ? 
ATOM   135 O "O3'" . G   A 1 11 ? 6.509   6.783   12.645  1.000 76.752  0 11  G   A "O3'" 1 ? 
ATOM   136 C "C2'" . G   A 1 11 ? 4.866   5.661   11.154  1.000 71.926  0 11  G   A "C2'" 1 ? 
ATOM   137 O "O2'" . G   A 1 11 ? 3.882   5.720   12.172  1.000 70.980  0 11  G   A "O2'" 1 ? 
ATOM   138 C "C1'" . G   A 1 11 ? 4.264   6.139   9.833   1.000 67.141  0 11  G   A "C1'" 1 ? 
ATOM   139 N N9    . G   A 1 11 ? 4.584   5.242   8.729   1.000 66.655  0 11  G   A N9    1 ? 
ATOM   140 C C8    . G   A 1 11 ? 5.478   5.417   7.700   1.000 68.371  0 11  G   A C8    1 ? 
ATOM   141 N N7    . G   A 1 11 ? 5.541   4.389   6.883   1.000 63.429  0 11  G   A N7    1 ? 
ATOM   142 C C5    . G   A 1 11 ? 4.633   3.479   7.418   1.000 61.787  0 11  G   A C5    1 ? 
ATOM   143 C C6    . G   A 1 11 ? 4.264   2.184   6.970   1.000 59.815  0 11  G   A C6    1 ? 
ATOM   144 O O6    . G   A 1 11 ? 4.685   1.568   5.979   1.000 54.544  0 11  G   A O6    1 ? 
ATOM   145 N N1    . G   A 1 11 ? 3.302   1.613   7.811   1.000 55.135  0 11  G   A N1    1 ? 
ATOM   146 C C2    . G   A 1 11 ? 2.782   2.202   8.943   1.000 59.312  0 11  G   A C2    1 ? 
ATOM   147 N N2    . G   A 1 11 ? 1.879   1.498   9.641   1.000 65.577  0 11  G   A N2    1 ? 
ATOM   148 N N3    . G   A 1 11 ? 3.122   3.418   9.363   1.000 59.682  0 11  G   A N3    1 ? 
ATOM   149 C C4    . G   A 1 11 ? 4.044   3.992   8.554   1.000 60.861  0 11  G   A C4    1 ? 
ATOM   150 P P     . U   A 1 12 ? 7.625   5.799   13.273  1.000 79.360  0 12  U   A P     1 ? 
ATOM   151 O OP1   . U   A 1 12 ? 7.901   6.257   14.660  1.000 76.923  0 12  U   A OP1   1 ? 
ATOM   152 O OP2   . U   A 1 12 ? 8.753   5.708   12.312  1.000 74.100  0 12  U   A OP2   1 ? 
ATOM   153 O "O5'" . U   A 1 12 ? 6.899   4.374   13.222  1.000 72.553  0 12  U   A "O5'" 1 ? 
ATOM   154 C "C5'" . U   A 1 12 ? 5.912   4.015   14.211  1.000 71.433  0 12  U   A "C5'" 1 ? 
ATOM   155 C "C4'" . U   A 1 12 ? 5.171   2.734   13.860  1.000 72.090  0 12  U   A "C4'" 1 ? 
ATOM   156 O "O4'" . U   A 1 12 ? 4.830   2.666   12.449  1.000 55.813  0 12  U   A "O4'" 1 ? 
ATOM   157 C "C3'" . U   A 1 12 ? 5.898   1.408   14.040  1.000 70.852  0 12  U   A "C3'" 1 ? 
ATOM   158 O "O3'" . U   A 1 12 ? 6.220   0.961   15.348  1.000 82.294  0 12  U   A "O3'" 1 ? 
ATOM   159 C "C2'" . U   A 1 12 ? 4.943   0.458   13.324  1.000 62.284  0 12  U   A "C2'" 1 ? 
ATOM   160 O "O2'" . U   A 1 12 ? 3.740   0.114   13.993  1.000 64.787  0 12  U   A "O2'" 1 ? 
ATOM   161 C "C1'" . U   A 1 12 ? 4.571   1.302   12.111  1.000 58.629  0 12  U   A "C1'" 1 ? 
ATOM   162 N N1    . U   A 1 12 ? 5.338   0.952   10.910  1.000 60.463  0 12  U   A N1    1 ? 
ATOM   163 C C2    . U   A 1 12 ? 5.040   -0.248  10.285  1.000 58.191  0 12  U   A C2    1 ? 
ATOM   164 O O2    . U   A 1 12 ? 4.206   -1.034  10.712  1.000 51.325  0 12  U   A O2    1 ? 
ATOM   165 N N3    . U   A 1 12 ? 5.737   -0.479  9.126   1.000 61.970  0 12  U   A N3    1 ? 
ATOM   166 C C4    . U   A 1 12 ? 6.696   0.329   8.552   1.000 60.025  0 12  U   A C4    1 ? 
ATOM   167 O O4    . U   A 1 12 ? 7.242   -0.026  7.507   1.000 54.745  0 12  U   A O4    1 ? 
ATOM   168 C C5    . U   A 1 12 ? 6.955   1.544   9.264   1.000 61.160  0 12  U   A C5    1 ? 
ATOM   169 C C6    . U   A 1 12 ? 6.281   1.810   10.389  1.000 61.069  0 12  U   A C6    1 ? 
ATOM   170 P P     . C   A 1 13 ? 7.239   -0.277  15.527  1.000 90.147  0 13  C   A P     1 ? 
ATOM   171 O OP1   . C   A 1 13 ? 7.672   -0.303  16.948  1.000 87.298  0 13  C   A OP1   1 ? 
ATOM   172 O OP2   . C   A 1 13 ? 8.267   -0.194  14.450  1.000 81.670  0 13  C   A OP2   1 ? 
ATOM   173 O "O5'" . C   A 1 13 ? 6.314   -1.548  15.248  1.000 86.582  0 13  C   A "O5'" 1 ? 
ATOM   174 C "C5'" . C   A 1 13 ? 6.775   -2.885  15.535  1.000 84.132  0 13  C   A "C5'" 1 ? 
ATOM   175 C "C4'" . C   A 1 13 ? 6.190   -3.889  14.564  1.000 77.706  0 13  C   A "C4'" 1 ? 
ATOM   176 O "O4'" . C   A 1 13 ? 5.716   -3.230  13.352  1.000 76.742  0 13  C   A "O4'" 1 ? 
ATOM   177 C "C3'" . C   A 1 13 ? 7.166   -4.918  14.017  1.000 74.292  0 13  C   A "C3'" 1 ? 
ATOM   178 O "O3'" . C   A 1 13 ? 7.590   -5.898  14.965  1.000 75.853  0 13  C   A "O3'" 1 ? 
ATOM   179 C "C2'" . C   A 1 13 ? 6.397   -5.426  12.810  1.000 66.849  0 13  C   A "C2'" 1 ? 
ATOM   180 O "O2'" . C   A 1 13 ? 5.288   -6.241  13.140  1.000 60.977  0 13  C   A "O2'" 1 ? 
ATOM   181 C "C1'" . C   A 1 13 ? 5.896   -4.100  12.236  1.000 68.294  0 13  C   A "C1'" 1 ? 
ATOM   182 N N1    . C   A 1 13 ? 6.832   -3.465  11.285  1.000 61.440  0 13  C   A N1    1 ? 
ATOM   183 C C2    . C   A 1 13 ? 7.105   -4.112  10.071  1.000 63.390  0 13  C   A C2    1 ? 
ATOM   184 O O2    . C   A 1 13 ? 6.553   -5.197  9.831   1.000 59.257  0 13  C   A O2    1 ? 
ATOM   185 N N3    . C   A 1 13 ? 7.956   -3.534  9.189   1.000 59.365  0 13  C   A N3    1 ? 
ATOM   186 C C4    . C   A 1 13 ? 8.515   -2.355  9.477   1.000 64.787  0 13  C   A C4    1 ? 
ATOM   187 N N4    . C   A 1 13 ? 9.345   -1.821  8.578   1.000 65.116  0 13  C   A N4    1 ? 
ATOM   188 C C5    . C   A 1 13 ? 8.254   -1.676  10.706  1.000 61.841  0 13  C   A C5    1 ? 
ATOM   189 C C6    . C   A 1 13 ? 7.417   -2.262  11.572  1.000 58.000  0 13  C   A C6    1 ? 
ATOM   190 P P     . A   B 1 5  ? 4.715   -6.899  0.683   1.000 68.637  0 5   A   B P     1 ? 
ATOM   191 O OP1   . A   B 1 5  ? 4.164   -7.377  -0.711  1.000 70.595  0 5   A   B OP1   1 ? 
ATOM   192 O OP2   . A   B 1 5  ? 5.182   -5.510  0.380   1.000 62.980  0 5   A   B OP2   1 ? 
ATOM   193 O "O5'" . A   B 1 5  ? 3.334   -6.884  1.482   1.000 61.404  0 5   A   B "O5'" 1 ? 
ATOM   194 C "C5'" . A   B 1 5  ? 2.682   -8.126  1.802   1.000 62.747  0 5   A   B "C5'" 1 ? 
ATOM   195 C "C4'" . A   B 1 5  ? 2.305   -8.133  3.256   1.000 62.252  0 5   A   B "C4'" 1 ? 
ATOM   196 O "O4'" . A   B 1 5  ? 3.491   -8.002  4.087   1.000 62.447  0 5   A   B "O4'" 1 ? 
ATOM   197 C "C3'" . A   B 1 5  ? 1.415   -6.971  3.673   1.000 60.462  0 5   A   B "C3'" 1 ? 
ATOM   198 O "O3'" . A   B 1 5  ? 0.034   -7.183  3.327   1.000 52.749  0 5   A   B "O3'" 1 ? 
ATOM   199 C "C2'" . A   B 1 5  ? 1.703   -6.902  5.160   1.000 54.898  0 5   A   B "C2'" 1 ? 
ATOM   200 O "O2'" . A   B 1 5  ? 0.987   -7.942  5.772   1.000 57.979  0 5   A   B "O2'" 1 ? 
ATOM   201 C "C1'" . A   B 1 5  ? 3.210   -7.147  5.186   1.000 58.490  0 5   A   B "C1'" 1 ? 
ATOM   202 N N9    . A   B 1 5  ? 4.013   -5.926  5.046   1.000 54.086  0 5   A   B N9    1 ? 
ATOM   203 C C8    . A   B 1 5  ? 4.724   -5.493  3.953   1.000 56.586  0 5   A   B C8    1 ? 
ATOM   204 N N7    . A   B 1 5  ? 5.352   -4.358  4.147   1.000 57.011  0 5   A   B N7    1 ? 
ATOM   205 C C5    . A   B 1 5  ? 5.013   -4.006  5.446   1.000 49.737  0 5   A   B C5    1 ? 
ATOM   206 C C6    . A   B 1 5  ? 5.364   -2.909  6.249   1.000 47.645  0 5   A   B C6    1 ? 
ATOM   207 N N6    . A   B 1 5  ? 6.154   -1.920  5.840   1.000 43.350  0 5   A   B N6    1 ? 
ATOM   208 N N1    . A   B 1 5  ? 4.874   -2.865  7.507   1.000 49.000  0 5   A   B N1    1 ? 
ATOM   209 C C2    . A   B 1 5  ? 4.086   -3.867  7.922   1.000 53.963  0 5   A   B C2    1 ? 
ATOM   210 N N3    . A   B 1 5  ? 3.689   -4.956  7.261   1.000 57.104  0 5   A   B N3    1 ? 
ATOM   211 C C4    . A   B 1 5  ? 4.192   -4.965  6.013   1.000 54.352  0 5   A   B C4    1 ? 
ATOM   212 P P     . C   B 1 6  ? -0.887  -5.914  2.951   1.000 61.447  0 6   C   B P     1 ? 
ATOM   213 O OP1   . C   B 1 6  ? -2.134  -6.415  2.326   1.000 59.078  0 6   C   B OP1   1 ? 
ATOM   214 O OP2   . C   B 1 6  ? -0.035  -4.949  2.207   1.000 59.927  0 6   C   B OP2   1 ? 
ATOM   215 O "O5'" . C   B 1 6  ? -1.209  -5.221  4.354   1.000 55.588  0 6   C   B "O5'" 1 ? 
ATOM   216 C "C5'" . C   B 1 6  ? -1.721  -5.939  5.490   1.000 56.160  0 6   C   B "C5'" 1 ? 
ATOM   217 C "C4'" . C   B 1 6  ? -1.619  -5.067  6.721   1.000 53.204  0 6   C   B "C4'" 1 ? 
ATOM   218 O "O4'" . C   B 1 6  ? -0.218  -4.863  7.082   1.000 48.197  0 6   C   B "O4'" 1 ? 
ATOM   219 C "C3'" . C   B 1 6  ? -2.187  -3.659  6.573   1.000 54.165  0 6   C   B "C3'" 1 ? 
ATOM   220 O "O3'" . C   B 1 6  ? -3.587  -3.603  6.834   1.000 54.998  0 6   C   B "O3'" 1 ? 
ATOM   221 C "C2'" . C   B 1 6  ? -1.434  -2.900  7.653   1.000 55.270  0 6   C   B "C2'" 1 ? 
ATOM   222 O "O2'" . C   B 1 6  ? -2.014  -3.123  8.919   1.000 54.990  0 6   C   B "O2'" 1 ? 
ATOM   223 C "C1'" . C   B 1 6  ? -0.045  -3.536  7.568   1.000 54.066  0 6   C   B "C1'" 1 ? 
ATOM   224 N N1    . C   B 1 6  ? 0.904   -2.784  6.699   1.000 54.084  0 6   C   B N1    1 ? 
ATOM   225 C C2    . C   B 1 6  ? 1.517   -1.642  7.233   1.000 53.693  0 6   C   B C2    1 ? 
ATOM   226 O O2    . C   B 1 6  ? 1.255   -1.312  8.399   1.000 54.021  0 6   C   B O2    1 ? 
ATOM   227 N N3    . C   B 1 6  ? 2.408   -0.952  6.482   1.000 55.188  0 6   C   B N3    1 ? 
ATOM   228 C C4    . C   B 1 6  ? 2.660   -1.337  5.230   1.000 57.524  0 6   C   B C4    1 ? 
ATOM   229 N N4    . C   B 1 6  ? 3.527   -0.616  4.520   1.000 61.339  0 6   C   B N4    1 ? 
ATOM   230 C C5    . C   B 1 6  ? 2.030   -2.481  4.649   1.000 57.960  0 6   C   B C5    1 ? 
ATOM   231 C C6    . C   B 1 6  ? 1.174   -3.173  5.416   1.000 56.713  0 6   C   B C6    1 ? 
ATOM   232 P P     . U   B 1 7  ? -4.485  -2.385  6.260   1.000 60.822  0 7   U   B P     1 ? 
ATOM   233 O OP1   . U   B 1 7  ? -5.879  -2.611  6.705   1.000 51.702  0 7   U   B OP1   1 ? 
ATOM   234 O OP2   . U   B 1 7  ? -4.205  -2.250  4.801   1.000 56.513  0 7   U   B OP2   1 ? 
ATOM   235 O "O5'" . U   B 1 7  ? -3.915  -1.101  7.035   1.000 55.976  0 7   U   B "O5'" 1 ? 
ATOM   236 C "C5'" . U   B 1 7  ? -4.230  -0.885  8.431   1.000 56.575  0 7   U   B "C5'" 1 ? 
ATOM   237 C "C4'" . U   B 1 7  ? -3.643  0.414   8.952   1.000 55.257  0 7   U   B "C4'" 1 ? 
ATOM   238 O "O4'" . U   B 1 7  ? -2.202  0.421   8.779   1.000 61.172  0 7   U   B "O4'" 1 ? 
ATOM   239 C "C3'" . U   B 1 7  ? -4.085  1.689   8.250   1.000 59.200  0 7   U   B "C3'" 1 ? 
ATOM   240 O "O3'" . U   B 1 7  ? -5.365  2.152   8.657   1.000 56.257  0 7   U   B "O3'" 1 ? 
ATOM   241 C "C2'" . U   B 1 7  ? -2.986  2.672   8.637   1.000 58.650  0 7   U   B "C2'" 1 ? 
ATOM   242 O "O2'" . U   B 1 7  ? -3.204  3.344   9.862   1.000 59.722  0 7   U   B "O2'" 1 ? 
ATOM   243 C "C1'" . U   B 1 7  ? -1.750  1.766   8.669   1.000 56.279  0 7   U   B "C1'" 1 ? 
ATOM   244 N N1    . U   B 1 7  ? -0.914  1.883   7.464   1.000 47.490  0 7   U   B N1    1 ? 
ATOM   245 C C2    . U   B 1 7  ? -0.034  2.943   7.409   1.000 50.065  0 7   U   B C2    1 ? 
ATOM   246 O O2    . U   B 1 7  ? 0.050   3.778   8.296   1.000 60.863  0 7   U   B O2    1 ? 
ATOM   247 N N3    . U   B 1 7  ? 0.730   3.002   6.271   1.000 51.889  0 7   U   B N3    1 ? 
ATOM   248 C C4    . U   B 1 7  ? 0.705   2.133   5.202   1.000 46.331  0 7   U   B C4    1 ? 
ATOM   249 O O4    . U   B 1 7  ? 1.448   2.334   4.241   1.000 61.050  0 7   U   B O4    1 ? 
ATOM   250 C C5    . U   B 1 7  ? -0.238  1.063   5.327   1.000 48.829  0 7   U   B C5    1 ? 
ATOM   251 C C6    . U   B 1 7  ? -1.010  0.987   6.419   1.000 43.777  0 7   U   B C6    1 ? 
ATOM   252 P P     . U   B 1 8  ? -6.338  2.892   7.592   1.000 70.923  0 8   U   B P     1 ? 
ATOM   253 O OP1   . U   B 1 8  ? -7.656  3.098   8.261   1.000 68.407  0 8   U   B OP1   1 ? 
ATOM   254 O OP2   . U   B 1 8  ? -6.315  2.143   6.306   1.000 65.717  0 8   U   B OP2   1 ? 
ATOM   255 O "O5'" . U   B 1 8  ? -5.633  4.304   7.367   1.000 61.928  0 8   U   B "O5'" 1 ? 
ATOM   256 C "C5'" . U   B 1 8  ? -5.668  5.295   8.416   1.000 59.049  0 8   U   B "C5'" 1 ? 
ATOM   257 C "C4'" . U   B 1 8  ? -4.950  6.552   7.989   1.000 53.756  0 8   U   B "C4'" 1 ? 
ATOM   258 O "O4'" . U   B 1 8  ? -3.520  6.300   7.935   1.000 56.015  0 8   U   B "O4'" 1 ? 
ATOM   259 C "C3'" . U   B 1 8  ? -5.267  7.082   6.599   1.000 55.852  0 8   U   B "C3'" 1 ? 
ATOM   260 O "O3'" . U   B 1 8  ? -6.470  7.842   6.530   1.000 53.733  0 8   U   B "O3'" 1 ? 
ATOM   261 C "C2'" . U   B 1 8  ? -4.060  7.967   6.345   1.000 53.028  0 8   U   B "C2'" 1 ? 
ATOM   262 O "O2'" . U   B 1 8  ? -4.129  9.225   6.993   1.000 48.672  0 8   U   B "O2'" 1 ? 
ATOM   263 C "C1'" . U   B 1 8  ? -2.937  7.103   6.915   1.000 54.906  0 8   U   B "C1'" 1 ? 
ATOM   264 N N1    . U   B 1 8  ? -2.333  6.230   5.892   1.000 56.805  0 8   U   B N1    1 ? 
ATOM   265 C C2    . U   B 1 8  ? -1.295  6.755   5.147   1.000 52.013  0 8   U   B C2    1 ? 
ATOM   266 O O2    . U   B 1 8  ? -0.872  7.887   5.305   1.000 52.698  0 8   U   B O2    1 ? 
ATOM   267 N N3    . U   B 1 8  ? -0.776  5.907   4.199   1.000 53.921  0 8   U   B N3    1 ? 
ATOM   268 C C4    . U   B 1 8  ? -1.176  4.614   3.926   1.000 54.636  0 8   U   B C4    1 ? 
ATOM   269 O O4    . U   B 1 8  ? -0.616  3.983   3.030   1.000 51.709  0 8   U   B O4    1 ? 
ATOM   270 C C5    . U   B 1 8  ? -2.267  4.145   4.728   1.000 55.092  0 8   U   B C5    1 ? 
ATOM   271 C C6    . U   B 1 8  ? -2.801  4.951   5.656   1.000 58.453  0 8   U   B C6    1 ? 
ATOM   272 P P     . A   B 1 9  ? -7.331  7.894   5.174   1.000 54.848  0 9   A   B P     1 ? 
ATOM   273 O OP1   . A   B 1 9  ? -8.615  8.560   5.489   1.000 49.272  0 9   A   B OP1   1 ? 
ATOM   274 O OP2   . A   B 1 9  ? -7.330  6.547   4.571   1.000 47.323  0 9   A   B OP2   1 ? 
ATOM   275 O "O5'" . A   B 1 9  ? -6.491  8.850   4.217   1.000 52.274  0 9   A   B "O5'" 1 ? 
ATOM   276 C "C5'" . A   B 1 9  ? -6.559  10.266  4.369   1.000 48.752  0 9   A   B "C5'" 1 ? 
ATOM   277 C "C4'" . A   B 1 9  ? -5.403  10.924  3.668   1.000 46.924  0 9   A   B "C4'" 1 ? 
ATOM   278 O "O4'" . A   B 1 9  ? -4.164  10.238  3.956   1.000 46.550  0 9   A   B "O4'" 1 ? 
ATOM   279 C "C3'" . A   B 1 9  ? -5.466  10.882  2.154   1.000 47.990  0 9   A   B "C3'" 1 ? 
ATOM   280 O "O3'" . A   B 1 9  ? -6.445  11.833  1.802   1.000 50.137  0 9   A   B "O3'" 1 ? 
ATOM   281 C "C2'" . A   B 1 9  ? -4.015  11.169  1.783   1.000 53.006  0 9   A   B "C2'" 1 ? 
ATOM   282 O "O2'" . A   B 1 9  ? -3.536  12.504  1.815   1.000 59.162  0 9   A   B "O2'" 1 ? 
ATOM   283 C "C1'" . A   B 1 9  ? -3.287  10.356  2.847   1.000 48.500  0 9   A   B "C1'" 1 ? 
ATOM   284 N N9    . A   B 1 9  ? -2.975  9.012   2.378   1.000 50.190  0 9   A   B N9    1 ? 
ATOM   285 C C8    . A   B 1 9  ? -3.603  7.836   2.704   1.000 49.615  0 9   A   B C8    1 ? 
ATOM   286 N N7    . A   B 1 9  ? -3.087  6.784   2.120   1.000 49.621  0 9   A   B N7    1 ? 
ATOM   287 C C5    . A   B 1 9  ? -2.060  7.305   1.345   1.000 50.490  0 9   A   B C5    1 ? 
ATOM   288 C C6    . A   B 1 9  ? -1.123  6.700   0.495   1.000 49.809  0 9   A   B C6    1 ? 
ATOM   289 N N6    . A   B 1 9  ? -1.090  5.390   0.248   1.000 47.557  0 9   A   B N6    1 ? 
ATOM   290 N N1    . A   B 1 9  ? -0.228  7.501   -0.124  1.000 49.859  0 9   A   B N1    1 ? 
ATOM   291 C C2    . A   B 1 9  ? -0.273  8.820   0.116   1.000 47.798  0 9   A   B C2    1 ? 
ATOM   292 N N3    . A   B 1 9  ? -1.097  9.501   0.906   1.000 41.492  0 9   A   B N3    1 ? 
ATOM   293 C C4    . A   B 1 9  ? -1.973  8.673   1.502   1.000 43.786  0 9   A   B C4    1 ? 
ATOM   294 P P     . A   B 1 10 ? -7.259  11.682  0.430   1.000 48.365  0 10  A   B P     1 ? 
ATOM   295 O OP1   . A   B 1 10 ? -8.086  12.905  0.303   1.000 49.450  0 10  A   B OP1   1 ? 
ATOM   296 O OP2   . A   B 1 10 ? -7.878  10.348  0.419   1.000 42.965  0 10  A   B OP2   1 ? 
ATOM   297 O "O5'" . A   B 1 10 ? -6.132  11.785  -0.696  1.000 45.530  0 10  A   B "O5'" 1 ? 
ATOM   298 C "C5'" . A   B 1 10 ? -5.615  13.087  -1.009  1.000 47.074  0 10  A   B "C5'" 1 ? 
ATOM   299 C "C4'" . A   B 1 10 ? -4.522  12.993  -2.039  1.000 53.473  0 10  A   B "C4'" 1 ? 
ATOM   300 O "O4'" . A   B 1 10 ? -3.392  12.237  -1.516  1.000 46.849  0 10  A   B "O4'" 1 ? 
ATOM   301 C "C3'" . A   B 1 10 ? -4.873  12.244  -3.317  1.000 55.082  0 10  A   B "C3'" 1 ? 
ATOM   302 O "O3'" . A   B 1 10 ? -5.701  12.970  -4.207  1.000 59.504  0 10  A   B "O3'" 1 ? 
ATOM   303 C "C2'" . A   B 1 10 ? -3.484  11.935  -3.852  1.000 56.533  0 10  A   B "C2'" 1 ? 
ATOM   304 O "O2'" . A   B 1 10 ? -2.819  13.085  -4.345  1.000 66.529  0 10  A   B "O2'" 1 ? 
ATOM   305 C "C1'" . A   B 1 10 ? -2.811  11.463  -2.572  1.000 53.362  0 10  A   B "C1'" 1 ? 
ATOM   306 N N9    . A   B 1 10 ? -2.997  10.030  -2.298  1.000 46.107  0 10  A   B N9    1 ? 
ATOM   307 C C8    . A   B 1 10 ? -3.785  9.413   -1.354  1.000 48.465  0 10  A   B C8    1 ? 
ATOM   308 N N7    . A   B 1 10 ? -3.702  8.105   -1.370  1.000 46.566  0 10  A   B N7    1 ? 
ATOM   309 C C5    . A   B 1 10 ? -2.779  7.842   -2.373  1.000 44.366  0 10  A   B C5    1 ? 
ATOM   310 C C6    . A   B 1 10 ? -2.243  6.645   -2.877  1.000 44.699  0 10  A   B C6    1 ? 
ATOM   311 N N6    . A   B 1 10 ? -2.566  5.433   -2.414  1.000 49.125  0 10  A   B N6    1 ? 
ATOM   312 N N1    . A   B 1 10 ? -1.334  6.737   -3.872  1.000 44.937  0 10  A   B N1    1 ? 
ATOM   313 C C2    . A   B 1 10 ? -1.015  7.948   -4.343  1.000 44.516  0 10  A   B C2    1 ? 
ATOM   314 N N3    . A   B 1 10 ? -1.454  9.140   -3.958  1.000 45.745  0 10  A   B N3    1 ? 
ATOM   315 C C4    . A   B 1 10 ? -2.339  9.019   -2.954  1.000 46.255  0 10  A   B C4    1 ? 
ATOM   316 P P     . G   B 1 11 ? -6.681  12.181  -5.207  1.000 59.400  0 11  G   B P     1 ? 
ATOM   317 O OP1   . G   B 1 11 ? -7.412  13.213  -6.023  1.000 68.823  0 11  G   B OP1   1 ? 
ATOM   318 O OP2   . G   B 1 11 ? -7.571  11.234  -4.409  1.000 61.599  0 11  G   B OP2   1 ? 
ATOM   319 O "O5'" . G   B 1 11 ? -5.673  11.340  -6.197  1.000 55.214  0 11  G   B "O5'" 1 ? 
ATOM   320 C "C5'" . G   B 1 11 ? -4.827  12.128  -7.093  1.000 55.196  0 11  G   B "C5'" 1 ? 
ATOM   321 C "C4'" . G   B 1 11 ? -3.873  11.276  -7.901  1.000 48.806  0 11  G   B "C4'" 1 ? 
ATOM   322 O "O4'" . G   B 1 11 ? -2.968  10.568  -7.020  1.000 46.114  0 11  G   B "O4'" 1 ? 
ATOM   323 C "C3'" . G   B 1 11 ? -4.477  10.161  -8.762  1.000 50.191  0 11  G   B "C3'" 1 ? 
ATOM   324 O "O3'" . G   B 1 11 ? -4.890  10.577  -10.050 1.000 55.034  0 11  G   B "O3'" 1 ? 
ATOM   325 C "C2'" . G   B 1 11 ? -3.269  9.245   -8.942  1.000 49.504  0 11  G   B "C2'" 1 ? 
ATOM   326 O "O2'" . G   B 1 11 ? -2.263  9.724   -9.812  1.000 47.182  0 11  G   B "O2'" 1 ? 
ATOM   327 C "C1'" . G   B 1 11 ? -2.760  9.263   -7.514  1.000 46.712  0 11  G   B "C1'" 1 ? 
ATOM   328 N N9    . G   B 1 11 ? -3.446  8.279   -6.689  1.000 51.527  0 11  G   B N9    1 ? 
ATOM   329 C C8    . G   B 1 11 ? -4.447  8.424   -5.751  1.000 40.896  0 11  G   B C8    1 ? 
ATOM   330 N N7    . G   B 1 11 ? -4.815  7.284   -5.214  1.000 42.285  0 11  G   B N7    1 ? 
ATOM   331 C C5    . G   B 1 11 ? -4.005  6.339   -5.846  1.000 45.708  0 11  G   B C5    1 ? 
ATOM   332 C C6    . G   B 1 11 ? -3.925  4.935   -5.679  1.000 47.432  0 11  G   B C6    1 ? 
ATOM   333 O O6    . G   B 1 11 ? -4.579  4.236   -4.897  1.000 52.399  0 11  G   B O6    1 ? 
ATOM   334 N N1    . G   B 1 11 ? -2.945  4.365   -6.512  1.000 51.538  0 11  G   B N1    1 ? 
ATOM   335 C C2    . G   B 1 11 ? -2.151  5.058   -7.403  1.000 47.984  0 11  G   B C2    1 ? 
ATOM   336 N N2    . G   B 1 11 ? -1.265  4.356   -8.120  1.000 51.993  0 11  G   B N2    1 ? 
ATOM   337 N N3    . G   B 1 11 ? -2.222  6.376   -7.558  1.000 51.287  0 11  G   B N3    1 ? 
ATOM   338 C C4    . G   B 1 11 ? -3.152  6.940   -6.743  1.000 46.770  0 11  G   B C4    1 ? 
ATOM   339 P P     . U   B 1 12 ? -6.211  9.954   -10.668 1.000 63.175  0 12  U   B P     1 ? 
ATOM   340 O OP1   . U   B 1 12 ? -6.775  10.959  -11.608 1.000 78.428  0 12  U   B OP1   1 ? 
ATOM   341 O OP2   . U   B 1 12 ? -7.046  9.456   -9.531  1.000 57.726  0 12  U   B OP2   1 ? 
ATOM   342 O "O5'" . U   B 1 12 ? -5.662  8.712   -11.525 1.000 54.839  0 12  U   B "O5'" 1 ? 
ATOM   343 C "C5'" . U   B 1 12 ? -4.424  8.789   -12.285 1.000 57.645  0 12  U   B "C5'" 1 ? 
ATOM   344 C "C4'" . U   B 1 12 ? -3.877  7.402   -12.580 1.000 57.555  0 12  U   B "C4'" 1 ? 
ATOM   345 O "O4'" . U   B 1 12 ? -3.334  6.772   -11.382 1.000 51.855  0 12  U   B "O4'" 1 ? 
ATOM   346 C "C3'" . U   B 1 12 ? -4.895  6.381   -13.053 1.000 57.526  0 12  U   B "C3'" 1 ? 
ATOM   347 O "O3'" . U   B 1 12 ? -5.288  6.551   -14.402 1.000 58.594  0 12  U   B "O3'" 1 ? 
ATOM   348 C "C2'" . U   B 1 12 ? -4.143  5.075   -12.828 1.000 50.140  0 12  U   B "C2'" 1 ? 
ATOM   349 O "O2'" . U   B 1 12 ? -3.251  4.825   -13.884 1.000 43.326  0 12  U   B "O2'" 1 ? 
ATOM   350 C "C1'" . U   B 1 12 ? -3.464  5.350   -11.488 1.000 49.244  0 12  U   B "C1'" 1 ? 
ATOM   351 N N1    . U   B 1 12 ? -4.288  4.863   -10.368 1.000 47.596  0 12  U   B N1    1 ? 
ATOM   352 C C2    . U   B 1 12 ? -4.121  3.546   -9.956  1.000 53.269  0 12  U   B C2    1 ? 
ATOM   353 O O2    . U   B 1 12 ? -3.282  2.793   -10.444 1.000 51.081  0 12  U   B O2    1 ? 
ATOM   354 N N3    . U   B 1 12 ? -4.948  3.156   -8.931  1.000 51.351  0 12  U   B N3    1 ? 
ATOM   355 C C4    . U   B 1 12 ? -5.911  3.922   -8.297  1.000 49.883  0 12  U   B C4    1 ? 
ATOM   356 O O4    . U   B 1 12 ? -6.565  3.430   -7.379  1.000 49.520  0 12  U   B O4    1 ? 
ATOM   357 C C5    . U   B 1 12 ? -6.035  5.266   -8.793  1.000 40.912  0 12  U   B C5    1 ? 
ATOM   358 C C6    . U   B 1 12 ? -5.262  5.670   -9.805  1.000 43.873  0 12  U   B C6    1 ? 
ATOM   359 P P     . C   B 1 13 ? -6.754  6.091   -14.841 1.000 69.165  0 13  C   B P     1 ? 
ATOM   360 O OP1   . C   B 1 13 ? -6.916  6.426   -16.280 1.000 70.910  0 13  C   B OP1   1 ? 
ATOM   361 O OP2   . C   B 1 13 ? -7.722  6.620   -13.828 1.000 74.513  0 13  C   B OP2   1 ? 
ATOM   362 O "O5'" . C   B 1 13 ? -6.750  4.502   -14.655 1.000 63.486  0 13  C   B "O5'" 1 ? 
ATOM   363 C "C5'" . C   B 1 13 ? -6.034  3.620   -15.539 1.000 58.320  0 13  C   B "C5'" 1 ? 
ATOM   364 C "C4'" . C   B 1 13 ? -5.896  2.226   -14.941 1.000 55.143  0 13  C   B "C4'" 1 ? 
ATOM   365 O "O4'" . C   B 1 13 ? -5.493  2.283   -13.542 1.000 56.084  0 13  C   B "O4'" 1 ? 
ATOM   366 C "C3'" . C   B 1 13 ? -7.144  1.369   -14.862 1.000 59.054  0 13  C   B "C3'" 1 ? 
ATOM   367 O "O3'" . C   B 1 13 ? -7.570  0.898   -16.139 1.000 62.957  0 13  C   B "O3'" 1 ? 
ATOM   368 C "C2'" . C   B 1 13 ? -6.667  0.272   -13.912 1.000 51.606  0 13  C   B "C2'" 1 ? 
ATOM   369 O "O2'" . C   B 1 13 ? -5.779  -0.704  -14.414 1.000 44.431  0 13  C   B "O2'" 1 ? 
ATOM   370 C "C1'" . C   B 1 13 ? -5.925  1.108   -12.873 1.000 45.178  0 13  C   B "C1'" 1 ? 
ATOM   371 N N1    . C   B 1 13 ? -6.821  1.481   -11.763 1.000 35.461  0 13  C   B N1    1 ? 
ATOM   372 C C2    . C   B 1 13 ? -7.130  0.502   -10.820 1.000 35.548  0 13  C   B C2    1 ? 
ATOM   373 O O2    . C   B 1 13 ? -6.627  -0.630  -10.943 1.000 34.443  0 13  C   B O2    1 ? 
ATOM   374 N N3    . C   B 1 13 ? -7.966  0.803   -9.800  1.000 35.200  0 13  C   B N3    1 ? 
ATOM   375 C C4    . C   B 1 13 ? -8.519  2.017   -9.729  1.000 38.314  0 13  C   B C4    1 ? 
ATOM   376 N N4    . C   B 1 13 ? -9.352  2.266   -8.717  1.000 37.117  0 13  C   B N4    1 ? 
ATOM   377 C C5    . C   B 1 13 ? -8.243  3.029   -10.696 1.000 40.455  0 13  C   B C5    1 ? 
ATOM   378 C C6    . C   B 1 13 ? -7.389  2.723   -11.682 1.000 37.226  0 13  C   B C6    1 ? 
HETATM 379 O "O5'" . LCC C 2 .  ? -14.111 -4.354  0.136   1.000 51.647  0 101 LCC A "O5'" 1 ? 
HETATM 380 C "C5'" . LCC C 2 .  ? -14.902 -5.437  -0.394  1.000 46.611  0 101 LCC A "C5'" 1 ? 
HETATM 381 C "C4'" . LCC C 2 .  ? -14.272 -5.834  -1.721  1.000 39.716  0 101 LCC A "C4'" 1 ? 
HETATM 382 O "O4'" . LCC C 2 .  ? -14.827 -5.075  -2.840  1.000 41.221  0 101 LCC A "O4'" 1 ? 
HETATM 383 C "C1'" . LCC C 2 .  ? -13.941 -5.328  -3.900  1.000 36.437  0 101 LCC A "C1'" 1 ? 
HETATM 384 N N1    . LCC C 2 .  ? -13.579 -3.967  -4.347  1.000 44.347  0 101 LCC A N1    1 ? 
HETATM 385 C C6    . LCC C 2 .  ? -13.798 -2.840  -3.512  1.000 42.158  0 101 LCC A C6    1 ? 
HETATM 386 C C5    . LCC C 2 .  ? -13.479 -1.585  -4.028  1.000 38.332  0 101 LCC A C5    1 ? 
HETATM 387 C C5M   . LCC C 2 .  ? -13.660 -0.523  -3.159  1.000 44.431  0 101 LCC A C5M   1 ? 
HETATM 388 C C4    . LCC C 2 .  ? -12.971 -1.480  -5.349  1.000 44.046  0 101 LCC A C4    1 ? 
HETATM 389 N N4    . LCC C 2 .  ? -12.652 -0.290  -5.905  1.000 47.181  0 101 LCC A N4    1 ? 
HETATM 390 N N3    . LCC C 2 .  ? -12.818 -2.580  -6.104  1.000 45.515  0 101 LCC A N3    1 ? 
HETATM 391 C C2    . LCC C 2 .  ? -13.106 -3.803  -5.609  1.000 40.653  0 101 LCC A C2    1 ? 
HETATM 392 O O2    . LCC C 2 .  ? -12.945 -4.789  -6.338  1.000 41.357  0 101 LCC A O2    1 ? 
HETATM 393 C "C3'" . LCC C 2 .  ? -12.836 -5.576  -1.895  1.000 35.065  0 101 LCC A "C3'" 1 ? 
HETATM 394 C "C2'" . LCC C 2 .  ? -12.840 -6.137  -3.273  1.000 37.283  0 101 LCC A "C2'" 1 ? 
HETATM 395 O "O2'" . LCC C 2 .  ? -13.250 -7.517  -2.981  1.000 33.967  0 101 LCC A "O2'" 1 ? 
HETATM 396 O "O3'" . LCC C 2 .  ? -11.917 -6.357  -1.115  1.000 33.067  0 101 LCC A "O3'" 1 ? 
HETATM 397 C "C6'" . LCC C 2 .  ? -14.354 -7.362  -1.944  1.000 43.224  0 101 LCC A "C6'" 1 ? 
HETATM 398 P P     . LCC C 2 .  ? -14.888 -3.107  0.804   1.000 55.830  0 101 LCC A P     1 ? 
HETATM 399 O O1P   . LCC C 2 .  ? -14.393 -1.824  0.182   1.000 42.633  0 101 LCC A O1P   1 ? 
HETATM 400 O O2P   . LCC C 2 .  ? -14.782 -3.387  2.218   1.000 40.256  0 101 LCC A O2P   1 ? 
HETATM 401 P P     . LCG D 3 .  ? -10.452 -5.892  -0.656  1.000 41.579  0 102 LCG A P     1 ? 
HETATM 402 O OP1   . LCG D 3 .  ? -10.182 -6.976  0.341   1.000 39.064  0 102 LCG A OP1   1 ? 
HETATM 403 O "O5'" . LCG D 3 .  ? -9.569  -6.099  -1.975  1.000 42.278  0 102 LCG A "O5'" 1 ? 
HETATM 404 C "C5'" . LCG D 3 .  ? -9.550  -7.364  -2.680  1.000 41.953  0 102 LCG A "C5'" 1 ? 
HETATM 405 C "C3'" . LCG D 3 .  ? -7.670  -6.268  -3.884  1.000 38.415  0 102 LCG A "C3'" 1 ? 
HETATM 406 C "C6'" . LCG D 3 .  ? -8.345  -8.399  -4.620  1.000 44.897  0 102 LCG A "C6'" 1 ? 
HETATM 407 N N9    . LCG D 3 .  ? -9.096  -4.333  -5.674  1.000 37.887  0 102 LCG A N9    1 ? 
HETATM 408 C C8    . LCG D 3 .  ? -9.655  -3.647  -4.668  1.000 36.108  0 102 LCG A C8    1 ? 
HETATM 409 C C4    . LCG D 3 .  ? -8.802  -3.436  -6.622  1.000 36.089  0 102 LCG A C4    1 ? 
HETATM 410 N N7    . LCG D 3 .  ? -9.727  -2.346  -5.012  1.000 34.441  0 102 LCG A N7    1 ? 
HETATM 411 C C5    . LCG D 3 .  ? -9.182  -2.214  -6.213  1.000 34.001  0 102 LCG A C5    1 ? 
HETATM 412 C C6    . LCG D 3 .  ? -9.014  -1.154  -6.993  1.000 44.359  0 102 LCG A C6    1 ? 
HETATM 413 C "C2'" . LCG D 3 .  ? -7.463  -6.311  -5.349  1.000 37.980  0 102 LCG A "C2'" 1 ? 
HETATM 414 O O6    . LCG D 3 .  ? -9.377  -0.037  -6.633  1.000 46.431  0 102 LCG A O6    1 ? 
HETATM 415 C "C4'" . LCG D 3 .  ? -8.849  -7.140  -3.997  1.000 40.305  0 102 LCG A "C4'" 1 ? 
HETATM 416 C "C1'" . LCG D 3 .  ? -8.794  -5.785  -5.844  1.000 39.531  0 102 LCG A "C1'" 1 ? 
HETATM 417 C C2    . LCG D 3 .  ? -8.003  -2.626  -8.625  1.000 38.519  0 102 LCG A C2    1 ? 
HETATM 418 N N1    . LCG D 3 .  ? -8.412  -1.323  -8.249  1.000 41.044  0 102 LCG A N1    1 ? 
HETATM 419 O "O4'" . LCG D 3 .  ? -9.722  -6.417  -4.923  1.000 39.132  0 102 LCG A "O4'" 1 ? 
HETATM 420 O OP2   . LCG D 3 .  ? -10.405 -4.399  -0.313  1.000 35.436  0 102 LCG A OP2   1 ? 
HETATM 421 N N2    . LCG D 3 .  ? -7.428  -2.877  -9.788  1.000 40.549  0 102 LCG A N2    1 ? 
HETATM 422 N N3    . LCG D 3 .  ? -8.205  -3.643  -7.798  1.000 31.916  0 102 LCG A N3    1 ? 
HETATM 423 O "O2'" . LCG D 3 .  ? -7.379  -7.765  -5.595  1.000 44.881  0 102 LCG A "O2'" 1 ? 
HETATM 424 O "O3'" . LCG D 3 .  ? -6.595  -6.882  -3.083  1.000 36.892  0 102 LCG A "O3'" 1 ? 
HETATM 425 C "C1'" . TG  E 4 .  ? 8.876   -8.550  11.179  1.000 67.009  0 103 TG  A "C1'" 1 ? 
HETATM 426 C C2    . TG  E 4 .  ? 10.446  -8.199  7.218   1.000 69.465  0 103 TG  A C2    1 ? 
HETATM 427 C "C2'" . TG  E 4 .  ? 9.734   -8.972  12.363  1.000 67.873  0 103 TG  A "C2'" 1 ? 
HETATM 428 C "C3'" . TG  E 4 .  ? 8.866   -8.513  13.493  1.000 68.848  0 103 TG  A "C3'" 1 ? 
HETATM 429 C C4    . TG  E 4 .  ? 9.964   -7.349  9.345   1.000 65.312  0 103 TG  A C4    1 ? 
HETATM 430 C "C4'" . TG  E 4 .  ? 7.445   -8.835  13.045  1.000 69.794  0 103 TG  A "C4'" 1 ? 
HETATM 431 C C5    . TG  E 4 .  ? 10.494  -6.139  9.054   1.000 61.499  0 103 TG  A C5    1 ? 
HETATM 432 C C6    . TG  E 4 .  ? 11.029  -5.906  7.849   1.000 67.881  0 103 TG  A C6    1 ? 
HETATM 433 C C8    . TG  E 4 .  ? 9.777   -6.079  11.085  1.000 63.630  0 103 TG  A C8    1 ? 
HETATM 434 N N1    . TG  E 4 .  ? 11.021  -6.946  6.880   1.000 66.423  0 103 TG  A N1    1 ? 
HETATM 435 N N2    . TG  E 4 .  ? 10.417  -9.203  6.329   1.000 70.011  0 103 TG  A N2    1 ? 
HETATM 436 N N3    . TG  E 4 .  ? 9.929   -8.360  8.456   1.000 60.748  0 103 TG  A N3    1 ? 
HETATM 437 N N7    . TG  E 4 .  ? 10.378  -5.367  10.138  1.000 57.929  0 103 TG  A N7    1 ? 
HETATM 438 N N9    . TG  E 4 .  ? 9.506   -7.307  10.591  1.000 65.113  0 103 TG  A N9    1 ? 
HETATM 439 O O1P   . TG  E 4 .  ? 8.844   -7.210  16.139  1.000 73.663  0 103 TG  A O1P   1 ? 
HETATM 440 O "O2'" . TG  E 4 .  ? 9.979   -10.410 12.356  1.000 61.881  0 103 TG  A "O2'" 1 ? 
HETATM 441 O O2P   . TG  E 4 .  ? 10.505  -5.634  14.940  1.000 80.601  0 103 TG  A O2P   1 ? 
HETATM 442 O "O3'" . TG  E 4 .  ? 9.007   -7.063  13.610  1.000 72.986  0 103 TG  A "O3'" 1 ? 
HETATM 443 O "O4'" . TG  E 4 .  ? 7.509   -8.416  11.676  1.000 59.909  0 103 TG  A "O4'" 1 ? 
HETATM 444 O O6    . TG  E 4 .  ? 11.523  -4.806  7.564   1.000 70.613  0 103 TG  A O6    1 ? 
HETATM 445 P P     . TG  E 4 .  ? 9.176   -6.290  15.024  1.000 74.045  0 103 TG  A P     1 ? 
HETATM 446 N N1    . LKC F 5 .  ? 21.350  -2.136  2.984   1.000 103.116 0 104 LKC A N1    1 ? 
HETATM 447 C C2    . LKC F 5 .  ? 20.817  -3.146  3.704   1.000 101.154 0 104 LKC A C2    1 ? 
HETATM 448 N N3    . LKC F 5 .  ? 19.979  -2.917  4.726   1.000 98.740  0 104 LKC A N3    1 ? 
HETATM 449 C C4    . LKC F 5 .  ? 19.637  -1.666  5.075   1.000 106.883 0 104 LKC A C4    1 ? 
HETATM 450 C C5    . LKC F 5 .  ? 20.150  -0.575  4.380   1.000 112.262 0 104 LKC A C5    1 ? 
HETATM 451 C C6    . LKC F 5 .  ? 21.014  -0.812  3.321   1.000 105.971 0 104 LKC A C6    1 ? 
HETATM 452 O O2    . LKC F 5 .  ? 21.074  -4.317  3.442   1.000 103.919 0 104 LKC A O2    1 ? 
HETATM 453 N N4    . LKC F 5 .  ? 18.803  -1.411  6.094   1.000 100.747 0 104 LKC A N4    1 ? 
HETATM 454 C "C1'" . LKC F 5 .  ? 22.302  -2.365  1.846   1.000 107.826 0 104 LKC A "C1'" 1 ? 
HETATM 455 C "C2'" . LKC F 5 .  ? 21.828  -3.294  0.759   1.000 107.721 0 104 LKC A "C2'" 1 ? 
HETATM 456 C "C3'" . LKC F 5 .  ? 20.737  -2.449  0.283   1.000 110.895 0 104 LKC A "C3'" 1 ? 
HETATM 457 C "C4'" . LKC F 5 .  ? 21.682  -1.349  -0.111  1.000 109.679 0 104 LKC A "C4'" 1 ? 
HETATM 458 O "O4'" . LKC F 5 .  ? 22.422  -1.110  1.121   1.000 112.385 0 104 LKC A "O4'" 1 ? 
HETATM 459 O "O3'" . LKC F 5 .  ? 20.062  -3.061  -0.815  1.000 113.982 0 104 LKC A "O3'" 1 ? 
HETATM 460 C "C5'" . LKC F 5 .  ? 20.910  -0.136  -0.594  1.000 101.305 0 104 LKC A "C5'" 1 ? 
HETATM 461 O "O5'" . LKC F 5 .  ? 21.448  0.932   0.188   1.000 88.986  0 104 LKC A "O5'" 1 ? 
HETATM 462 C C5A   . LKC F 5 .  ? 19.813  0.731   4.724   1.000 119.001 0 104 LKC A C5A   1 ? 
HETATM 463 O "O2'" . LKC F 5 .  ? 22.799  -3.297  -0.359  1.000 105.786 0 104 LKC A "O2'" 1 ? 
HETATM 464 C "C6'" . LKC F 5 .  ? 22.639  -2.024  -1.116  1.000 108.738 0 104 LKC A "C6'" 1 ? 
HETATM 465 O "O5'" . LCC G 2 .  ? 18.100  -3.696  -2.632  1.000 111.372 0 105 LCC A "O5'" 1 ? 
HETATM 466 C "C5'" . LCC G 2 .  ? 18.332  -5.117  -2.530  1.000 102.452 0 105 LCC A "C5'" 1 ? 
HETATM 467 C "C4'" . LCC G 2 .  ? 17.880  -5.562  -1.147  1.000 98.388  0 105 LCC A "C4'" 1 ? 
HETATM 468 O "O4'" . LCC G 2 .  ? 18.531  -4.981  0.050   1.000 84.514  0 105 LCC A "O4'" 1 ? 
HETATM 469 C "C1'" . LCC G 2 .  ? 17.722  -5.515  1.181   1.000 85.220  0 105 LCC A "C1'" 1 ? 
HETATM 470 N N1    . LCC G 2 .  ? 17.245  -4.658  2.343   1.000 77.982  0 105 LCC A N1    1 ? 
HETATM 471 C C6    . LCC G 2 .  ? 17.235  -3.247  2.336   1.000 78.086  0 105 LCC A C6    1 ? 
HETATM 472 C C5    . LCC G 2 .  ? 16.777  -2.557  3.468   1.000 78.266  0 105 LCC A C5    1 ? 
HETATM 473 C C5M   . LCC G 2 .  ? 16.768  -1.156  3.447   1.000 75.200  0 105 LCC A C5M   1 ? 
HETATM 474 C C4    . LCC G 2 .  ? 16.348  -3.310  4.582   1.000 74.153  0 105 LCC A C4    1 ? 
HETATM 475 N N4    . LCC G 2 .  ? 15.916  -2.672  5.682   1.000 65.889  0 105 LCC A N4    1 ? 
HETATM 476 N N3    . LCC G 2 .  ? 16.378  -4.655  4.548   1.000 65.115  0 105 LCC A N3    1 ? 
HETATM 477 C C2    . LCC G 2 .  ? 16.806  -5.296  3.446   1.000 73.867  0 105 LCC A C2    1 ? 
HETATM 478 O O2    . LCC G 2 .  ? 16.812  -6.522  3.457   1.000 73.942  0 105 LCC A O2    1 ? 
HETATM 479 C "C3'" . LCC G 2 .  ? 16.441  -5.237  -0.765  1.000 99.971  0 105 LCC A "C3'" 1 ? 
HETATM 480 C "C2'" . LCC G 2 .  ? 16.540  -6.137  0.441   1.000 94.597  0 105 LCC A "C2'" 1 ? 
HETATM 481 O "O2'" . LCC G 2 .  ? 16.964  -7.400  -0.098  1.000 97.845  0 105 LCC A "O2'" 1 ? 
HETATM 482 O "O3'" . LCC G 2 .  ? 15.355  -5.631  -1.716  1.000 104.840 0 105 LCC A "O3'" 1 ? 
HETATM 483 C "C6'" . LCC G 2 .  ? 17.995  -7.086  -1.098  1.000 98.379  0 105 LCC A "C6'" 1 ? 
HETATM 484 P P     . LCC G 2 .  ? 19.107  -2.567  -2.016  1.000 112.338 0 105 LCC A P     1 ? 
HETATM 485 O O1P   . LCC G 2 .  ? 19.553  -1.618  -3.062  1.000 109.484 0 105 LCC A O1P   1 ? 
HETATM 486 O O2P   . LCC G 2 .  ? 18.485  -2.027  -0.783  1.000 108.239 0 105 LCC A O2P   1 ? 
HETATM 487 O "O5'" . LCC H 2 .  ? 12.575  -5.711  -2.078  1.000 77.185  0 106 LCC A "O5'" 1 ? 
HETATM 488 C "C5'" . LCC H 2 .  ? 12.571  -7.119  -2.323  1.000 71.352  0 106 LCC A "C5'" 1 ? 
HETATM 489 C "C4'" . LCC H 2 .  ? 12.681  -7.724  -0.935  1.000 69.418  0 106 LCC A "C4'" 1 ? 
HETATM 490 O "O4'" . LCC H 2 .  ? 13.574  -7.165  0.029   1.000 66.739  0 106 LCC A "O4'" 1 ? 
HETATM 491 C "C1'" . LCC H 2 .  ? 13.086  -7.739  1.302   1.000 60.467  0 106 LCC A "C1'" 1 ? 
HETATM 492 N N1    . LCC H 2 .  ? 12.811  -6.691  2.307   1.000 54.361  0 106 LCC A N1    1 ? 
HETATM 493 C C6    . LCC H 2 .  ? 13.279  -5.399  2.049   1.000 52.002  0 106 LCC A C6    1 ? 
HETATM 494 C C5    . LCC H 2 .  ? 13.090  -4.373  2.941   1.000 52.147  0 106 LCC A C5    1 ? 
HETATM 495 C C5M   . LCC H 2 .  ? 13.553  -3.096  2.616   1.000 55.340  0 106 LCC A C5M   1 ? 
HETATM 496 C C4    . LCC H 2 .  ? 12.418  -4.678  4.112   1.000 50.497  0 106 LCC A C4    1 ? 
HETATM 497 N N4    . LCC H 2 .  ? 12.233  -3.675  4.979   1.000 55.027  0 106 LCC A N4    1 ? 
HETATM 498 N N3    . LCC H 2 .  ? 11.990  -5.942  4.338   1.000 48.846  0 106 LCC A N3    1 ? 
HETATM 499 C C2    . LCC H 2 .  ? 12.168  -6.949  3.465   1.000 51.728  0 106 LCC A C2    1 ? 
HETATM 500 O O2    . LCC H 2 .  ? 11.744  -8.086  3.740   1.000 57.350  0 106 LCC A O2    1 ? 
HETATM 501 C "C3'" . LCC H 2 .  ? 11.397  -7.651  -0.194  1.000 68.483  0 106 LCC A "C3'" 1 ? 
HETATM 502 C "C2'" . LCC H 2 .  ? 11.852  -8.486  0.884   1.000 64.633  0 106 LCC A "C2'" 1 ? 
HETATM 503 O "O2'" . LCC H 2 .  ? 12.228  -9.677  0.144   1.000 67.781  0 106 LCC A "O2'" 1 ? 
HETATM 504 O "O3'" . LCC H 2 .  ? 10.611  -8.284  -0.993  1.000 68.237  0 106 LCC A "O3'" 1 ? 
HETATM 505 C "C6'" . LCC H 2 .  ? 12.986  -9.216  -1.040  1.000 67.166  0 106 LCC A "C6'" 1 ? 
HETATM 506 P P     . LCC H 2 .  ? 14.006  -4.916  -2.343  1.000 87.818  0 106 LCC A P     1 ? 
HETATM 507 O O1P   . LCC H 2 .  ? 13.781  -3.506  -2.333  1.000 90.558  0 106 LCC A O1P   1 ? 
HETATM 508 O O2P   . LCC H 2 .  ? 14.565  -5.695  -3.530  1.000 99.609  0 106 LCC A O2P   1 ? 
HETATM 509 N N9A   . GP3 I 6 .  ? 13.281  -8.690  9.174   1.000 63.594  0 107 GP3 A N9A   1 ? 
HETATM 510 C C8A   . GP3 I 6 .  ? 13.222  -7.805  10.166  1.000 70.649  0 107 GP3 A C8A   1 ? 
HETATM 511 N N7A   . GP3 I 6 .  ? 13.738  -6.650  9.723   1.000 74.266  0 107 GP3 A N7A   1 ? 
HETATM 512 C C5A   . GP3 I 6 .  ? 14.114  -6.809  8.457   1.000 66.495  0 107 GP3 A C5A   1 ? 
HETATM 513 C C6A   . GP3 I 6 .  ? 14.678  -5.972  7.564   1.000 64.364  0 107 GP3 A C6A   1 ? 
HETATM 514 O O6A   . GP3 I 6 .  ? 14.965  -4.792  7.819   1.000 55.470  0 107 GP3 A O6A   1 ? 
HETATM 515 N N1A   . GP3 I 6 .  ? 14.952  -6.464  6.298   1.000 59.141  0 107 GP3 A N1A   1 ? 
HETATM 516 C C2A   . GP3 I 6 .  ? 14.631  -7.799  5.980   1.000 67.215  0 107 GP3 A C2A   1 ? 
HETATM 517 N N2A   . GP3 I 6 .  ? 14.866  -8.320  4.769   1.000 65.407  0 107 GP3 A N2A   1 ? 
HETATM 518 N N3A   . GP3 I 6 .  ? 14.071  -8.569  6.910   1.000 59.731  0 107 GP3 A N3A   1 ? 
HETATM 519 C C4A   . GP3 I 6 .  ? 13.818  -8.080  8.128   1.000 65.604  0 107 GP3 A C4A   1 ? 
HETATM 520 O O5D   . GP3 I 6 .  ? 14.139  -9.572  12.511  1.000 73.292  0 107 GP3 A O5D   1 ? 
HETATM 521 C C5D   . GP3 I 6 .  ? 13.069  -10.509 12.533  1.000 69.342  0 107 GP3 A C5D   1 ? 
HETATM 522 C C4D   . GP3 I 6 .  ? 13.023  -11.129 11.177  1.000 66.067  0 107 GP3 A C4D   1 ? 
HETATM 523 O O4D   . GP3 I 6 .  ? 12.161  -10.263 10.429  1.000 61.089  0 107 GP3 A O4D   1 ? 
HETATM 524 C C3D   . GP3 I 6 .  ? 14.353  -11.097 10.417  1.000 69.745  0 107 GP3 A C3D   1 ? 
HETATM 525 O O3D   . GP3 I 6 .  ? 15.203  -12.230 10.691  1.000 81.710  0 107 GP3 A O3D   1 ? 
HETATM 526 C C2D   . GP3 I 6 .  ? 13.848  -11.159 9.023   1.000 64.566  0 107 GP3 A C2D   1 ? 
HETATM 527 O O2D   . GP3 I 6 .  ? 13.228  -12.484 8.726   1.000 61.828  0 107 GP3 A O2D   1 ? 
HETATM 528 C C1D   . GP3 I 6 .  ? 12.794  -10.084 9.153   1.000 61.086  0 107 GP3 A C1D   1 ? 
HETATM 529 P PA    . GP3 I 6 .  ? 14.235  -8.517  13.722  1.000 81.327  0 107 GP3 A PA    1 ? 
HETATM 530 O O1A   . GP3 I 6 .  ? 13.030  -7.650  13.759  1.000 75.364  0 107 GP3 A O1A   1 ? 
HETATM 531 O O2A   . GP3 I 6 .  ? 14.588  -9.328  14.900  1.000 94.429  0 107 GP3 A O2A   1 ? 
HETATM 532 O O3A   . GP3 I 6 .  ? 15.537  -7.604  13.196  1.000 103.914 0 107 GP3 A O3A   1 ? 
HETATM 533 P PB    . GP3 I 6 .  ? 16.225  -6.216  13.843  1.000 121.669 0 107 GP3 A PB    1 ? 
HETATM 534 O O1B   . GP3 I 6 .  ? 16.590  -5.243  12.779  1.000 112.325 0 107 GP3 A O1B   1 ? 
HETATM 535 O O2B   . GP3 I 6 .  ? 15.411  -5.740  14.990  1.000 116.314 0 107 GP3 A O2B   1 ? 
HETATM 536 O O3B   . GP3 I 6 .  ? 17.674  -6.791  14.392  1.000 110.181 0 107 GP3 A O3B   1 ? 
HETATM 537 P PG    . GP3 I 6 .  ? 18.790  -7.500  13.426  1.000 97.080  0 107 GP3 A PG    1 ? 
HETATM 538 O O1G   . GP3 I 6 .  ? 19.354  -6.502  12.493  1.000 90.541  0 107 GP3 A O1G   1 ? 
HETATM 539 O O2G   . GP3 I 6 .  ? 19.695  -8.273  14.299  1.000 101.664 0 107 GP3 A O2G   1 ? 
HETATM 540 O O5E   . GP3 I 6 .  ? 17.917  -8.562  12.546  1.000 101.397 0 107 GP3 A O5E   1 ? 
HETATM 541 C C5E   . GP3 I 6 .  ? 18.299  -9.923  12.288  1.000 101.802 0 107 GP3 A C5E   1 ? 
HETATM 542 C C4E   . GP3 I 6 .  ? 17.984  -10.307 10.824  1.000 106.180 0 107 GP3 A C4E   1 ? 
HETATM 543 O O4E   . GP3 I 6 .  ? 16.887  -9.534  10.257  1.000 102.076 0 107 GP3 A O4E   1 ? 
HETATM 544 C C3E   . GP3 I 6 .  ? 19.182  -9.980  9.944   1.000 106.802 0 107 GP3 A C3E   1 ? 
HETATM 545 O O3E   . GP3 I 6 .  ? 20.111  -11.074 9.932   1.000 114.600 0 107 GP3 A O3E   1 ? 
HETATM 546 C C2E   . GP3 I 6 .  ? 18.562  -9.768  8.583   1.000 98.514  0 107 GP3 A C2E   1 ? 
HETATM 547 O O2E   . GP3 I 6 .  ? 18.223  -11.023 7.966   1.000 87.235  0 107 GP3 A O2E   1 ? 
HETATM 548 C C1E   . GP3 I 6 .  ? 17.322  -8.968  8.975   1.000 92.819  0 107 GP3 A C1E   1 ? 
HETATM 549 N N9B   . GP3 I 6 .  ? 17.578  -7.480  9.139   1.000 85.582  0 107 GP3 A N9B   1 ? 
HETATM 550 C C8B   . GP3 I 6 .  ? 17.376  -6.757  10.240  1.000 81.240  0 107 GP3 A C8B   1 ? 
HETATM 551 N N7B   . GP3 I 6 .  ? 17.709  -5.491  10.000  1.000 81.610  0 107 GP3 A N7B   1 ? 
HETATM 552 C C5B   . GP3 I 6 .  ? 18.112  -5.417  8.734   1.000 81.564  0 107 GP3 A C5B   1 ? 
HETATM 553 C C6B   . GP3 I 6 .  ? 18.540  -4.387  7.998   1.000 82.495  0 107 GP3 A C6B   1 ? 
HETATM 554 O O6B   . GP3 I 6 .  ? 18.614  -3.253  8.471   1.000 88.308  0 107 GP3 A O6B   1 ? 
HETATM 555 N N1B   . GP3 I 6 .  ? 18.914  -4.604  6.666   1.000 80.102  0 107 GP3 A N1B   1 ? 
HETATM 556 C C2B   . GP3 I 6 .  ? 18.817  -5.887  6.142   1.000 73.400  0 107 GP3 A C2B   1 ? 
HETATM 557 N N2B   . GP3 I 6 .  ? 19.158  -6.128  4.886   1.000 62.365  0 107 GP3 A N2B   1 ? 
HETATM 558 N N3B   . GP3 I 6 .  ? 18.381  -6.881  6.928   1.000 78.762  0 107 GP3 A N3B   1 ? 
HETATM 559 C C4B   . GP3 I 6 .  ? 18.029  -6.647  8.205   1.000 80.906  0 107 GP3 A C4B   1 ? 
HETATM 560 N N1    . LKC J 5 .  ? -21.215 2.773   -2.483  1.000 51.215  0 101 LKC B N1    1 ? 
HETATM 561 C C2    . LKC J 5 .  ? -20.847 2.075   -3.581  1.000 59.162  0 101 LKC B C2    1 ? 
HETATM 562 N N3    . LKC J 5 .  ? -20.074 2.676   -4.508  1.000 60.062  0 101 LKC B N3    1 ? 
HETATM 563 C C4    . LKC J 5 .  ? -19.689 3.965   -4.382  1.000 62.715  0 101 LKC B C4    1 ? 
HETATM 564 C C5    . LKC J 5 .  ? -20.047 4.702   -3.260  1.000 61.345  0 101 LKC B C5    1 ? 
HETATM 565 C C6    . LKC J 5 .  ? -20.824 4.091   -2.300  1.000 53.525  0 101 LKC B C6    1 ? 
HETATM 566 O O2    . LKC J 5 .  ? -21.198 0.890   -3.763  1.000 42.912  0 101 LKC B O2    1 ? 
HETATM 567 N N4    . LKC J 5 .  ? -18.931 4.594   -5.283  1.000 60.421  0 101 LKC B N4    1 ? 
HETATM 568 C "C1'" . LKC J 5 .  ? -22.061 2.173   -1.431  1.000 47.132  0 101 LKC B "C1'" 1 ? 
HETATM 569 C "C2'" . LKC J 5 .  ? -21.304 1.218   -0.497  1.000 42.761  0 101 LKC B "C2'" 1 ? 
HETATM 570 C "C3'" . LKC J 5 .  ? -20.923 2.259   0.598   1.000 41.678  0 101 LKC B "C3'" 1 ? 
HETATM 571 C "C4'" . LKC J 5 .  ? -22.381 2.526   0.832   1.000 41.081  0 101 LKC B "C4'" 1 ? 
HETATM 572 O "O4'" . LKC J 5 .  ? -22.603 3.210   -0.470  1.000 45.490  0 101 LKC B "O4'" 1 ? 
HETATM 573 O "O3'" . LKC J 5 .  ? -20.150 1.791   1.763   1.000 43.526  0 101 LKC B "O3'" 1 ? 
HETATM 574 C "C5'" . LKC J 5 .  ? -22.654 3.403   2.010   1.000 42.226  0 101 LKC B "C5'" 1 ? 
HETATM 575 O "O5'" . LKC J 5 .  ? -22.020 4.671   1.616   1.000 38.139  0 101 LKC B "O5'" 1 ? 
HETATM 576 C C5A   . LKC J 5 .  ? -19.652 6.021   -3.070  1.000 67.258  0 101 LKC B C5A   1 ? 
HETATM 577 O "O2'" . LKC J 5 .  ? -22.244 0.268   0.142   1.000 40.369  0 101 LKC B "O2'" 1 ? 
HETATM 578 C "C6'" . LKC J 5 .  ? -23.172 1.172   0.847   1.000 41.830  0 101 LKC B "C6'" 1 ? 
HETATM 579 O "O5'" . LCC K 2 .  ? -18.164 -0.265  1.678   1.000 50.118  0 102 LCC B "O5'" 1 ? 
HETATM 580 C "C5'" . LCC K 2 .  ? -19.174 -1.274  1.371   1.000 45.370  0 102 LCC B "C5'" 1 ? 
HETATM 581 C "C4'" . LCC K 2 .  ? -18.778 -2.052  0.139   1.000 41.986  0 102 LCC B "C4'" 1 ? 
HETATM 582 O "O4'" . LCC K 2 .  ? -19.271 -1.538  -1.097  1.000 41.112  0 102 LCC B "O4'" 1 ? 
HETATM 583 C "C1'" . LCC K 2 .  ? -18.505 -2.277  -2.127  1.000 41.877  0 102 LCC B "C1'" 1 ? 
HETATM 584 N N1    . LCC K 2 .  ? -17.781 -1.383  -3.037  1.000 49.591  0 102 LCC B N1    1 ? 
HETATM 585 C C6    . LCC K 2 .  ? -17.652 -0.012  -2.670  1.000 49.526  0 102 LCC B C6    1 ? 
HETATM 586 C C5    . LCC K 2 .  ? -17.008 0.857   -3.528  1.000 45.043  0 102 LCC B C5    1 ? 
HETATM 587 C C5M   . LCC K 2 .  ? -16.854 2.205   -3.205  1.000 50.727  0 102 LCC B C5M   1 ? 
HETATM 588 C C4    . LCC K 2 .  ? -16.494 0.329   -4.700  1.000 44.306  0 102 LCC B C4    1 ? 
HETATM 589 N N4    . LCC K 2 .  ? -15.881 1.171   -5.546  1.000 36.106  0 102 LCC B N4    1 ? 
HETATM 590 N N3    . LCC K 2 .  ? -16.648 -0.989  -5.020  1.000 39.802  0 102 LCC B N3    1 ? 
HETATM 591 C C2    . LCC K 2 .  ? -17.257 -1.835  -4.218  1.000 37.923  0 102 LCC B C2    1 ? 
HETATM 592 O O2    . LCC K 2 .  ? -17.327 -2.996  -4.611  1.000 41.373  0 102 LCC B O2    1 ? 
HETATM 593 C "C3'" . LCC K 2 .  ? -17.303 -2.189  -0.159  1.000 40.928  0 102 LCC B "C3'" 1 ? 
HETATM 594 C "C2'" . LCC K 2 .  ? -17.582 -3.101  -1.317  1.000 44.568  0 102 LCC B "C2'" 1 ? 
HETATM 595 O "O2'" . LCC K 2 .  ? -18.290 -4.162  -0.651  1.000 37.308  0 102 LCC B "O2'" 1 ? 
HETATM 596 O "O3'" . LCC K 2 .  ? -16.519 -2.910  0.816   1.000 43.856  0 102 LCC B "O3'" 1 ? 
HETATM 597 C "C6'" . LCC K 2 .  ? -19.314 -3.488  0.197   1.000 44.765  0 102 LCC B "C6'" 1 ? 
HETATM 598 P P     . LCC K 2 .  ? -18.624 1.287   2.094   1.000 50.653  0 102 LCC B P     1 ? 
HETATM 599 O O1P   . LCC K 2 .  ? -18.135 2.292   1.100   1.000 44.739  0 102 LCC B O1P   1 ? 
HETATM 600 O O2P   . LCC K 2 .  ? -18.381 1.481   3.543   1.000 56.126  0 102 LCC B O2P   1 ? 
HETATM 601 N N9A   . GP3 L 6 .  ? -14.311 -2.665  -11.217 1.000 38.491  0 103 GP3 B N9A   1 ? 
HETATM 602 C C8A   . GP3 L 6 .  ? -14.173 -1.450  -11.816 1.000 40.317  0 103 GP3 B C8A   1 ? 
HETATM 603 N N7A   . GP3 L 6 .  ? -14.549 -0.525  -10.939 1.000 44.746  0 103 GP3 B N7A   1 ? 
HETATM 604 C C5A   . GP3 L 6 .  ? -14.881 -1.174  -9.823  1.000 42.978  0 103 GP3 B C5A   1 ? 
HETATM 605 C C6A   . GP3 L 6 .  ? -15.300 -0.746  -8.654  1.000 44.563  0 103 GP3 B C6A   1 ? 
HETATM 606 O O6A   . GP3 L 6 .  ? -15.411 0.443   -8.412  1.000 47.079  0 103 GP3 B O6A   1 ? 
HETATM 607 N N1A   . GP3 L 6 .  ? -15.632 -1.664  -7.670  1.000 47.708  0 103 GP3 B N1A   1 ? 
HETATM 608 C C2A   . GP3 L 6 .  ? -15.484 -3.030  -7.906  1.000 36.023  0 103 GP3 B C2A   1 ? 
HETATM 609 N N2A   . GP3 L 6 .  ? -15.766 -3.922  -6.973  1.000 32.481  0 103 GP3 B N2A   1 ? 
HETATM 610 N N3A   . GP3 L 6 .  ? -15.045 -3.417  -9.085  1.000 37.583  0 103 GP3 B N3A   1 ? 
HETATM 611 C C4A   . GP3 L 6 .  ? -14.757 -2.488  -10.009 1.000 37.413  0 103 GP3 B C4A   1 ? 
HETATM 612 O O5D   . GP3 L 6 .  ? -14.869 -2.435  -14.715 1.000 46.168  0 103 GP3 B O5D   1 ? 
HETATM 613 C C5D   . GP3 L 6 .  ? -14.559 -3.752  -15.238 1.000 49.020  0 103 GP3 B C5D   1 ? 
HETATM 614 C C4D   . GP3 L 6 .  ? -14.355 -4.616  -14.019 1.000 44.194  0 103 GP3 B C4D   1 ? 
HETATM 615 O O4D   . GP3 L 6 .  ? -13.622 -3.818  -13.091 1.000 39.430  0 103 GP3 B O4D   1 ? 
HETATM 616 C C3D   . GP3 L 6 .  ? -15.685 -4.844  -13.320 1.000 45.497  0 103 GP3 B C3D   1 ? 
HETATM 617 O O3D   . GP3 L 6 .  ? -16.340 -5.975  -13.810 1.000 50.917  0 103 GP3 B O3D   1 ? 
HETATM 618 C C2D   . GP3 L 6 .  ? -15.290 -5.009  -11.854 1.000 47.733  0 103 GP3 B C2D   1 ? 
HETATM 619 O O2D   . GP3 L 6 .  ? -14.951 -6.378  -11.501 1.000 53.914  0 103 GP3 B O2D   1 ? 
HETATM 620 C C1D   . GP3 L 6 .  ? -14.075 -4.092  -11.758 1.000 42.689  0 103 GP3 B C1D   1 ? 
HETATM 621 P PA    . GP3 L 6 .  ? -15.119 -1.086  -15.688 1.000 48.193  0 103 GP3 B PA    1 ? 
HETATM 622 O O1A   . GP3 L 6 .  ? -13.868 -0.326  -15.843 1.000 53.324  0 103 GP3 B O1A   1 ? 
HETATM 623 O O2A   . GP3 L 6 .  ? -15.936 -1.452  -16.851 1.000 46.092  0 103 GP3 B O2A   1 ? 
HETATM 624 O O3A   . GP3 L 6 .  ? -16.133 -0.301  -14.599 1.000 57.078  0 103 GP3 B O3A   1 ? 
HETATM 625 P PB    . GP3 L 6 .  ? -16.981 1.090   -14.740 1.000 63.763  0 103 GP3 B PB    1 ? 
HETATM 626 O O1B   . GP3 L 6 .  ? -16.657 1.814   -13.461 1.000 63.091  0 103 GP3 B O1B   1 ? 
HETATM 627 O O2B   . GP3 L 6 .  ? -16.717 1.703   -16.069 1.000 55.389  0 103 GP3 B O2B   1 ? 
HETATM 628 O O3B   . GP3 L 6 .  ? -18.625 0.875   -14.730 1.000 53.019  0 103 GP3 B O3B   1 ? 
HETATM 629 P PG    . GP3 L 6 .  ? -19.352 -0.525  -15.105 1.000 61.283  0 103 GP3 B PG    1 ? 
HETATM 630 O O1G   . GP3 L 6 .  ? -20.781 -0.344  -14.812 1.000 58.855  0 103 GP3 B O1G   1 ? 
HETATM 631 O O2G   . GP3 L 6 .  ? -18.975 -1.120  -16.427 1.000 57.715  0 103 GP3 B O2G   1 ? 
HETATM 632 O O5E   . GP3 L 6 .  ? -18.650 -1.500  -13.975 1.000 52.054  0 103 GP3 B O5E   1 ? 
HETATM 633 C C5E   . GP3 L 6 .  ? -19.154 -2.853  -13.831 1.000 56.282  0 103 GP3 B C5E   1 ? 
HETATM 634 C C4E   . GP3 L 6 .  ? -19.016 -3.366  -12.379 1.000 48.995  0 103 GP3 B C4E   1 ? 
HETATM 635 O O4E   . GP3 L 6 .  ? -17.966 -2.697  -11.690 1.000 44.075  0 103 GP3 B O4E   1 ? 
HETATM 636 C C3E   . GP3 L 6 .  ? -20.237 -3.019  -11.537 1.000 51.239  0 103 GP3 B C3E   1 ? 
HETATM 637 O O3E   . GP3 L 6 .  ? -21.262 -3.990  -11.711 1.000 58.031  0 103 GP3 B O3E   1 ? 
HETATM 638 C C2E   . GP3 L 6 .  ? -19.718 -3.177  -10.183 1.000 47.444  0 103 GP3 B C2E   1 ? 
HETATM 639 O O2E   . GP3 L 6 .  ? -19.539 -4.564  -9.931  1.000 48.964  0 103 GP3 B O2E   1 ? 
HETATM 640 C C1E   . GP3 L 6 .  ? -18.373 -2.539  -10.308 1.000 41.579  0 103 GP3 B C1E   1 ? 
HETATM 641 N N9B   . GP3 L 6 .  ? -18.319 -1.059  -9.907  1.000 43.972  0 103 GP3 B N9B   1 ? 
HETATM 642 C C8B   . GP3 L 6 .  ? -17.857 -0.064  -10.647 1.000 43.826  0 103 GP3 B C8B   1 ? 
HETATM 643 N N7B   . GP3 L 6 .  ? -17.912 1.056   -9.906  1.000 45.026  0 103 GP3 B N7B   1 ? 
HETATM 644 C C5B   . GP3 L 6 .  ? -18.425 0.788   -8.722  1.000 39.931  0 103 GP3 B C5B   1 ? 
HETATM 645 C C6B   . GP3 L 6 .  ? -18.712 1.579   -7.653  1.000 40.112  0 103 GP3 B C6B   1 ? 
HETATM 646 O O6B   . GP3 L 6 .  ? -18.488 2.808   -7.575  1.000 37.164  0 103 GP3 B O6B   1 ? 
HETATM 647 N N1B   . GP3 L 6 .  ? -19.251 0.972   -6.523  1.000 38.441  0 103 GP3 B N1B   1 ? 
HETATM 648 C C2B   . GP3 L 6 .  ? -19.487 -0.406  -6.527  1.000 38.222  0 103 GP3 B C2B   1 ? 
HETATM 649 N N2B   . GP3 L 6 .  ? -20.017 -0.907  -5.455  1.000 36.533  0 103 GP3 B N2B   1 ? 
HETATM 650 N N3B   . GP3 L 6 .  ? -19.184 -1.160  -7.613  1.000 43.846  0 103 GP3 B N3B   1 ? 
HETATM 651 C C4B   . GP3 L 6 .  ? -18.676 -0.545  -8.714  1.000 42.710  0 103 GP3 B C4B   1 ? 
HETATM 652 P P     . LCG M 3 .  ? 9.316   -7.558  -1.787  1.000 66.088  0 104 LCG B P     1 ? 
HETATM 653 O OP1   . LCG M 3 .  ? 8.977   -8.147  -2.978  1.000 68.794  0 104 LCG B OP1   1 ? 
HETATM 654 O "O5'" . LCG M 3 .  ? 8.332   -7.932  -0.719  1.000 69.026  0 104 LCG B "O5'" 1 ? 
HETATM 655 C "C5'" . LCG M 3 .  ? 7.871   -9.022  -0.199  1.000 64.824  0 104 LCG B "C5'" 1 ? 
HETATM 656 C "C3'" . LCG M 3 .  ? 6.582   -8.120  1.702   1.000 66.142  0 104 LCG B "C3'" 1 ? 
HETATM 657 C "C6'" . LCG M 3 .  ? 6.945   -10.473 1.663   1.000 68.951  0 104 LCG B "C6'" 1 ? 
HETATM 658 N N9    . LCG M 3 .  ? 8.561   -7.032  3.435   1.000 60.181  0 104 LCG B N9    1 ? 
HETATM 659 C C8    . LCG M 3 .  ? 9.176   -6.157  2.652   1.000 66.143  0 104 LCG B C8    1 ? 
HETATM 660 C C4    . LCG M 3 .  ? 8.264   -6.450  4.573   1.000 60.285  0 104 LCG B C4    1 ? 
HETATM 661 N N7    . LCG M 3 .  ? 9.270   -5.011  3.331   1.000 67.596  0 104 LCG B N7    1 ? 
HETATM 662 C C5    . LCG M 3 .  ? 8.704   -5.196  4.524   1.000 61.152  0 104 LCG B C5    1 ? 
HETATM 663 C C6    . LCG M 3 .  ? 8.551   -4.387  5.557   1.000 55.885  0 104 LCG B C6    1 ? 
HETATM 664 C "C2'" . LCG M 3 .  ? 6.693   -8.602  3.096   1.000 65.713  0 104 LCG B "C2'" 1 ? 
HETATM 665 O O6    . LCG M 3 .  ? 8.962   -3.232  5.477   1.000 65.500  0 104 LCG B O6    1 ? 
HETATM 666 C "C4'" . LCG M 3 .  ? 7.544   -9.135  1.258   1.000 66.740  0 104 LCG B "C4'" 1 ? 
HETATM 667 C "C1'" . LCG M 3 .  ? 8.170   -8.428  3.288   1.000 62.978  0 104 LCG B "C1'" 1 ? 
HETATM 668 C C2    . LCG M 3 .  ? 7.432   -6.191  6.721   1.000 58.397  0 104 LCG B C2    1 ? 
HETATM 669 N N1    . LCG M 3 .  ? 7.899   -4.850  6.707   1.000 57.272  0 104 LCG B N1    1 ? 
HETATM 670 O "O4'" . LCG M 3 .  ? 8.705   -8.880  2.047   1.000 63.182  0 104 LCG B "O4'" 1 ? 
HETATM 671 O OP2   . LCG M 3 .  ? 9.714   -6.139  -1.923  1.000 69.983  0 104 LCG B OP2   1 ? 
HETATM 672 N N2    . LCG M 3 .  ? 6.792   -6.729  7.753   1.000 56.079  0 104 LCG B N2    1 ? 
HETATM 673 N N3    . LCG M 3 .  ? 7.633   -6.957  5.640   1.000 53.886  0 104 LCG B N3    1 ? 
HETATM 674 O "O2'" . LCG M 3 .  ? 6.409   -10.027 2.988   1.000 71.824  0 104 LCG B "O2'" 1 ? 
HETATM 675 O "O3'" . LCG M 3 .  ? 5.268   -8.360  1.115   1.000 70.557  0 104 LCG B "O3'" 1 ? 
HETATM 676 C "C1'" . TG  N 4 .  ? -9.925  -2.874  -13.506 1.000 46.870  0 105 TG  B "C1'" 1 ? 
HETATM 677 C C2    . TG  N 4 .  ? -11.329 -3.600  -9.314  1.000 43.441  0 105 TG  B C2    1 ? 
HETATM 678 C "C2'" . TG  N 4 .  ? -10.764 -2.700  -14.751 1.000 46.861  0 105 TG  B "C2'" 1 ? 
HETATM 679 C "C3'" . TG  N 4 .  ? -9.804  -1.995  -15.685 1.000 47.028  0 105 TG  B "C3'" 1 ? 
HETATM 680 C C4    . TG  N 4 .  ? -10.705 -2.325  -11.155 1.000 41.241  0 105 TG  B C4    1 ? 
HETATM 681 C "C4'" . TG  N 4 .  ? -8.501  -2.619  -15.312 1.000 45.054  0 105 TG  B "C4'" 1 ? 
HETATM 682 C C5    . TG  N 4 .  ? -10.950 -1.190  -10.446 1.000 38.535  0 105 TG  B C5    1 ? 
HETATM 683 C C6    . TG  N 4 .  ? -11.395 -1.193  -9.181  1.000 38.920  0 105 TG  B C6    1 ? 
HETATM 684 C C8    . TG  N 4 .  ? -10.315 -0.610  -12.443 1.000 42.653  0 105 TG  B C8    1 ? 
HETATM 685 N N1    . TG  N 4 .  ? -11.554 -2.412  -8.577  1.000 35.519  0 105 TG  B N1    1 ? 
HETATM 686 N N2    . TG  N 4 .  ? -11.544 -4.757  -8.701  1.000 39.060  0 105 TG  B N2    1 ? 
HETATM 687 N N3    . TG  N 4 .  ? -10.905 -3.542  -10.594 1.000 41.741  0 105 TG  B N3    1 ? 
HETATM 688 N N7    . TG  N 4 .  ? -10.709 -0.159  -11.240 1.000 35.288  0 105 TG  B N7    1 ? 
HETATM 689 N N9    . TG  N 4 .  ? -10.313 -1.961  -12.390 1.000 42.707  0 105 TG  B N9    1 ? 
HETATM 690 O O1P   . TG  N 4 .  ? -8.846  -0.151  -17.708 1.000 46.973  0 105 TG  B O1P   1 ? 
HETATM 691 O "O2'" . TG  N 4 .  ? -11.114 -3.965  -15.348 1.000 48.609  0 105 TG  B "O2'" 1 ? 
HETATM 692 O O2P   . TG  N 4 .  ? -9.755  1.764   -16.274 1.000 43.361  0 105 TG  B O2P   1 ? 
HETATM 693 O "O3'" . TG  N 4 .  ? -9.836  -0.596  -15.413 1.000 45.133  0 105 TG  B "O3'" 1 ? 
HETATM 694 O "O4'" . TG  N 4 .  ? -8.612  -2.481  -13.916 1.000 43.820  0 105 TG  B "O4'" 1 ? 
HETATM 695 O O6    . TG  N 4 .  ? -11.610 -0.135  -8.522  1.000 37.780  0 105 TG  B O6    1 ? 
HETATM 696 P P     . TG  N 4 .  ? -9.098  0.448   -16.353 1.000 52.125  0 105 TG  B P     1 ? 
# 
loop_
_pdbx_poly_seq_scheme.asym_id 
_pdbx_poly_seq_scheme.entity_id 
_pdbx_poly_seq_scheme.seq_id 
_pdbx_poly_seq_scheme.mon_id 
_pdbx_poly_seq_scheme.ndb_seq_num 
_pdbx_poly_seq_scheme.pdb_seq_num 
_pdbx_poly_seq_scheme.auth_seq_num 
_pdbx_poly_seq_scheme.pdb_mon_id 
_pdbx_poly_seq_scheme.auth_mon_id 
_pdbx_poly_seq_scheme.pdb_strand_id 
_pdbx_poly_seq_scheme.pdb_ins_code 
_pdbx_poly_seq_scheme.hetero 
A 1 1  C 1  1  ?  ? ? A . n 
A 1 2  C 2  2  ?  ? ? A . n 
A 1 3  C 3  3  ?  ? ? A . n 
A 1 4  G 4  4  ?  ? ? A . n 
A 1 5  A 5  5  5  A A A . n 
A 1 6  C 6  6  6  C C A . n 
A 1 7  U 7  7  7  U U A . n 
A 1 8  U 8  8  8  U U A . n 
A 1 9  A 9  9  9  A A A . n 
A 1 10 A 10 10 10 A A A . n 
A 1 11 G 11 11 11 G G A . n 
A 1 12 U 12 12 12 U U A . n 
A 1 13 C 13 13 13 C C A . n 
A 1 14 G 14 14 ?  ? ? A . n 
B 1 1  C 1  1  ?  ? ? B . n 
B 1 2  C 2  2  ?  ? ? B . n 
B 1 3  C 3  3  ?  ? ? B . n 
B 1 4  G 4  4  ?  ? ? B . n 
B 1 5  A 5  5  5  A A B . n 
B 1 6  C 6  6  6  C C B . n 
B 1 7  U 7  7  7  U U B . n 
B 1 8  U 8  8  8  U U B . n 
B 1 9  A 9  9  9  A A B . n 
B 1 10 A 10 10 10 A A B . n 
B 1 11 G 11 11 11 G G B . n 
B 1 12 U 12 12 12 U U B . n 
B 1 13 C 13 13 13 C C B . n 
B 1 14 G 14 14 ?  ? ? B . n 
# 
loop_
_pdbx_nonpoly_scheme.asym_id 
_pdbx_nonpoly_scheme.entity_id 
_pdbx_nonpoly_scheme.mon_id 
_pdbx_nonpoly_scheme.ndb_seq_num 
_pdbx_nonpoly_scheme.pdb_seq_num 
_pdbx_nonpoly_scheme.auth_seq_num 
_pdbx_nonpoly_scheme.pdb_mon_id 
_pdbx_nonpoly_scheme.auth_mon_id 
_pdbx_nonpoly_scheme.pdb_strand_id 
_pdbx_nonpoly_scheme.pdb_ins_code 
C 2 LCC 1 101 3   LCC LCC A . 
D 3 LCG 1 102 4   LCG LCG A . 
E 4 TG  1 103 14  TG  TG  A . 
F 5 LKC 1 104 1   LKC LCC A . 
G 2 LCC 1 105 2   LCC LCC A . 
H 2 LCC 1 106 3   LCC LCC A . 
I 6 GP3 1 107 101 GP3 GP3 A . 
J 5 LKC 1 101 1   LKC LCC B . 
K 2 LCC 1 102 2   LCC LCC B . 
L 6 GP3 1 103 101 GP3 GP3 B . 
M 3 LCG 1 104 4   LCG LCG B . 
N 4 TG  1 105 14  TG  TG  B . 
# 
_pdbx_struct_assembly.id                   1 
_pdbx_struct_assembly.details              author_and_software_defined_assembly 
_pdbx_struct_assembly.method_details       PISA 
_pdbx_struct_assembly.oligomeric_details   dimeric 
_pdbx_struct_assembly.oligomeric_count     2 
# 
_pdbx_struct_assembly_gen.assembly_id       1 
_pdbx_struct_assembly_gen.oper_expression   1 
_pdbx_struct_assembly_gen.asym_id_list      A,B,C,D,E,F,G,H,I,J,K,L,M,N 
# 
loop_
_pdbx_struct_assembly_prop.biol_id 
_pdbx_struct_assembly_prop.type 
_pdbx_struct_assembly_prop.value 
_pdbx_struct_assembly_prop.details 
1 'ABSA (A^2)' 2870 ? 
1 MORE         6    ? 
1 'SSA (A^2)'  5230 ? 
# 
_pdbx_struct_oper_list.id                   1 
_pdbx_struct_oper_list.type                 'identity operation' 
_pdbx_struct_oper_list.name                 1_555 
_pdbx_struct_oper_list.symmetry_operation   x,y,z 
_pdbx_struct_oper_list.matrix[1][1]         1.0000000000 
_pdbx_struct_oper_list.matrix[1][2]         0.0000000000 
_pdbx_struct_oper_list.matrix[1][3]         0.0000000000 
_pdbx_struct_oper_list.vector[1]            0.0000000000 
_pdbx_struct_oper_list.matrix[2][1]         0.0000000000 
_pdbx_struct_oper_list.matrix[2][2]         1.0000000000 
_pdbx_struct_oper_list.matrix[2][3]         0.0000000000 
_pdbx_struct_oper_list.vector[2]            0.0000000000 
_pdbx_struct_oper_list.matrix[3][1]         0.0000000000 
_pdbx_struct_oper_list.matrix[3][2]         0.0000000000 
_pdbx_struct_oper_list.matrix[3][3]         1.0000000000 
_pdbx_struct_oper_list.vector[3]            0.0000000000 
# 
loop_
_pdbx_audit_revision_history.ordinal 
_pdbx_audit_revision_history.data_content_type 
_pdbx_audit_revision_history.major_revision 
_pdbx_audit_revision_history.minor_revision 
_pdbx_audit_revision_history.revision_date 
1 'Structure model' 1 0 2021-09-08 
2 'Structure model' 1 1 2021-10-20 
3 'Structure model' 1 2 2023-10-18 
# 
_pdbx_audit_revision_details.ordinal             1 
_pdbx_audit_revision_details.revision_ordinal    1 
_pdbx_audit_revision_details.data_content_type   'Structure model' 
_pdbx_audit_revision_details.provider            repository 
_pdbx_audit_revision_details.type                'Initial release' 
_pdbx_audit_revision_details.description         ? 
_pdbx_audit_revision_details.details             ? 
# 
loop_
_pdbx_audit_revision_group.ordinal 
_pdbx_audit_revision_group.revision_ordinal 
_pdbx_audit_revision_group.data_content_type 
_pdbx_audit_revision_group.group 
1 2 'Structure model' 'Database references'    
2 3 'Structure model' 'Data collection'        
3 3 'Structure model' 'Refinement description' 
# 
loop_
_pdbx_audit_revision_category.ordinal 
_pdbx_audit_revision_category.revision_ordinal 
_pdbx_audit_revision_category.data_content_type 
_pdbx_audit_revision_category.category 
1 2 'Structure model' citation                      
2 3 'Structure model' chem_comp_atom                
3 3 'Structure model' chem_comp_bond                
4 3 'Structure model' pdbx_initial_refinement_model 
# 
loop_
_pdbx_audit_revision_item.ordinal 
_pdbx_audit_revision_item.revision_ordinal 
_pdbx_audit_revision_item.data_content_type 
_pdbx_audit_revision_item.item 
1 2 'Structure model' '_citation.journal_volume' 
2 2 'Structure model' '_citation.page_first'     
3 2 'Structure model' '_citation.page_last'      
4 2 'Structure model' '_citation.title'          
# 
loop_
_software.citation_id 
_software.classification 
_software.compiler_name 
_software.compiler_version 
_software.contact_author 
_software.contact_author_email 
_software.date 
_software.description 
_software.dependencies 
_software.hardware 
_software.language 
_software.location 
_software.mods 
_software.name 
_software.os 
_software.os_version 
_software.type 
_software.version 
_software.pdbx_ordinal 
? refinement       ? ? ? ? ? ? ? ? ? ? ? REFMAC ? ? ? 5.8.0267 1 
? 'data reduction' ? ? ? ? ? ? ? ? ? ? ? xia2   ? ? ? .        2 
? 'data scaling'   ? ? ? ? ? ? ? ? ? ? ? DIALS  ? ? ? .        3 
? phasing          ? ? ? ? ? ? ? ? ? ? ? PHASER ? ? ? .        4 
# 
_pdbx_entry_details.entry_id                 7LNG 
_pdbx_entry_details.nonpolymer_details       ? 
_pdbx_entry_details.sequence_details         ? 
_pdbx_entry_details.compound_details         ? 
_pdbx_entry_details.source_details           ? 
_pdbx_entry_details.has_ligand_of_interest   Y 
# 
loop_
_pdbx_validate_close_contact.id 
_pdbx_validate_close_contact.PDB_model_num 
_pdbx_validate_close_contact.auth_atom_id_1 
_pdbx_validate_close_contact.auth_asym_id_1 
_pdbx_validate_close_contact.auth_comp_id_1 
_pdbx_validate_close_contact.auth_seq_id_1 
_pdbx_validate_close_contact.PDB_ins_code_1 
_pdbx_validate_close_contact.label_alt_id_1 
_pdbx_validate_close_contact.auth_atom_id_2 
_pdbx_validate_close_contact.auth_asym_id_2 
_pdbx_validate_close_contact.auth_comp_id_2 
_pdbx_validate_close_contact.auth_seq_id_2 
_pdbx_validate_close_contact.PDB_ins_code_2 
_pdbx_validate_close_contact.label_alt_id_2 
_pdbx_validate_close_contact.dist 
1 1 "O3'" A LKC 104 ? ? O2P A LCC 105 ? ? 1.89 
2 1 "O3'" A LCC 105 ? ? O2P A LCC 106 ? ? 1.98 
3 1 "O3'" A C   13  ? ? O1P A TG  103 ? ? 2.16 
4 1 "O3'" B LKC 101 ? ? O1P B LCC 102 ? ? 2.18 
# 
loop_
_pdbx_validate_rmsd_angle.id 
_pdbx_validate_rmsd_angle.PDB_model_num 
_pdbx_validate_rmsd_angle.auth_atom_id_1 
_pdbx_validate_rmsd_angle.auth_asym_id_1 
_pdbx_validate_rmsd_angle.auth_comp_id_1 
_pdbx_validate_rmsd_angle.auth_seq_id_1 
_pdbx_validate_rmsd_angle.PDB_ins_code_1 
_pdbx_validate_rmsd_angle.label_alt_id_1 
_pdbx_validate_rmsd_angle.auth_atom_id_2 
_pdbx_validate_rmsd_angle.auth_asym_id_2 
_pdbx_validate_rmsd_angle.auth_comp_id_2 
_pdbx_validate_rmsd_angle.auth_seq_id_2 
_pdbx_validate_rmsd_angle.PDB_ins_code_2 
_pdbx_validate_rmsd_angle.label_alt_id_2 
_pdbx_validate_rmsd_angle.auth_atom_id_3 
_pdbx_validate_rmsd_angle.auth_asym_id_3 
_pdbx_validate_rmsd_angle.auth_comp_id_3 
_pdbx_validate_rmsd_angle.auth_seq_id_3 
_pdbx_validate_rmsd_angle.PDB_ins_code_3 
_pdbx_validate_rmsd_angle.label_alt_id_3 
_pdbx_validate_rmsd_angle.angle_value 
_pdbx_validate_rmsd_angle.angle_target_value 
_pdbx_validate_rmsd_angle.angle_deviation 
_pdbx_validate_rmsd_angle.angle_standard_deviation 
_pdbx_validate_rmsd_angle.linker_flag 
1 1 OP1   B A 5 ? ? P B A 5 ? ? OP2 B A 5 ? ? 102.19 119.60 -17.41 1.50 N 
2 1 "O5'" B A 5 ? ? P B A 5 ? ? OP1 B A 5 ? ? 98.22  105.70 -7.48  0.90 N 
# 
loop_
_pdbx_unobs_or_zero_occ_residues.id 
_pdbx_unobs_or_zero_occ_residues.PDB_model_num 
_pdbx_unobs_or_zero_occ_residues.polymer_flag 
_pdbx_unobs_or_zero_occ_residues.occupancy_flag 
_pdbx_unobs_or_zero_occ_residues.auth_asym_id 
_pdbx_unobs_or_zero_occ_residues.auth_comp_id 
_pdbx_unobs_or_zero_occ_residues.auth_seq_id 
_pdbx_unobs_or_zero_occ_residues.PDB_ins_code 
_pdbx_unobs_or_zero_occ_residues.label_asym_id 
_pdbx_unobs_or_zero_occ_residues.label_comp_id 
_pdbx_unobs_or_zero_occ_residues.label_seq_id 
1  1 Y 1 A C 1  ? A C 1  
2  1 Y 1 A C 2  ? A C 2  
3  1 Y 1 A C 3  ? A C 3  
4  1 Y 1 A G 4  ? A G 4  
5  1 Y 1 A G 14 ? A G 14 
6  1 Y 1 B C 1  ? B C 1  
7  1 Y 1 B C 2  ? B C 2  
8  1 Y 1 B C 3  ? B C 3  
9  1 Y 1 B G 4  ? B G 4  
10 1 Y 1 B G 14 ? B G 14 
# 
loop_
_chem_comp_atom.comp_id 
_chem_comp_atom.atom_id 
_chem_comp_atom.type_symbol 
_chem_comp_atom.pdbx_aromatic_flag 
_chem_comp_atom.pdbx_stereo_config 
_chem_comp_atom.pdbx_ordinal 
A   OP3    O N N 1   
A   P      P N N 2   
A   OP1    O N N 3   
A   OP2    O N N 4   
A   "O5'"  O N N 5   
A   "C5'"  C N N 6   
A   "C4'"  C N R 7   
A   "O4'"  O N N 8   
A   "C3'"  C N S 9   
A   "O3'"  O N N 10  
A   "C2'"  C N R 11  
A   "O2'"  O N N 12  
A   "C1'"  C N R 13  
A   N9     N Y N 14  
A   C8     C Y N 15  
A   N7     N Y N 16  
A   C5     C Y N 17  
A   C6     C Y N 18  
A   N6     N N N 19  
A   N1     N Y N 20  
A   C2     C Y N 21  
A   N3     N Y N 22  
A   C4     C Y N 23  
A   HOP3   H N N 24  
A   HOP2   H N N 25  
A   "H5'"  H N N 26  
A   "H5''" H N N 27  
A   "H4'"  H N N 28  
A   "H3'"  H N N 29  
A   "HO3'" H N N 30  
A   "H2'"  H N N 31  
A   "HO2'" H N N 32  
A   "H1'"  H N N 33  
A   H8     H N N 34  
A   H61    H N N 35  
A   H62    H N N 36  
A   H2     H N N 37  
C   OP3    O N N 38  
C   P      P N N 39  
C   OP1    O N N 40  
C   OP2    O N N 41  
C   "O5'"  O N N 42  
C   "C5'"  C N N 43  
C   "C4'"  C N R 44  
C   "O4'"  O N N 45  
C   "C3'"  C N S 46  
C   "O3'"  O N N 47  
C   "C2'"  C N R 48  
C   "O2'"  O N N 49  
C   "C1'"  C N R 50  
C   N1     N N N 51  
C   C2     C N N 52  
C   O2     O N N 53  
C   N3     N N N 54  
C   C4     C N N 55  
C   N4     N N N 56  
C   C5     C N N 57  
C   C6     C N N 58  
C   HOP3   H N N 59  
C   HOP2   H N N 60  
C   "H5'"  H N N 61  
C   "H5''" H N N 62  
C   "H4'"  H N N 63  
C   "H3'"  H N N 64  
C   "HO3'" H N N 65  
C   "H2'"  H N N 66  
C   "HO2'" H N N 67  
C   "H1'"  H N N 68  
C   H41    H N N 69  
C   H42    H N N 70  
C   H5     H N N 71  
C   H6     H N N 72  
G   OP3    O N N 73  
G   P      P N N 74  
G   OP1    O N N 75  
G   OP2    O N N 76  
G   "O5'"  O N N 77  
G   "C5'"  C N N 78  
G   "C4'"  C N R 79  
G   "O4'"  O N N 80  
G   "C3'"  C N S 81  
G   "O3'"  O N N 82  
G   "C2'"  C N R 83  
G   "O2'"  O N N 84  
G   "C1'"  C N R 85  
G   N9     N Y N 86  
G   C8     C Y N 87  
G   N7     N Y N 88  
G   C5     C Y N 89  
G   C6     C N N 90  
G   O6     O N N 91  
G   N1     N N N 92  
G   C2     C N N 93  
G   N2     N N N 94  
G   N3     N N N 95  
G   C4     C Y N 96  
G   HOP3   H N N 97  
G   HOP2   H N N 98  
G   "H5'"  H N N 99  
G   "H5''" H N N 100 
G   "H4'"  H N N 101 
G   "H3'"  H N N 102 
G   "HO3'" H N N 103 
G   "H2'"  H N N 104 
G   "HO2'" H N N 105 
G   "H1'"  H N N 106 
G   H8     H N N 107 
G   H1     H N N 108 
G   H21    H N N 109 
G   H22    H N N 110 
GP3 N9A    N Y N 111 
GP3 C8A    C Y N 112 
GP3 N7A    N Y N 113 
GP3 C5A    C Y N 114 
GP3 C6A    C N N 115 
GP3 O6A    O N N 116 
GP3 N1A    N N N 117 
GP3 C2A    C N N 118 
GP3 N2A    N N N 119 
GP3 N3A    N N N 120 
GP3 C4A    C Y N 121 
GP3 O5D    O N N 122 
GP3 C5D    C N N 123 
GP3 C4D    C N R 124 
GP3 O4D    O N N 125 
GP3 C3D    C N S 126 
GP3 O3D    O N N 127 
GP3 C2D    C N R 128 
GP3 O2D    O N N 129 
GP3 C1D    C N R 130 
GP3 PA     P N R 131 
GP3 O1A    O N N 132 
GP3 O2A    O N N 133 
GP3 O3A    O N N 134 
GP3 PB     P N N 135 
GP3 O1B    O N N 136 
GP3 O2B    O N N 137 
GP3 O3B    O N N 138 
GP3 PG     P N R 139 
GP3 O1G    O N N 140 
GP3 O2G    O N N 141 
GP3 O5E    O N N 142 
GP3 C5E    C N N 143 
GP3 C4E    C N R 144 
GP3 O4E    O N N 145 
GP3 C3E    C N S 146 
GP3 O3E    O N N 147 
GP3 C2E    C N R 148 
GP3 O2E    O N N 149 
GP3 C1E    C N R 150 
GP3 N9B    N Y N 151 
GP3 C8B    C Y N 152 
GP3 N7B    N Y N 153 
GP3 C5B    C Y N 154 
GP3 C6B    C N N 155 
GP3 O6B    O N N 156 
GP3 N1B    N N N 157 
GP3 C2B    C N N 158 
GP3 N2B    N N N 159 
GP3 N3B    N N N 160 
GP3 C4B    C Y N 161 
GP3 H8A    H N N 162 
GP3 H1A    H N N 163 
GP3 H21A   H N N 164 
GP3 H22A   H N N 165 
GP3 H51A   H N N 166 
GP3 H52A   H N N 167 
GP3 H4D    H N N 168 
GP3 H3D    H N N 169 
GP3 HO3A   H N N 170 
GP3 H2D    H N N 171 
GP3 HO2A   H N N 172 
GP3 H1D    H N N 173 
GP3 HOA2   H N N 174 
GP3 HOB2   H N N 175 
GP3 HOG2   H N N 176 
GP3 H51B   H N N 177 
GP3 H52B   H N N 178 
GP3 H4E    H N N 179 
GP3 H3E    H N N 180 
GP3 HO3B   H N N 181 
GP3 H2E    H N N 182 
GP3 HO2B   H N N 183 
GP3 H1E    H N N 184 
GP3 H8B    H N N 185 
GP3 H1B    H N N 186 
GP3 H21B   H N N 187 
GP3 H22B   H N N 188 
LCC "O5'"  O N N 189 
LCC "C5'"  C N N 190 
LCC "C4'"  C N R 191 
LCC "O4'"  O N N 192 
LCC "C1'"  C N R 193 
LCC N1     N N N 194 
LCC C6     C N N 195 
LCC C5     C N N 196 
LCC C5M    C N N 197 
LCC C4     C N N 198 
LCC N4     N N N 199 
LCC N3     N N N 200 
LCC C2     C N N 201 
LCC O2     O N N 202 
LCC "C3'"  C N S 203 
LCC "C2'"  C N R 204 
LCC "O2'"  O N N 205 
LCC "O3'"  O N N 206 
LCC "C6'"  C N N 207 
LCC P      P N N 208 
LCC O1P    O N N 209 
LCC O2P    O N N 210 
LCC OXT    O N N 211 
LCC "H5'1" H N N 212 
LCC "H5'2" H N N 213 
LCC "H1'"  H N N 214 
LCC H6     H N N 215 
LCC H5M1   H N N 216 
LCC H5M2   H N N 217 
LCC H5M3   H N N 218 
LCC H41    H N N 219 
LCC H42    H N N 220 
LCC "H3'"  H N N 221 
LCC "H2'1" H N N 222 
LCC H3T    H N N 223 
LCC "H6'1" H N N 224 
LCC "H6'2" H N N 225 
LCC H1P    H N N 226 
LCC HXT    H N N 227 
LCG P      P N N 228 
LCG OP1    O N N 229 
LCG "O5'"  O N N 230 
LCG "C5'"  C N N 231 
LCG "C3'"  C N S 232 
LCG "C6'"  C N N 233 
LCG N9     N Y N 234 
LCG C8     C Y N 235 
LCG C4     C Y N 236 
LCG N7     N Y N 237 
LCG C5     C Y N 238 
LCG C6     C N N 239 
LCG "C2'"  C N R 240 
LCG O6     O N N 241 
LCG "C4'"  C N R 242 
LCG "C1'"  C N R 243 
LCG C2     C N N 244 
LCG N1     N N N 245 
LCG "O4'"  O N N 246 
LCG OP2    O N N 247 
LCG N2     N N N 248 
LCG N3     N N N 249 
LCG "O2'"  O N N 250 
LCG "O3'"  O N N 251 
LCG OP3    O N N 252 
LCG "H5'"  H N N 253 
LCG "H5''" H N N 254 
LCG "H3'"  H N N 255 
LCG "H6'1" H N N 256 
LCG "H6'2" H N N 257 
LCG H8     H N N 258 
LCG "H2'"  H N N 259 
LCG "H1'"  H N N 260 
LCG H1     H N N 261 
LCG HOP2   H N N 262 
LCG H21    H N N 263 
LCG H22    H N N 264 
LCG "HO3'" H N N 265 
LCG HOP3   H N N 266 
LKC N1     N N N 267 
LKC C2     C N N 268 
LKC N3     N N N 269 
LKC C4     C N N 270 
LKC C5     C N N 271 
LKC C6     C N N 272 
LKC O2     O N N 273 
LKC N4     N N N 274 
LKC "C1'"  C N R 275 
LKC "C2'"  C N R 276 
LKC "C3'"  C N S 277 
LKC "C4'"  C N S 278 
LKC "O4'"  O N N 279 
LKC "O3'"  O N N 280 
LKC "C5'"  C N N 281 
LKC "O5'"  O N N 282 
LKC C5A    C N N 283 
LKC "O2'"  O N N 284 
LKC "C6'"  C N N 285 
LKC H6     H N N 286 
LKC H41    H N N 287 
LKC H42    H N N 288 
LKC "H1'"  H N N 289 
LKC "H2'1" H N N 290 
LKC "H3'"  H N N 291 
LKC H3T    H N N 292 
LKC "H5'1" H N N 293 
LKC "H5'2" H N N 294 
LKC H5T    H N N 295 
LKC H5M1   H N N 296 
LKC H5M2   H N N 297 
LKC H5M3   H N N 298 
LKC "H6'1" H N N 299 
LKC "H6'2" H N N 300 
TG  "C1'"  C N R 301 
TG  C2     C N N 302 
TG  "C2'"  C N R 303 
TG  "C3'"  C N S 304 
TG  C4     C Y N 305 
TG  "C4'"  C N N 306 
TG  C5     C Y N 307 
TG  C6     C N N 308 
TG  C8     C Y N 309 
TG  N1     N N N 310 
TG  N2     N N N 311 
TG  N3     N N N 312 
TG  N7     N Y N 313 
TG  N9     N Y N 314 
TG  O1P    O N N 315 
TG  "O2'"  O N N 316 
TG  O2P    O N N 317 
TG  "O3'"  O N N 318 
TG  "O4'"  O N N 319 
TG  O6     O N N 320 
TG  P      P N N 321 
TG  H1     H N N 322 
TG  H2     H N N 323 
TG  H3     H N N 324 
TG  H4     H N N 325 
TG  H5     H N N 326 
TG  H6     H N N 327 
TG  H7     H N N 328 
TG  H8     H N N 329 
TG  H9     H N N 330 
TG  H11    H N N 331 
TG  O3P    O N N 332 
TG  H10    H N N 333 
U   OP3    O N N 334 
U   P      P N N 335 
U   OP1    O N N 336 
U   OP2    O N N 337 
U   "O5'"  O N N 338 
U   "C5'"  C N N 339 
U   "C4'"  C N R 340 
U   "O4'"  O N N 341 
U   "C3'"  C N S 342 
U   "O3'"  O N N 343 
U   "C2'"  C N R 344 
U   "O2'"  O N N 345 
U   "C1'"  C N R 346 
U   N1     N N N 347 
U   C2     C N N 348 
U   O2     O N N 349 
U   N3     N N N 350 
U   C4     C N N 351 
U   O4     O N N 352 
U   C5     C N N 353 
U   C6     C N N 354 
U   HOP3   H N N 355 
U   HOP2   H N N 356 
U   "H5'"  H N N 357 
U   "H5''" H N N 358 
U   "H4'"  H N N 359 
U   "H3'"  H N N 360 
U   "HO3'" H N N 361 
U   "H2'"  H N N 362 
U   "HO2'" H N N 363 
U   "H1'"  H N N 364 
U   H3     H N N 365 
U   H5     H N N 366 
U   H6     H N N 367 
# 
loop_
_chem_comp_bond.comp_id 
_chem_comp_bond.atom_id_1 
_chem_comp_bond.atom_id_2 
_chem_comp_bond.value_order 
_chem_comp_bond.pdbx_aromatic_flag 
_chem_comp_bond.pdbx_stereo_config 
_chem_comp_bond.pdbx_ordinal 
A   OP3   P      sing N N 1   
A   OP3   HOP3   sing N N 2   
A   P     OP1    doub N N 3   
A   P     OP2    sing N N 4   
A   P     "O5'"  sing N N 5   
A   OP2   HOP2   sing N N 6   
A   "O5'" "C5'"  sing N N 7   
A   "C5'" "C4'"  sing N N 8   
A   "C5'" "H5'"  sing N N 9   
A   "C5'" "H5''" sing N N 10  
A   "C4'" "O4'"  sing N N 11  
A   "C4'" "C3'"  sing N N 12  
A   "C4'" "H4'"  sing N N 13  
A   "O4'" "C1'"  sing N N 14  
A   "C3'" "O3'"  sing N N 15  
A   "C3'" "C2'"  sing N N 16  
A   "C3'" "H3'"  sing N N 17  
A   "O3'" "HO3'" sing N N 18  
A   "C2'" "O2'"  sing N N 19  
A   "C2'" "C1'"  sing N N 20  
A   "C2'" "H2'"  sing N N 21  
A   "O2'" "HO2'" sing N N 22  
A   "C1'" N9     sing N N 23  
A   "C1'" "H1'"  sing N N 24  
A   N9    C8     sing Y N 25  
A   N9    C4     sing Y N 26  
A   C8    N7     doub Y N 27  
A   C8    H8     sing N N 28  
A   N7    C5     sing Y N 29  
A   C5    C6     sing Y N 30  
A   C5    C4     doub Y N 31  
A   C6    N6     sing N N 32  
A   C6    N1     doub Y N 33  
A   N6    H61    sing N N 34  
A   N6    H62    sing N N 35  
A   N1    C2     sing Y N 36  
A   C2    N3     doub Y N 37  
A   C2    H2     sing N N 38  
A   N3    C4     sing Y N 39  
C   OP3   P      sing N N 40  
C   OP3   HOP3   sing N N 41  
C   P     OP1    doub N N 42  
C   P     OP2    sing N N 43  
C   P     "O5'"  sing N N 44  
C   OP2   HOP2   sing N N 45  
C   "O5'" "C5'"  sing N N 46  
C   "C5'" "C4'"  sing N N 47  
C   "C5'" "H5'"  sing N N 48  
C   "C5'" "H5''" sing N N 49  
C   "C4'" "O4'"  sing N N 50  
C   "C4'" "C3'"  sing N N 51  
C   "C4'" "H4'"  sing N N 52  
C   "O4'" "C1'"  sing N N 53  
C   "C3'" "O3'"  sing N N 54  
C   "C3'" "C2'"  sing N N 55  
C   "C3'" "H3'"  sing N N 56  
C   "O3'" "HO3'" sing N N 57  
C   "C2'" "O2'"  sing N N 58  
C   "C2'" "C1'"  sing N N 59  
C   "C2'" "H2'"  sing N N 60  
C   "O2'" "HO2'" sing N N 61  
C   "C1'" N1     sing N N 62  
C   "C1'" "H1'"  sing N N 63  
C   N1    C2     sing N N 64  
C   N1    C6     sing N N 65  
C   C2    O2     doub N N 66  
C   C2    N3     sing N N 67  
C   N3    C4     doub N N 68  
C   C4    N4     sing N N 69  
C   C4    C5     sing N N 70  
C   N4    H41    sing N N 71  
C   N4    H42    sing N N 72  
C   C5    C6     doub N N 73  
C   C5    H5     sing N N 74  
C   C6    H6     sing N N 75  
G   OP3   P      sing N N 76  
G   OP3   HOP3   sing N N 77  
G   P     OP1    doub N N 78  
G   P     OP2    sing N N 79  
G   P     "O5'"  sing N N 80  
G   OP2   HOP2   sing N N 81  
G   "O5'" "C5'"  sing N N 82  
G   "C5'" "C4'"  sing N N 83  
G   "C5'" "H5'"  sing N N 84  
G   "C5'" "H5''" sing N N 85  
G   "C4'" "O4'"  sing N N 86  
G   "C4'" "C3'"  sing N N 87  
G   "C4'" "H4'"  sing N N 88  
G   "O4'" "C1'"  sing N N 89  
G   "C3'" "O3'"  sing N N 90  
G   "C3'" "C2'"  sing N N 91  
G   "C3'" "H3'"  sing N N 92  
G   "O3'" "HO3'" sing N N 93  
G   "C2'" "O2'"  sing N N 94  
G   "C2'" "C1'"  sing N N 95  
G   "C2'" "H2'"  sing N N 96  
G   "O2'" "HO2'" sing N N 97  
G   "C1'" N9     sing N N 98  
G   "C1'" "H1'"  sing N N 99  
G   N9    C8     sing Y N 100 
G   N9    C4     sing Y N 101 
G   C8    N7     doub Y N 102 
G   C8    H8     sing N N 103 
G   N7    C5     sing Y N 104 
G   C5    C6     sing N N 105 
G   C5    C4     doub Y N 106 
G   C6    O6     doub N N 107 
G   C6    N1     sing N N 108 
G   N1    C2     sing N N 109 
G   N1    H1     sing N N 110 
G   C2    N2     sing N N 111 
G   C2    N3     doub N N 112 
G   N2    H21    sing N N 113 
G   N2    H22    sing N N 114 
G   N3    C4     sing N N 115 
GP3 N9A   C8A    sing Y N 116 
GP3 N9A   C4A    sing Y N 117 
GP3 N9A   C1D    sing N N 118 
GP3 C8A   N7A    doub Y N 119 
GP3 C8A   H8A    sing N N 120 
GP3 N7A   C5A    sing Y N 121 
GP3 C5A   C6A    sing N N 122 
GP3 C5A   C4A    doub Y N 123 
GP3 C6A   O6A    doub N N 124 
GP3 C6A   N1A    sing N N 125 
GP3 N1A   C2A    sing N N 126 
GP3 N1A   H1A    sing N N 127 
GP3 C2A   N2A    sing N N 128 
GP3 C2A   N3A    doub N N 129 
GP3 N2A   H21A   sing N N 130 
GP3 N2A   H22A   sing N N 131 
GP3 N3A   C4A    sing N N 132 
GP3 O5D   C5D    sing N N 133 
GP3 O5D   PA     sing N N 134 
GP3 C5D   C4D    sing N N 135 
GP3 C5D   H51A   sing N N 136 
GP3 C5D   H52A   sing N N 137 
GP3 C4D   O4D    sing N N 138 
GP3 C4D   C3D    sing N N 139 
GP3 C4D   H4D    sing N N 140 
GP3 O4D   C1D    sing N N 141 
GP3 C3D   O3D    sing N N 142 
GP3 C3D   C2D    sing N N 143 
GP3 C3D   H3D    sing N N 144 
GP3 O3D   HO3A   sing N N 145 
GP3 C2D   O2D    sing N N 146 
GP3 C2D   C1D    sing N N 147 
GP3 C2D   H2D    sing N N 148 
GP3 O2D   HO2A   sing N N 149 
GP3 C1D   H1D    sing N N 150 
GP3 PA    O1A    doub N N 151 
GP3 PA    O2A    sing N N 152 
GP3 PA    O3A    sing N N 153 
GP3 O2A   HOA2   sing N N 154 
GP3 O3A   PB     sing N N 155 
GP3 PB    O1B    doub N N 156 
GP3 PB    O2B    sing N N 157 
GP3 PB    O3B    sing N N 158 
GP3 O2B   HOB2   sing N N 159 
GP3 O3B   PG     sing N N 160 
GP3 PG    O1G    doub N N 161 
GP3 PG    O2G    sing N N 162 
GP3 PG    O5E    sing N N 163 
GP3 O2G   HOG2   sing N N 164 
GP3 O5E   C5E    sing N N 165 
GP3 C5E   C4E    sing N N 166 
GP3 C5E   H51B   sing N N 167 
GP3 C5E   H52B   sing N N 168 
GP3 C4E   O4E    sing N N 169 
GP3 C4E   C3E    sing N N 170 
GP3 C4E   H4E    sing N N 171 
GP3 O4E   C1E    sing N N 172 
GP3 C3E   O3E    sing N N 173 
GP3 C3E   C2E    sing N N 174 
GP3 C3E   H3E    sing N N 175 
GP3 O3E   HO3B   sing N N 176 
GP3 C2E   O2E    sing N N 177 
GP3 C2E   C1E    sing N N 178 
GP3 C2E   H2E    sing N N 179 
GP3 O2E   HO2B   sing N N 180 
GP3 C1E   N9B    sing N N 181 
GP3 C1E   H1E    sing N N 182 
GP3 N9B   C8B    sing Y N 183 
GP3 N9B   C4B    sing Y N 184 
GP3 C8B   N7B    doub Y N 185 
GP3 C8B   H8B    sing N N 186 
GP3 N7B   C5B    sing Y N 187 
GP3 C5B   C6B    sing N N 188 
GP3 C5B   C4B    doub Y N 189 
GP3 C6B   O6B    doub N N 190 
GP3 C6B   N1B    sing N N 191 
GP3 N1B   C2B    sing N N 192 
GP3 N1B   H1B    sing N N 193 
GP3 C2B   N2B    sing N N 194 
GP3 C2B   N3B    doub N N 195 
GP3 N2B   H21B   sing N N 196 
GP3 N2B   H22B   sing N N 197 
GP3 N3B   C4B    sing N N 198 
LCC "O5'" "C5'"  sing N N 199 
LCC "O5'" P      sing N N 200 
LCC "C5'" "C4'"  sing N N 201 
LCC "C5'" "H5'1" sing N N 202 
LCC "C5'" "H5'2" sing N N 203 
LCC "C4'" "O4'"  sing N N 204 
LCC "C4'" "C3'"  sing N N 205 
LCC "C4'" "C6'"  sing N N 206 
LCC "O4'" "C1'"  sing N N 207 
LCC "C1'" N1     sing N N 208 
LCC "C1'" "C2'"  sing N N 209 
LCC "C1'" "H1'"  sing N N 210 
LCC N1    C6     sing N N 211 
LCC N1    C2     sing N N 212 
LCC C6    C5     doub N N 213 
LCC C6    H6     sing N N 214 
LCC C5    C5M    sing N N 215 
LCC C5    C4     sing N N 216 
LCC C5M   H5M1   sing N N 217 
LCC C5M   H5M2   sing N N 218 
LCC C5M   H5M3   sing N N 219 
LCC C4    N4     sing N N 220 
LCC C4    N3     doub N N 221 
LCC N4    H41    sing N N 222 
LCC N4    H42    sing N N 223 
LCC N3    C2     sing N N 224 
LCC C2    O2     doub N N 225 
LCC "C3'" "C2'"  sing N N 226 
LCC "C3'" "O3'"  sing N N 227 
LCC "C3'" "H3'"  sing N N 228 
LCC "C2'" "O2'"  sing N N 229 
LCC "C2'" "H2'1" sing N N 230 
LCC "O2'" "C6'"  sing N N 231 
LCC "O3'" H3T    sing N N 232 
LCC "C6'" "H6'1" sing N N 233 
LCC "C6'" "H6'2" sing N N 234 
LCC P     O1P    sing N N 235 
LCC P     O2P    doub N N 236 
LCC P     OXT    sing N N 237 
LCC O1P   H1P    sing N N 238 
LCC OXT   HXT    sing N N 239 
LCG P     OP1    doub N N 240 
LCG P     "O5'"  sing N N 241 
LCG P     OP2    sing N N 242 
LCG P     OP3    sing N N 243 
LCG "O5'" "C5'"  sing N N 244 
LCG "C5'" "C4'"  sing N N 245 
LCG "C5'" "H5'"  sing N N 246 
LCG "C5'" "H5''" sing N N 247 
LCG "C3'" "C2'"  sing N N 248 
LCG "C3'" "C4'"  sing N N 249 
LCG "C3'" "O3'"  sing N N 250 
LCG "C3'" "H3'"  sing N N 251 
LCG "C6'" "C4'"  sing N N 252 
LCG "C6'" "O2'"  sing N N 253 
LCG "C6'" "H6'1" sing N N 254 
LCG "C6'" "H6'2" sing N N 255 
LCG N9    C8     sing Y N 256 
LCG N9    C4     sing Y N 257 
LCG N9    "C1'"  sing N N 258 
LCG C8    N7     doub Y N 259 
LCG C8    H8     sing N N 260 
LCG C4    C5     doub Y N 261 
LCG C4    N3     sing N N 262 
LCG N7    C5     sing Y N 263 
LCG C5    C6     sing N N 264 
LCG C6    O6     doub N N 265 
LCG C6    N1     sing N N 266 
LCG "C2'" "C1'"  sing N N 267 
LCG "C2'" "O2'"  sing N N 268 
LCG "C2'" "H2'"  sing N N 269 
LCG "C4'" "O4'"  sing N N 270 
LCG "C1'" "O4'"  sing N N 271 
LCG "C1'" "H1'"  sing N N 272 
LCG C2    N1     sing N N 273 
LCG C2    N2     sing N N 274 
LCG C2    N3     doub N N 275 
LCG N1    H1     sing N N 276 
LCG OP2   HOP2   sing N N 277 
LCG N2    H21    sing N N 278 
LCG N2    H22    sing N N 279 
LCG "O3'" "HO3'" sing N N 280 
LCG OP3   HOP3   sing N N 281 
LKC N1    C2     sing N N 282 
LKC N1    C6     sing N N 283 
LKC N1    "C1'"  sing N N 284 
LKC C2    N3     sing N N 285 
LKC C2    O2     doub N N 286 
LKC N3    C4     doub N N 287 
LKC C4    C5     sing N N 288 
LKC C4    N4     sing N N 289 
LKC C5    C6     doub N N 290 
LKC C5    C5A    sing N N 291 
LKC C6    H6     sing N N 292 
LKC N4    H41    sing N N 293 
LKC N4    H42    sing N N 294 
LKC "C1'" "C2'"  sing N N 295 
LKC "C1'" "O4'"  sing N N 296 
LKC "C1'" "H1'"  sing N N 297 
LKC "C2'" "C3'"  sing N N 298 
LKC "C2'" "O2'"  sing N N 299 
LKC "C2'" "H2'1" sing N N 300 
LKC "C3'" "C4'"  sing N N 301 
LKC "C3'" "O3'"  sing N N 302 
LKC "C3'" "H3'"  sing N N 303 
LKC "C4'" "O4'"  sing N N 304 
LKC "C4'" "C5'"  sing N N 305 
LKC "C4'" "C6'"  sing N N 306 
LKC "O3'" H3T    sing N N 307 
LKC "C5'" "O5'"  sing N N 308 
LKC "C5'" "H5'1" sing N N 309 
LKC "C5'" "H5'2" sing N N 310 
LKC "O5'" H5T    sing N N 311 
LKC C5A   H5M1   sing N N 312 
LKC C5A   H5M2   sing N N 313 
LKC C5A   H5M3   sing N N 314 
LKC "O2'" "C6'"  sing N N 315 
LKC "C6'" "H6'1" sing N N 316 
LKC "C6'" "H6'2" sing N N 317 
TG  N2    C2     sing N N 318 
TG  N1    C2     sing N N 319 
TG  N1    C6     sing N N 320 
TG  O6    C6     doub N N 321 
TG  C2    N3     doub N N 322 
TG  C6    C5     sing N N 323 
TG  N3    C4     sing N N 324 
TG  C5    C4     doub Y N 325 
TG  C5    N7     sing Y N 326 
TG  C4    N9     sing Y N 327 
TG  N7    C8     doub Y N 328 
TG  N9    C8     sing Y N 329 
TG  N9    "C1'"  sing N N 330 
TG  "C1'" "O4'"  sing N N 331 
TG  "C1'" "C2'"  sing N N 332 
TG  "O4'" "C4'"  sing N N 333 
TG  "C2'" "O2'"  sing N N 334 
TG  "C2'" "C3'"  sing N N 335 
TG  "C4'" "C3'"  sing N N 336 
TG  "C3'" "O3'"  sing N N 337 
TG  "O3'" P      sing N N 338 
TG  P     O1P    doub N N 339 
TG  P     O2P    doub N N 340 
TG  "C1'" H1     sing N N 341 
TG  "C2'" H2     sing N N 342 
TG  "C3'" H3     sing N N 343 
TG  "C4'" H4     sing N N 344 
TG  "C4'" H5     sing N N 345 
TG  C8    H6     sing N N 346 
TG  N1    H7     sing N N 347 
TG  N2    H8     sing N N 348 
TG  N2    H9     sing N N 349 
TG  "O2'" H11    sing N N 350 
TG  P     O3P    sing N N 351 
TG  O3P   H10    sing N N 352 
U   OP3   P      sing N N 353 
U   OP3   HOP3   sing N N 354 
U   P     OP1    doub N N 355 
U   P     OP2    sing N N 356 
U   P     "O5'"  sing N N 357 
U   OP2   HOP2   sing N N 358 
U   "O5'" "C5'"  sing N N 359 
U   "C5'" "C4'"  sing N N 360 
U   "C5'" "H5'"  sing N N 361 
U   "C5'" "H5''" sing N N 362 
U   "C4'" "O4'"  sing N N 363 
U   "C4'" "C3'"  sing N N 364 
U   "C4'" "H4'"  sing N N 365 
U   "O4'" "C1'"  sing N N 366 
U   "C3'" "O3'"  sing N N 367 
U   "C3'" "C2'"  sing N N 368 
U   "C3'" "H3'"  sing N N 369 
U   "O3'" "HO3'" sing N N 370 
U   "C2'" "O2'"  sing N N 371 
U   "C2'" "C1'"  sing N N 372 
U   "C2'" "H2'"  sing N N 373 
U   "O2'" "HO2'" sing N N 374 
U   "C1'" N1     sing N N 375 
U   "C1'" "H1'"  sing N N 376 
U   N1    C2     sing N N 377 
U   N1    C6     sing N N 378 
U   C2    O2     doub N N 379 
U   C2    N3     sing N N 380 
U   N3    C4     sing N N 381 
U   N3    H3     sing N N 382 
U   C4    O4     doub N N 383 
U   C4    C5     sing N N 384 
U   C5    C6     doub N N 385 
U   C5    H5     sing N N 386 
U   C6    H6     sing N N 387 
# 
_ndb_struct_conf_na.entry_id   7LNG 
_ndb_struct_conf_na.feature    'a-form double helix' 
# 
loop_
_ndb_struct_na_base_pair.model_number 
_ndb_struct_na_base_pair.i_label_asym_id 
_ndb_struct_na_base_pair.i_label_comp_id 
_ndb_struct_na_base_pair.i_label_seq_id 
_ndb_struct_na_base_pair.i_symmetry 
_ndb_struct_na_base_pair.j_label_asym_id 
_ndb_struct_na_base_pair.j_label_comp_id 
_ndb_struct_na_base_pair.j_label_seq_id 
_ndb_struct_na_base_pair.j_symmetry 
_ndb_struct_na_base_pair.shear 
_ndb_struct_na_base_pair.stretch 
_ndb_struct_na_base_pair.stagger 
_ndb_struct_na_base_pair.buckle 
_ndb_struct_na_base_pair.propeller 
_ndb_struct_na_base_pair.opening 
_ndb_struct_na_base_pair.pair_number 
_ndb_struct_na_base_pair.pair_name 
_ndb_struct_na_base_pair.i_auth_asym_id 
_ndb_struct_na_base_pair.i_auth_seq_id 
_ndb_struct_na_base_pair.i_PDB_ins_code 
_ndb_struct_na_base_pair.j_auth_asym_id 
_ndb_struct_na_base_pair.j_auth_seq_id 
_ndb_struct_na_base_pair.j_PDB_ins_code 
_ndb_struct_na_base_pair.hbond_type_28 
_ndb_struct_na_base_pair.hbond_type_12 
1 A A 5  1_555 B U 12 1_555 0.054  -0.264 -0.201 2.576   -14.048 -5.335  1 A_A5:U12_B A 5  ? B 12 ? 20 1 
1 A C 6  1_555 B G 11 1_555 0.355  -0.022 0.010  10.975  -15.027 2.668   2 A_C6:G11_B A 6  ? B 11 ? 19 1 
1 A U 7  1_555 B A 10 1_555 0.178  -0.032 -0.119 11.204  -13.618 1.994   3 A_U7:A10_B A 7  ? B 10 ? 20 1 
1 A U 8  1_555 B A 9  1_555 -0.049 -0.233 -0.090 -0.838  -17.192 3.524   4 A_U8:A9_B  A 8  ? B 9  ? 20 1 
1 A A 9  1_555 B U 8  1_555 -0.401 -0.300 0.254  -5.318  -10.358 4.412   5 A_A9:U8_B  A 9  ? B 8  ? 20 1 
1 A A 10 1_555 B U 7  1_555 0.369  -0.274 -0.261 -2.092  -25.630 -1.819  6 A_A10:U7_B A 10 ? B 7  ? 20 1 
1 A G 11 1_555 B C 6  1_555 -0.515 -0.116 -0.033 -10.718 -12.308 -4.958  7 A_G11:C6_B A 11 ? B 6  ? 19 1 
1 A U 12 1_555 B A 5  1_555 -0.001 -0.041 0.412  -8.022  -9.803  -10.142 8 A_U12:A5_B A 12 ? B 5  ? 20 1 
# 
loop_
_ndb_struct_na_base_pair_step.model_number 
_ndb_struct_na_base_pair_step.i_label_asym_id_1 
_ndb_struct_na_base_pair_step.i_label_comp_id_1 
_ndb_struct_na_base_pair_step.i_label_seq_id_1 
_ndb_struct_na_base_pair_step.i_symmetry_1 
_ndb_struct_na_base_pair_step.j_label_asym_id_1 
_ndb_struct_na_base_pair_step.j_label_comp_id_1 
_ndb_struct_na_base_pair_step.j_label_seq_id_1 
_ndb_struct_na_base_pair_step.j_symmetry_1 
_ndb_struct_na_base_pair_step.i_label_asym_id_2 
_ndb_struct_na_base_pair_step.i_label_comp_id_2 
_ndb_struct_na_base_pair_step.i_label_seq_id_2 
_ndb_struct_na_base_pair_step.i_symmetry_2 
_ndb_struct_na_base_pair_step.j_label_asym_id_2 
_ndb_struct_na_base_pair_step.j_label_comp_id_2 
_ndb_struct_na_base_pair_step.j_label_seq_id_2 
_ndb_struct_na_base_pair_step.j_symmetry_2 
_ndb_struct_na_base_pair_step.shift 
_ndb_struct_na_base_pair_step.slide 
_ndb_struct_na_base_pair_step.rise 
_ndb_struct_na_base_pair_step.tilt 
_ndb_struct_na_base_pair_step.roll 
_ndb_struct_na_base_pair_step.twist 
_ndb_struct_na_base_pair_step.x_displacement 
_ndb_struct_na_base_pair_step.y_displacement 
_ndb_struct_na_base_pair_step.helical_rise 
_ndb_struct_na_base_pair_step.inclination 
_ndb_struct_na_base_pair_step.tip 
_ndb_struct_na_base_pair_step.helical_twist 
_ndb_struct_na_base_pair_step.step_number 
_ndb_struct_na_base_pair_step.step_name 
_ndb_struct_na_base_pair_step.i_auth_asym_id_1 
_ndb_struct_na_base_pair_step.i_auth_seq_id_1 
_ndb_struct_na_base_pair_step.i_PDB_ins_code_1 
_ndb_struct_na_base_pair_step.j_auth_asym_id_1 
_ndb_struct_na_base_pair_step.j_auth_seq_id_1 
_ndb_struct_na_base_pair_step.j_PDB_ins_code_1 
_ndb_struct_na_base_pair_step.i_auth_asym_id_2 
_ndb_struct_na_base_pair_step.i_auth_seq_id_2 
_ndb_struct_na_base_pair_step.i_PDB_ins_code_2 
_ndb_struct_na_base_pair_step.j_auth_asym_id_2 
_ndb_struct_na_base_pair_step.j_auth_seq_id_2 
_ndb_struct_na_base_pair_step.j_PDB_ins_code_2 
1 A A 5  1_555 B U 12 1_555 A C 6  1_555 B G 11 1_555 0.538  -1.625 3.180 -3.445 2.538  31.080 -3.456 -1.606 2.966 4.708  6.391   
31.366 1 AA_A5C6:G11U12_BB A 5  ? B 12 ? A 6  ? B 11 ? 
1 A C 6  1_555 B G 11 1_555 A U 7  1_555 B A 10 1_555 -0.376 -1.565 3.309 -1.309 1.806  32.115 -3.145 0.444  3.231 3.259  2.362   
32.190 2 AA_C6U7:A10G11_BB A 6  ? B 11 ? A 7  ? B 10 ? 
1 A U 7  1_555 B A 10 1_555 A U 8  1_555 B A 9  1_555 0.181  -1.523 3.407 1.552  12.642 33.135 -4.291 -0.078 2.672 21.216 -2.604  
35.434 3 AA_U7U8:A9A10_BB  A 7  ? B 10 ? A 8  ? B 9  ? 
1 A U 8  1_555 B A 9  1_555 A A 9  1_555 B U 8  1_555 -0.055 -1.438 3.190 -2.264 16.422 30.078 -4.695 -0.217 2.141 29.038 4.003   
34.251 4 AA_U8A9:U8A9_BB   A 8  ? B 9  ? A 9  ? B 8  ? 
1 A A 9  1_555 B U 8  1_555 A A 10 1_555 B U 7  1_555 0.134  -1.201 3.226 6.195  10.041 34.510 -3.237 0.596  2.764 16.345 -10.084 
36.413 5 AA_A9A10:U7U8_BB  A 9  ? B 8  ? A 10 ? B 7  ? 
1 A A 10 1_555 B U 7  1_555 A G 11 1_555 B C 6  1_555 0.358  -2.200 3.358 -1.289 11.751 26.032 -6.828 -0.985 2.161 24.540 2.691   
28.548 6 AA_A10G11:C6U7_BB A 10 ? B 7  ? A 11 ? B 6  ? 
1 A G 11 1_555 B C 6  1_555 A U 12 1_555 B A 5  1_555 0.021  -1.925 3.246 -0.445 1.325  32.641 -3.648 -0.112 3.167 2.356  0.791   
32.670 7 AA_G11U12:A5C6_BB A 11 ? B 6  ? A 12 ? B 5  ? 
# 
loop_
_pdbx_audit_support.funding_organization 
_pdbx_audit_support.country 
_pdbx_audit_support.grant_number 
_pdbx_audit_support.ordinal 
'National Science Foundation (NSF, United States)' 'United States' 1607034 1 
'Howard Hughes Medical Institute (HHMI)'           'United States' ?       2 
# 
loop_
_pdbx_entity_instance_feature.ordinal 
_pdbx_entity_instance_feature.comp_id 
_pdbx_entity_instance_feature.asym_id 
_pdbx_entity_instance_feature.seq_num 
_pdbx_entity_instance_feature.auth_comp_id 
_pdbx_entity_instance_feature.auth_asym_id 
_pdbx_entity_instance_feature.auth_seq_num 
_pdbx_entity_instance_feature.feature_type 
_pdbx_entity_instance_feature.details 
1 GP3 ? ? GP3 ? ? 'SUBJECT OF INVESTIGATION' ? 
2 TG  ? ? TG  ? ? 'SUBJECT OF INVESTIGATION' ? 
# 
loop_
_pdbx_entity_nonpoly.entity_id 
_pdbx_entity_nonpoly.name 
_pdbx_entity_nonpoly.comp_id 
2 '[(1R,3R,4R,7S)-7-HYDROXY-3-(5-METHYLCYTOSIN-1-YL)-2,5-DIOXABICYCLO[2.2.1]HEPT-1-YL]METHYL DIHYDROGEN PHOSPHATE'                 
LCC 
3 '[(1R,3R,4R,7S)-7-HYDROXY-3-(GUANIN-9-YL)-2,5-DIOXABICYCLO[2.2.1]HEPT-1-YL]METHYL DIHYDROGEN PHOSPHATE'                          
LCG 
4 '2-azanyl-9-[(2~{R},3~{R},4~{S})-3-oxidanyl-4-[oxidanyl-bis(oxidanylidene)-$l^{6}-phosphanyl]oxy-oxolan-2-yl]-1~{H}-purin-6-one' 
TG  
5 '4-AMINO-1-[(1S,3R,4R,7S)-7-HYDROXY-1-(HYDROXYMETHYL)-2,5-DIOXABICYCLO[2.2.1]HEPT-3-YL]-5-METHYLPYRIMIDIN-2(1H)-ONE'             
LKC 
6 "DIGUANOSINE-5'-TRIPHOSPHATE"                                                                                                    
GP3 
# 
_pdbx_initial_refinement_model.id               1 
_pdbx_initial_refinement_model.entity_id_list   ? 
_pdbx_initial_refinement_model.type             'experimental model' 
_pdbx_initial_refinement_model.source_name      PDB 
_pdbx_initial_refinement_model.accession_code   5UEE 
_pdbx_initial_refinement_model.details          ? 
# 
loop_
_pdbx_reflns_twin.domain_id 
_pdbx_reflns_twin.operator 
_pdbx_reflns_twin.fraction 
_pdbx_reflns_twin.type 
_pdbx_reflns_twin.crystal_id 
_pdbx_reflns_twin.diffrn_id 
1 'H,  K,  L'  0.5652 pseudo-merohedral 1 1 
2 '-K, -H, -L' 0.4348 pseudo-merohedral 2 2 
# 
